data_8SRW
#
_entry.id   8SRW
#
_cell.length_a   65.927
_cell.length_b   119.714
_cell.length_c   84.657
_cell.angle_alpha   90.00
_cell.angle_beta   98.71
_cell.angle_gamma   90.00
#
_symmetry.space_group_name_H-M   'P 1 21 1'
#
loop_
_entity.id
_entity.type
_entity.pdbx_description
1 polymer 'Cysteine synthase'
2 polymer TYR-MET-NAL-TYR-ILE
3 water water
#
loop_
_entity_poly.entity_id
_entity_poly.type
_entity_poly.pdbx_seq_one_letter_code
_entity_poly.pdbx_strand_id
1 'polypeptide(L)'
;MGHHHHHHMAQKPVDNITQIIGGTPVVKLRNVVDDNAADVYVKLEYQNPGGSV(LLP)DRIALAMIEKAEREGKIKPGDT
IVEPTSGNTGIGLAFVCAAKGYKAVFTMPETMSQERRNLLKAYGAELVLTPGSEAMKGAIKKAKELKEEHGYFEPQQFEN
PANPEVHELTTGPELLQQFEGKTIDAFLAGVGTGGTLSGVGKVLKKEYPNIEIVAIEPEASPVLSGGEPGPHKLQGLGAG
FIPGTLNTEIYDSIIKVGNDTAMEMSRRVAKEEGILAGISSGAAIYAAIQKAKELGKGKTVVTVLPSNGERYLSTPLYSF
DD
;
A,D,B,C
2 'polypeptide(L)' YM(NAL)YI E,F,G,H
#
# COMPACT_ATOMS: atom_id res chain seq x y z
N MET A 9 -10.66 -11.61 -0.50
CA MET A 9 -11.26 -12.89 -0.85
C MET A 9 -12.56 -12.68 -1.60
N ALA A 10 -12.63 -13.22 -2.82
CA ALA A 10 -13.83 -13.13 -3.62
C ALA A 10 -14.80 -14.25 -3.26
N GLN A 11 -16.09 -13.94 -3.44
CA GLN A 11 -17.13 -14.94 -3.21
C GLN A 11 -17.04 -16.05 -4.23
N LYS A 12 -17.28 -17.28 -3.79
CA LYS A 12 -17.31 -18.41 -4.72
C LYS A 12 -18.46 -18.20 -5.72
N PRO A 13 -18.33 -18.76 -6.93
CA PRO A 13 -19.32 -18.48 -7.98
C PRO A 13 -20.73 -18.87 -7.56
N VAL A 14 -21.70 -18.10 -8.07
CA VAL A 14 -23.11 -18.28 -7.72
C VAL A 14 -23.90 -18.57 -9.00
N ASP A 15 -25.11 -19.09 -8.80
CA ASP A 15 -25.98 -19.45 -9.91
C ASP A 15 -26.84 -18.30 -10.38
N ASN A 16 -27.17 -17.36 -9.49
CA ASN A 16 -28.08 -16.27 -9.82
C ASN A 16 -27.53 -14.97 -9.26
N ILE A 17 -27.76 -13.87 -9.98
CA ILE A 17 -27.22 -12.57 -9.57
C ILE A 17 -27.78 -12.12 -8.23
N THR A 18 -28.98 -12.57 -7.88
CA THR A 18 -29.57 -12.18 -6.59
C THR A 18 -28.85 -12.81 -5.40
N GLN A 19 -28.04 -13.85 -5.63
CA GLN A 19 -27.32 -14.50 -4.54
C GLN A 19 -26.20 -13.65 -3.97
N ILE A 20 -25.88 -12.52 -4.58
CA ILE A 20 -24.86 -11.62 -4.07
C ILE A 20 -25.46 -10.31 -3.56
N ILE A 21 -26.76 -10.31 -3.26
CA ILE A 21 -27.38 -9.17 -2.60
C ILE A 21 -27.04 -9.21 -1.12
N GLY A 22 -26.63 -8.07 -0.58
CA GLY A 22 -26.26 -7.99 0.81
C GLY A 22 -24.76 -8.09 1.03
N GLY A 23 -24.40 -8.16 2.31
CA GLY A 23 -23.00 -8.20 2.70
C GLY A 23 -22.24 -6.99 2.23
N THR A 24 -22.76 -5.80 2.55
CA THR A 24 -22.20 -4.57 2.00
C THR A 24 -21.12 -4.01 2.91
N PRO A 25 -20.12 -3.35 2.32
CA PRO A 25 -18.98 -2.86 3.11
C PRO A 25 -19.30 -1.59 3.89
N VAL A 26 -18.45 -1.34 4.89
CA VAL A 26 -18.54 -0.18 5.76
C VAL A 26 -17.22 0.58 5.68
N VAL A 27 -17.30 1.90 5.60
CA VAL A 27 -16.12 2.75 5.45
C VAL A 27 -16.15 3.82 6.55
N LYS A 28 -15.00 4.03 7.19
CA LYS A 28 -14.86 5.10 8.17
C LYS A 28 -14.53 6.42 7.46
N LEU A 29 -15.18 7.49 7.90
CA LEU A 29 -14.95 8.80 7.31
C LEU A 29 -13.72 9.45 7.94
N ARG A 30 -12.93 10.13 7.11
CA ARG A 30 -11.63 10.64 7.54
C ARG A 30 -11.51 12.15 7.50
N ASN A 31 -12.20 12.83 6.59
CA ASN A 31 -11.94 14.24 6.34
C ASN A 31 -13.14 15.15 6.57
N VAL A 32 -14.37 14.68 6.34
CA VAL A 32 -15.53 15.55 6.50
C VAL A 32 -15.95 15.70 7.95
N VAL A 33 -15.39 14.91 8.85
CA VAL A 33 -15.74 14.95 10.27
C VAL A 33 -14.46 15.19 11.07
N ASP A 34 -14.56 16.07 12.07
CA ASP A 34 -13.40 16.49 12.84
C ASP A 34 -12.82 15.33 13.65
N ASP A 35 -11.54 15.49 14.03
CA ASP A 35 -10.87 14.49 14.85
C ASP A 35 -11.37 14.48 16.29
N ASN A 36 -11.97 15.58 16.76
CA ASN A 36 -12.52 15.65 18.10
C ASN A 36 -13.99 15.27 18.16
N ALA A 37 -14.56 14.83 17.04
CA ALA A 37 -15.89 14.26 17.01
C ALA A 37 -15.79 12.73 17.07
N ALA A 38 -16.96 12.09 17.19
CA ALA A 38 -17.00 10.64 17.21
C ALA A 38 -16.65 10.07 15.84
N ASP A 39 -16.21 8.81 15.83
CA ASP A 39 -16.00 8.12 14.58
C ASP A 39 -17.31 7.93 13.84
N VAL A 40 -17.28 8.10 12.52
CA VAL A 40 -18.48 7.99 11.68
C VAL A 40 -18.22 6.91 10.65
N TYR A 41 -19.06 5.88 10.65
CA TYR A 41 -18.97 4.77 9.72
C TYR A 41 -20.21 4.76 8.83
N VAL A 42 -20.00 4.53 7.54
CA VAL A 42 -21.08 4.53 6.56
C VAL A 42 -21.11 3.17 5.86
N LYS A 43 -22.31 2.60 5.74
CA LYS A 43 -22.52 1.31 5.08
C LYS A 43 -22.96 1.59 3.65
N LEU A 44 -22.19 1.10 2.68
CA LEU A 44 -22.41 1.41 1.27
C LEU A 44 -23.41 0.41 0.69
N GLU A 45 -24.69 0.75 0.78
CA GLU A 45 -25.72 -0.13 0.24
C GLU A 45 -25.81 -0.09 -1.27
N TYR A 46 -25.12 0.85 -1.92
CA TYR A 46 -25.07 0.84 -3.38
C TYR A 46 -24.13 -0.23 -3.91
N GLN A 47 -23.39 -0.90 -3.04
CA GLN A 47 -22.58 -2.04 -3.47
C GLN A 47 -23.42 -3.27 -3.78
N ASN A 48 -24.71 -3.25 -3.46
CA ASN A 48 -25.61 -4.29 -3.91
C ASN A 48 -25.62 -4.32 -5.45
N PRO A 49 -25.79 -5.50 -6.05
CA PRO A 49 -25.63 -5.59 -7.52
C PRO A 49 -26.57 -4.70 -8.31
N GLY A 50 -27.77 -4.42 -7.79
CA GLY A 50 -28.66 -3.53 -8.48
C GLY A 50 -28.41 -2.06 -8.23
N GLY A 51 -27.55 -1.73 -7.28
CA GLY A 51 -27.10 -0.37 -7.08
C GLY A 51 -27.75 0.40 -5.95
N SER A 52 -28.56 -0.25 -5.11
CA SER A 52 -29.23 0.47 -4.05
C SER A 52 -29.65 -0.51 -2.96
N VAL A 53 -30.04 0.05 -1.82
CA VAL A 53 -30.53 -0.73 -0.68
C VAL A 53 -31.81 -1.49 -1.03
N1 LLP A 54 -32.58 6.75 0.24
C2 LLP A 54 -32.85 6.19 -0.94
C2' LLP A 54 -32.06 6.66 -2.21
C3 LLP A 54 -33.83 5.18 -1.04
O3 LLP A 54 -34.11 4.60 -2.28
C4 LLP A 54 -34.52 4.77 0.09
C4' LLP A 54 -35.65 3.62 -0.04
C5 LLP A 54 -34.24 5.35 1.30
C6 LLP A 54 -33.27 6.34 1.39
C5' LLP A 54 -34.99 4.94 2.61
OP4 LLP A 54 -34.79 3.57 2.93
P LLP A 54 -35.94 2.89 3.69
OP1 LLP A 54 -37.13 2.71 2.73
OP2 LLP A 54 -36.35 3.75 4.83
OP3 LLP A 54 -35.51 1.57 4.21
N LLP A 54 -32.53 -1.02 -2.06
CA LLP A 54 -33.80 -1.62 -2.45
CB LLP A 54 -34.50 -0.74 -3.47
CG LLP A 54 -34.84 0.59 -2.82
CD LLP A 54 -35.72 0.35 -1.58
CE LLP A 54 -36.37 1.68 -1.15
NZ LLP A 54 -35.36 2.75 -1.14
C LLP A 54 -33.64 -3.00 -3.00
O LLP A 54 -34.62 -3.72 -3.12
N ASP A 55 -32.41 -3.37 -3.35
CA ASP A 55 -32.09 -4.73 -3.76
C ASP A 55 -32.57 -5.74 -2.72
N ARG A 56 -32.34 -5.38 -1.45
CA ARG A 56 -32.68 -6.27 -0.34
C ARG A 56 -34.18 -6.51 -0.26
N ILE A 57 -34.97 -5.43 -0.25
CA ILE A 57 -36.40 -5.59 -0.05
C ILE A 57 -37.08 -6.11 -1.31
N ALA A 58 -36.51 -5.83 -2.48
CA ALA A 58 -37.08 -6.37 -3.72
C ALA A 58 -36.98 -7.90 -3.72
N LEU A 59 -35.81 -8.44 -3.37
CA LEU A 59 -35.66 -9.88 -3.27
C LEU A 59 -36.49 -10.45 -2.13
N ALA A 60 -36.54 -9.75 -0.99
CA ALA A 60 -37.27 -10.26 0.16
C ALA A 60 -38.76 -10.34 -0.11
N MET A 61 -39.33 -9.30 -0.74
CA MET A 61 -40.76 -9.28 -0.98
C MET A 61 -41.17 -10.34 -2.00
N ILE A 62 -40.29 -10.65 -2.96
CA ILE A 62 -40.61 -11.68 -3.94
C ILE A 62 -40.50 -13.07 -3.32
N GLU A 63 -39.43 -13.29 -2.54
CA GLU A 63 -39.24 -14.59 -1.90
C GLU A 63 -40.37 -14.88 -0.91
N LYS A 64 -40.84 -13.85 -0.20
CA LYS A 64 -41.95 -14.03 0.74
C LYS A 64 -43.20 -14.48 0.01
N ALA A 65 -43.56 -13.80 -1.09
CA ALA A 65 -44.73 -14.20 -1.86
C ALA A 65 -44.53 -15.58 -2.50
N GLU A 66 -43.28 -15.97 -2.75
CA GLU A 66 -43.03 -17.31 -3.28
C GLU A 66 -43.28 -18.39 -2.23
N ARG A 67 -42.75 -18.18 -1.01
CA ARG A 67 -42.94 -19.15 0.06
C ARG A 67 -44.39 -19.28 0.48
N GLU A 68 -45.22 -18.29 0.17
CA GLU A 68 -46.63 -18.30 0.55
C GLU A 68 -47.54 -18.79 -0.57
N GLY A 69 -46.99 -19.16 -1.72
CA GLY A 69 -47.83 -19.58 -2.83
C GLY A 69 -48.61 -18.48 -3.49
N LYS A 70 -48.27 -17.21 -3.22
CA LYS A 70 -49.00 -16.12 -3.85
C LYS A 70 -48.56 -15.90 -5.29
N ILE A 71 -47.27 -16.12 -5.59
CA ILE A 71 -46.74 -15.94 -6.94
C ILE A 71 -45.82 -17.11 -7.27
N LYS A 72 -45.59 -17.30 -8.57
CA LYS A 72 -44.65 -18.28 -9.08
C LYS A 72 -44.02 -17.70 -10.33
N PRO A 73 -42.80 -18.13 -10.68
CA PRO A 73 -42.13 -17.57 -11.86
C PRO A 73 -43.03 -17.60 -13.09
N GLY A 74 -43.01 -16.50 -13.84
CA GLY A 74 -43.93 -16.28 -14.93
C GLY A 74 -45.07 -15.33 -14.60
N ASP A 75 -45.32 -15.11 -13.31
CA ASP A 75 -46.34 -14.17 -12.87
C ASP A 75 -45.87 -12.74 -13.08
N THR A 76 -46.82 -11.81 -12.95
CA THR A 76 -46.58 -10.39 -13.15
C THR A 76 -46.78 -9.64 -11.84
N ILE A 77 -45.80 -8.82 -11.49
CA ILE A 77 -45.88 -7.95 -10.31
C ILE A 77 -46.11 -6.53 -10.79
N VAL A 78 -46.80 -5.75 -9.97
CA VAL A 78 -47.05 -4.34 -10.25
C VAL A 78 -46.75 -3.54 -9.00
N GLU A 79 -46.16 -2.35 -9.17
CA GLU A 79 -45.83 -1.51 -8.03
C GLU A 79 -45.81 -0.05 -8.44
N PRO A 80 -46.47 0.83 -7.68
CA PRO A 80 -46.36 2.27 -7.91
C PRO A 80 -45.09 2.82 -7.28
N THR A 81 -44.13 3.18 -8.13
CA THR A 81 -42.81 3.56 -7.63
C THR A 81 -42.16 4.55 -8.58
N SER A 82 -41.49 5.54 -8.00
CA SER A 82 -40.72 6.52 -8.77
C SER A 82 -39.28 6.57 -8.30
N GLY A 83 -38.79 5.51 -7.66
CA GLY A 83 -37.44 5.52 -7.11
C GLY A 83 -36.71 4.20 -7.25
N ASN A 84 -35.88 3.89 -6.25
CA ASN A 84 -35.00 2.72 -6.35
C ASN A 84 -35.74 1.41 -6.17
N THR A 85 -36.95 1.44 -5.59
CA THR A 85 -37.73 0.20 -5.46
C THR A 85 -38.09 -0.35 -6.83
N GLY A 86 -38.47 0.52 -7.77
CA GLY A 86 -38.73 0.08 -9.12
C GLY A 86 -37.51 -0.52 -9.79
N ILE A 87 -36.35 0.11 -9.59
CA ILE A 87 -35.10 -0.44 -10.11
C ILE A 87 -34.82 -1.79 -9.46
N GLY A 88 -34.93 -1.87 -8.13
CA GLY A 88 -34.67 -3.12 -7.45
C GLY A 88 -35.64 -4.22 -7.86
N LEU A 89 -36.92 -3.88 -8.02
CA LEU A 89 -37.89 -4.88 -8.42
C LEU A 89 -37.69 -5.31 -9.87
N ALA A 90 -37.46 -4.35 -10.77
CA ALA A 90 -37.17 -4.71 -12.16
C ALA A 90 -35.92 -5.59 -12.24
N PHE A 91 -34.90 -5.28 -11.43
CA PHE A 91 -33.70 -6.10 -11.36
C PHE A 91 -34.03 -7.51 -10.88
N VAL A 92 -34.69 -7.62 -9.73
CA VAL A 92 -34.95 -8.93 -9.14
C VAL A 92 -35.90 -9.74 -10.01
N CYS A 93 -36.92 -9.09 -10.58
CA CYS A 93 -37.88 -9.80 -11.42
C CYS A 93 -37.22 -10.37 -12.67
N ALA A 94 -36.24 -9.66 -13.23
CA ALA A 94 -35.51 -10.19 -14.37
C ALA A 94 -34.66 -11.38 -13.97
N ALA A 95 -34.08 -11.35 -12.77
CA ALA A 95 -33.18 -12.40 -12.33
C ALA A 95 -33.92 -13.66 -11.92
N LYS A 96 -35.19 -13.56 -11.56
CA LYS A 96 -35.92 -14.70 -11.02
C LYS A 96 -37.08 -15.14 -11.90
N GLY A 97 -37.29 -14.51 -13.06
CA GLY A 97 -38.26 -14.99 -14.01
C GLY A 97 -39.66 -14.46 -13.82
N TYR A 98 -39.78 -13.16 -13.54
CA TYR A 98 -41.07 -12.52 -13.35
C TYR A 98 -41.22 -11.36 -14.32
N LYS A 99 -42.46 -11.07 -14.69
CA LYS A 99 -42.79 -9.86 -15.43
C LYS A 99 -43.04 -8.72 -14.45
N ALA A 100 -42.58 -7.53 -14.81
CA ALA A 100 -42.65 -6.37 -13.93
C ALA A 100 -43.40 -5.24 -14.63
N VAL A 101 -44.39 -4.69 -13.94
CA VAL A 101 -45.12 -3.51 -14.39
C VAL A 101 -44.98 -2.44 -13.31
N PHE A 102 -44.60 -1.23 -13.71
CA PHE A 102 -44.43 -0.13 -12.78
C PHE A 102 -45.26 1.06 -13.24
N THR A 103 -45.91 1.72 -12.28
CA THR A 103 -46.67 2.92 -12.53
C THR A 103 -45.94 4.11 -11.89
N MET A 104 -45.91 5.23 -12.60
CA MET A 104 -45.22 6.42 -12.13
C MET A 104 -45.71 7.61 -12.94
N PRO A 105 -45.60 8.81 -12.40
CA PRO A 105 -45.99 10.00 -13.17
C PRO A 105 -45.17 10.12 -14.45
N GLU A 106 -45.80 10.69 -15.48
CA GLU A 106 -45.12 10.91 -16.76
C GLU A 106 -43.96 11.88 -16.64
N THR A 107 -43.75 12.48 -15.47
CA THR A 107 -42.68 13.44 -15.26
C THR A 107 -41.31 12.79 -15.10
N MET A 108 -41.26 11.47 -15.02
CA MET A 108 -39.98 10.79 -14.79
C MET A 108 -39.04 10.97 -15.99
N SER A 109 -37.74 10.95 -15.69
CA SER A 109 -36.74 11.16 -16.72
C SER A 109 -36.71 9.99 -17.70
N GLN A 110 -36.20 10.27 -18.89
CA GLN A 110 -36.04 9.20 -19.89
C GLN A 110 -34.91 8.25 -19.51
N GLU A 111 -33.92 8.74 -18.77
CA GLU A 111 -32.85 7.87 -18.27
C GLU A 111 -33.40 6.83 -17.31
N ARG A 112 -34.22 7.27 -16.35
CA ARG A 112 -34.86 6.33 -15.42
C ARG A 112 -35.76 5.35 -16.16
N ARG A 113 -36.48 5.83 -17.18
CA ARG A 113 -37.33 4.95 -17.98
C ARG A 113 -36.51 3.86 -18.68
N ASN A 114 -35.38 4.26 -19.28
CA ASN A 114 -34.54 3.29 -20.00
C ASN A 114 -33.94 2.27 -19.04
N LEU A 115 -33.59 2.70 -17.83
CA LEU A 115 -33.06 1.78 -16.83
C LEU A 115 -34.07 0.68 -16.52
N LEU A 116 -35.32 1.07 -16.24
CA LEU A 116 -36.35 0.09 -15.94
C LEU A 116 -36.65 -0.78 -17.16
N LYS A 117 -36.66 -0.18 -18.34
CA LYS A 117 -36.94 -0.93 -19.55
C LYS A 117 -35.80 -1.85 -19.93
N ALA A 118 -34.57 -1.50 -19.56
CA ALA A 118 -33.43 -2.37 -19.88
C ALA A 118 -33.53 -3.71 -19.17
N TYR A 119 -34.15 -3.74 -17.99
CA TYR A 119 -34.38 -4.99 -17.27
C TYR A 119 -35.57 -5.77 -17.81
N GLY A 120 -36.28 -5.24 -18.80
CA GLY A 120 -37.43 -5.91 -19.37
C GLY A 120 -38.76 -5.54 -18.74
N ALA A 121 -38.81 -4.50 -17.93
CA ALA A 121 -40.05 -4.13 -17.28
C ALA A 121 -40.90 -3.26 -18.20
N GLU A 122 -42.20 -3.24 -17.92
CA GLU A 122 -43.17 -2.41 -18.62
C GLU A 122 -43.51 -1.21 -17.78
N LEU A 123 -43.61 -0.04 -18.41
CA LEU A 123 -43.87 1.22 -17.73
C LEU A 123 -45.29 1.70 -18.06
N VAL A 124 -45.98 2.18 -17.03
CA VAL A 124 -47.33 2.71 -17.15
C VAL A 124 -47.30 4.11 -16.57
N LEU A 125 -47.33 5.12 -17.42
CA LEU A 125 -47.20 6.50 -16.99
C LEU A 125 -48.55 7.09 -16.64
N THR A 126 -48.61 7.80 -15.52
CA THR A 126 -49.81 8.46 -15.04
C THR A 126 -49.67 9.96 -15.18
N PRO A 127 -50.78 10.70 -15.13
CA PRO A 127 -50.70 12.17 -15.24
C PRO A 127 -49.74 12.76 -14.21
N GLY A 128 -48.83 13.62 -14.70
CA GLY A 128 -47.89 14.26 -13.79
C GLY A 128 -48.57 15.13 -12.75
N SER A 129 -49.70 15.74 -13.12
CA SER A 129 -50.44 16.56 -12.17
C SER A 129 -50.96 15.75 -10.99
N GLU A 130 -51.07 14.43 -11.13
CA GLU A 130 -51.59 13.58 -10.07
C GLU A 130 -50.48 13.01 -9.19
N ALA A 131 -49.21 13.31 -9.49
CA ALA A 131 -48.07 12.88 -8.69
C ALA A 131 -48.12 11.38 -8.42
N MET A 132 -47.85 10.95 -7.18
CA MET A 132 -47.92 9.52 -6.87
C MET A 132 -49.32 9.07 -6.53
N LYS A 133 -50.24 10.00 -6.25
CA LYS A 133 -51.63 9.64 -6.08
C LYS A 133 -52.19 9.00 -7.34
N GLY A 134 -51.79 9.51 -8.52
CA GLY A 134 -52.23 8.91 -9.76
C GLY A 134 -51.58 7.57 -10.03
N ALA A 135 -50.29 7.45 -9.71
CA ALA A 135 -49.60 6.18 -9.90
C ALA A 135 -50.14 5.10 -8.97
N ILE A 136 -50.47 5.47 -7.73
CA ILE A 136 -51.06 4.53 -6.80
C ILE A 136 -52.41 4.03 -7.33
N LYS A 137 -53.22 4.97 -7.84
CA LYS A 137 -54.53 4.60 -8.38
C LYS A 137 -54.39 3.59 -9.52
N LYS A 138 -53.52 3.90 -10.49
CA LYS A 138 -53.38 3.02 -11.65
C LYS A 138 -52.82 1.66 -11.25
N ALA A 139 -51.92 1.64 -10.26
CA ALA A 139 -51.38 0.36 -9.79
C ALA A 139 -52.47 -0.53 -9.21
N LYS A 140 -53.36 0.06 -8.39
CA LYS A 140 -54.46 -0.72 -7.84
C LYS A 140 -55.40 -1.21 -8.93
N GLU A 141 -55.66 -0.36 -9.93
CA GLU A 141 -56.53 -0.74 -11.03
C GLU A 141 -55.94 -1.91 -11.82
N LEU A 142 -54.65 -1.82 -12.16
CA LEU A 142 -53.99 -2.92 -12.86
C LEU A 142 -53.99 -4.18 -12.00
N LYS A 143 -53.81 -4.03 -10.68
CA LYS A 143 -53.85 -5.17 -9.78
C LYS A 143 -55.20 -5.87 -9.84
N GLU A 144 -56.29 -5.11 -9.75
CA GLU A 144 -57.62 -5.70 -9.69
C GLU A 144 -58.04 -6.26 -11.05
N GLU A 145 -57.86 -5.47 -12.11
CA GLU A 145 -58.41 -5.85 -13.42
C GLU A 145 -57.59 -6.92 -14.13
N HIS A 146 -56.31 -7.06 -13.80
CA HIS A 146 -55.45 -8.00 -14.53
C HIS A 146 -54.75 -9.00 -13.62
N GLY A 147 -54.90 -8.89 -12.30
CA GLY A 147 -54.40 -9.92 -11.40
C GLY A 147 -52.93 -9.88 -11.08
N TYR A 148 -52.28 -8.73 -11.25
CA TYR A 148 -50.87 -8.61 -10.91
C TYR A 148 -50.69 -8.60 -9.40
N PHE A 149 -49.56 -9.13 -8.94
CA PHE A 149 -49.22 -9.08 -7.53
C PHE A 149 -48.60 -7.72 -7.20
N GLU A 150 -49.09 -7.10 -6.13
CA GLU A 150 -48.56 -5.80 -5.74
C GLU A 150 -47.77 -5.96 -4.45
N PRO A 151 -46.44 -5.82 -4.48
CA PRO A 151 -45.66 -6.05 -3.25
C PRO A 151 -45.99 -5.07 -2.13
N GLN A 152 -46.31 -3.81 -2.46
CA GLN A 152 -46.65 -2.79 -1.48
C GLN A 152 -45.49 -2.54 -0.52
N GLN A 153 -44.51 -1.74 -0.97
CA GLN A 153 -43.28 -1.54 -0.22
C GLN A 153 -43.50 -0.79 1.09
N PHE A 154 -44.62 -0.08 1.24
CA PHE A 154 -44.88 0.66 2.45
C PHE A 154 -45.68 -0.13 3.49
N GLU A 155 -46.11 -1.34 3.15
CA GLU A 155 -46.85 -2.18 4.08
C GLU A 155 -46.27 -3.59 4.22
N ASN A 156 -45.40 -4.01 3.32
CA ASN A 156 -44.94 -5.39 3.30
C ASN A 156 -43.95 -5.64 4.43
N PRO A 157 -44.23 -6.55 5.36
CA PRO A 157 -43.30 -6.78 6.48
C PRO A 157 -41.98 -7.38 6.06
N ALA A 158 -41.88 -7.97 4.87
CA ALA A 158 -40.59 -8.45 4.38
C ALA A 158 -39.61 -7.30 4.18
N ASN A 159 -40.11 -6.07 4.02
CA ASN A 159 -39.23 -4.91 3.85
C ASN A 159 -38.39 -4.68 5.11
N PRO A 160 -38.98 -4.43 6.30
CA PRO A 160 -38.12 -4.27 7.48
C PRO A 160 -37.54 -5.58 7.99
N GLU A 161 -38.12 -6.72 7.62
CA GLU A 161 -37.63 -8.01 8.10
C GLU A 161 -36.28 -8.36 7.48
N VAL A 162 -36.11 -8.08 6.18
CA VAL A 162 -34.84 -8.39 5.54
C VAL A 162 -33.71 -7.57 6.14
N HIS A 163 -34.01 -6.35 6.61
CA HIS A 163 -32.99 -5.59 7.33
C HIS A 163 -32.75 -6.18 8.72
N GLU A 164 -33.80 -6.70 9.33
CA GLU A 164 -33.65 -7.39 10.61
C GLU A 164 -32.87 -8.69 10.47
N LEU A 165 -32.92 -9.31 9.29
CA LEU A 165 -32.25 -10.60 9.09
C LEU A 165 -30.87 -10.47 8.48
N THR A 166 -30.62 -9.42 7.68
CA THR A 166 -29.37 -9.29 6.95
C THR A 166 -28.63 -8.00 7.26
N THR A 167 -29.23 -6.83 6.99
CA THR A 167 -28.51 -5.57 7.16
C THR A 167 -28.05 -5.39 8.60
N GLY A 168 -28.94 -5.63 9.56
CA GLY A 168 -28.63 -5.51 10.96
C GLY A 168 -27.53 -6.45 11.42
N PRO A 169 -27.76 -7.77 11.26
CA PRO A 169 -26.71 -8.72 11.67
C PRO A 169 -25.37 -8.50 10.99
N GLU A 170 -25.37 -8.04 9.74
CA GLU A 170 -24.11 -7.65 9.09
C GLU A 170 -23.38 -6.60 9.92
N LEU A 171 -24.11 -5.58 10.36
CA LEU A 171 -23.49 -4.52 11.16
C LEU A 171 -23.04 -5.04 12.53
N LEU A 172 -23.83 -5.94 13.12
CA LEU A 172 -23.43 -6.55 14.39
C LEU A 172 -22.06 -7.21 14.28
N GLN A 173 -21.88 -8.03 13.26
CA GLN A 173 -20.61 -8.70 13.06
C GLN A 173 -19.54 -7.74 12.54
N GLN A 174 -19.93 -6.70 11.80
CA GLN A 174 -18.96 -5.72 11.34
C GLN A 174 -18.42 -4.87 12.49
N PHE A 175 -19.17 -4.76 13.58
CA PHE A 175 -18.76 -4.00 14.76
C PHE A 175 -18.66 -4.92 15.96
N GLU A 176 -18.18 -6.14 15.73
CA GLU A 176 -17.97 -7.10 16.81
C GLU A 176 -16.92 -6.57 17.78
N GLY A 177 -17.24 -6.61 19.07
CA GLY A 177 -16.34 -6.10 20.08
C GLY A 177 -16.24 -4.59 20.15
N LYS A 178 -16.98 -3.86 19.33
CA LYS A 178 -17.00 -2.41 19.33
C LYS A 178 -18.41 -1.92 19.63
N THR A 179 -18.51 -0.90 20.47
CA THR A 179 -19.80 -0.38 20.89
C THR A 179 -20.27 0.70 19.92
N ILE A 180 -21.42 0.47 19.30
CA ILE A 180 -22.07 1.48 18.47
C ILE A 180 -22.94 2.34 19.39
N ASP A 181 -22.64 3.64 19.44
CA ASP A 181 -23.34 4.54 20.34
C ASP A 181 -24.59 5.14 19.72
N ALA A 182 -24.66 5.24 18.40
CA ALA A 182 -25.83 5.77 17.72
C ALA A 182 -25.88 5.23 16.30
N PHE A 183 -27.07 4.81 15.87
CA PHE A 183 -27.33 4.48 14.48
C PHE A 183 -28.37 5.43 13.93
N LEU A 184 -28.10 5.98 12.74
CA LEU A 184 -28.97 6.95 12.11
C LEU A 184 -29.25 6.49 10.68
N ALA A 185 -30.49 6.68 10.23
CA ALA A 185 -30.88 6.27 8.89
C ALA A 185 -32.04 7.14 8.41
N GLY A 186 -31.96 7.56 7.16
CA GLY A 186 -33.09 8.23 6.55
C GLY A 186 -34.27 7.30 6.39
N VAL A 187 -35.47 7.86 6.47
CA VAL A 187 -36.70 7.08 6.46
C VAL A 187 -37.42 7.35 5.14
N GLY A 188 -37.47 6.34 4.28
CA GLY A 188 -38.31 6.37 3.11
C GLY A 188 -39.51 5.48 3.35
N THR A 189 -39.33 4.17 3.22
CA THR A 189 -40.33 3.23 3.72
C THR A 189 -40.20 3.00 5.21
N GLY A 190 -39.02 3.26 5.79
CA GLY A 190 -38.76 2.98 7.18
C GLY A 190 -38.22 1.60 7.45
N GLY A 191 -38.05 0.77 6.43
CA GLY A 191 -37.62 -0.61 6.66
C GLY A 191 -36.20 -0.70 7.18
N THR A 192 -35.29 0.14 6.67
CA THR A 192 -33.90 0.10 7.11
C THR A 192 -33.78 0.48 8.59
N LEU A 193 -34.36 1.62 8.96
CA LEU A 193 -34.27 2.07 10.35
C LEU A 193 -34.92 1.09 11.30
N SER A 194 -36.08 0.53 10.91
CA SER A 194 -36.80 -0.38 11.80
C SER A 194 -36.06 -1.70 11.96
N GLY A 195 -35.68 -2.32 10.85
CA GLY A 195 -35.02 -3.62 10.92
C GLY A 195 -33.65 -3.55 11.56
N VAL A 196 -32.83 -2.59 11.15
CA VAL A 196 -31.50 -2.45 11.75
C VAL A 196 -31.61 -1.97 13.18
N GLY A 197 -32.52 -1.03 13.45
CA GLY A 197 -32.64 -0.48 14.79
C GLY A 197 -33.05 -1.52 15.81
N LYS A 198 -33.99 -2.40 15.46
CA LYS A 198 -34.38 -3.47 16.36
C LYS A 198 -33.21 -4.38 16.69
N VAL A 199 -32.44 -4.76 15.66
CA VAL A 199 -31.33 -5.69 15.87
C VAL A 199 -30.23 -5.02 16.70
N LEU A 200 -29.98 -3.74 16.45
CA LEU A 200 -28.90 -3.05 17.17
C LEU A 200 -29.29 -2.77 18.62
N LYS A 201 -30.57 -2.47 18.87
CA LYS A 201 -30.99 -2.17 20.24
C LYS A 201 -30.85 -3.39 21.14
N LYS A 202 -31.07 -4.59 20.61
CA LYS A 202 -30.93 -5.80 21.41
C LYS A 202 -29.48 -6.02 21.84
N GLU A 203 -28.53 -5.72 20.95
CA GLU A 203 -27.12 -5.91 21.28
C GLU A 203 -26.56 -4.75 22.06
N TYR A 204 -26.88 -3.52 21.67
CA TYR A 204 -26.41 -2.31 22.34
C TYR A 204 -27.59 -1.61 23.00
N PRO A 205 -27.88 -1.92 24.27
CA PRO A 205 -29.08 -1.36 24.91
C PRO A 205 -29.00 0.14 25.15
N ASN A 206 -27.81 0.74 25.15
CA ASN A 206 -27.67 2.18 25.32
C ASN A 206 -27.60 2.93 24.01
N ILE A 207 -27.77 2.24 22.87
CA ILE A 207 -27.66 2.89 21.58
C ILE A 207 -28.80 3.87 21.38
N GLU A 208 -28.51 4.96 20.67
CA GLU A 208 -29.54 5.90 20.23
C GLU A 208 -29.87 5.62 18.77
N ILE A 209 -31.15 5.49 18.48
CA ILE A 209 -31.63 5.26 17.12
C ILE A 209 -32.26 6.57 16.64
N VAL A 210 -31.76 7.09 15.53
CA VAL A 210 -32.16 8.41 15.03
C VAL A 210 -32.79 8.24 13.65
N ALA A 211 -33.97 8.83 13.48
CA ALA A 211 -34.62 8.89 12.18
C ALA A 211 -34.27 10.21 11.51
N ILE A 212 -34.01 10.16 10.22
CA ILE A 212 -33.69 11.34 9.42
C ILE A 212 -34.82 11.54 8.41
N GLU A 213 -35.35 12.75 8.35
CA GLU A 213 -36.43 13.11 7.44
C GLU A 213 -36.20 14.54 6.96
N PRO A 214 -36.77 14.89 5.81
CA PRO A 214 -36.52 16.23 5.26
C PRO A 214 -37.16 17.32 6.12
N GLU A 215 -36.40 18.41 6.31
CA GLU A 215 -36.94 19.58 7.00
C GLU A 215 -38.14 20.15 6.27
N ALA A 216 -38.19 19.98 4.94
CA ALA A 216 -39.31 20.47 4.14
C ALA A 216 -40.54 19.57 4.22
N SER A 217 -40.42 18.38 4.80
CA SER A 217 -41.57 17.49 5.00
C SER A 217 -41.38 16.74 6.32
N PRO A 218 -41.48 17.44 7.45
CA PRO A 218 -41.19 16.83 8.76
C PRO A 218 -42.41 16.12 9.36
N VAL A 219 -42.82 15.03 8.73
CA VAL A 219 -44.05 14.36 9.15
C VAL A 219 -43.82 13.58 10.43
N LEU A 220 -42.71 12.84 10.52
CA LEU A 220 -42.40 12.14 11.76
C LEU A 220 -42.23 13.10 12.93
N SER A 221 -41.77 14.32 12.65
CA SER A 221 -41.65 15.32 13.71
C SER A 221 -43.00 15.90 14.12
N GLY A 222 -44.03 15.70 13.31
CA GLY A 222 -45.35 16.22 13.60
C GLY A 222 -45.82 17.33 12.67
N GLY A 223 -44.99 17.78 11.74
CA GLY A 223 -45.39 18.82 10.81
C GLY A 223 -46.24 18.29 9.67
N GLU A 224 -46.56 19.20 8.75
CA GLU A 224 -47.37 18.85 7.59
C GLU A 224 -46.48 18.41 6.44
N PRO A 225 -47.00 17.55 5.56
CA PRO A 225 -46.21 17.14 4.39
C PRO A 225 -45.93 18.32 3.47
N GLY A 226 -44.77 18.28 2.83
CA GLY A 226 -44.35 19.34 1.94
C GLY A 226 -43.42 18.84 0.86
N PRO A 227 -43.29 19.62 -0.22
CA PRO A 227 -42.37 19.24 -1.29
C PRO A 227 -40.92 19.37 -0.83
N HIS A 228 -40.10 18.40 -1.22
CA HIS A 228 -38.69 18.39 -0.86
C HIS A 228 -37.91 17.73 -1.99
N LYS A 229 -36.58 17.74 -1.85
CA LYS A 229 -35.70 17.20 -2.87
C LYS A 229 -34.86 16.04 -2.37
N LEU A 230 -35.12 15.53 -1.17
CA LEU A 230 -34.37 14.40 -0.62
C LEU A 230 -34.95 13.10 -1.20
N GLN A 231 -34.50 12.78 -2.41
CA GLN A 231 -34.97 11.58 -3.09
C GLN A 231 -34.71 10.35 -2.24
N GLY A 232 -35.76 9.54 -2.07
CA GLY A 232 -35.69 8.37 -1.24
C GLY A 232 -36.27 8.55 0.16
N LEU A 233 -36.50 9.79 0.59
CA LEU A 233 -37.04 10.08 1.91
C LEU A 233 -38.35 10.85 1.78
N GLY A 234 -38.93 11.21 2.93
CA GLY A 234 -40.09 12.08 2.98
C GLY A 234 -41.28 11.61 2.15
N ALA A 235 -41.81 10.44 2.49
CA ALA A 235 -42.98 9.91 1.77
C ALA A 235 -44.23 10.73 2.01
N GLY A 236 -44.25 11.56 3.07
CA GLY A 236 -45.40 12.36 3.37
C GLY A 236 -46.44 11.72 4.27
N PHE A 237 -46.14 10.55 4.83
CA PHE A 237 -47.06 9.87 5.73
C PHE A 237 -46.25 8.93 6.61
N ILE A 238 -46.97 8.18 7.45
CA ILE A 238 -46.36 7.18 8.32
C ILE A 238 -46.50 5.81 7.65
N PRO A 239 -45.43 5.28 7.06
CA PRO A 239 -45.55 3.98 6.38
C PRO A 239 -45.79 2.86 7.38
N GLY A 240 -46.59 1.87 6.95
CA GLY A 240 -46.82 0.69 7.74
C GLY A 240 -45.57 -0.09 8.07
N THR A 241 -44.54 0.03 7.23
CA THR A 241 -43.27 -0.64 7.45
C THR A 241 -42.37 0.10 8.43
N LEU A 242 -42.79 1.26 8.92
CA LEU A 242 -42.00 2.05 9.86
C LEU A 242 -42.46 1.76 11.28
N ASN A 243 -41.54 1.25 12.10
CA ASN A 243 -41.78 1.08 13.53
C ASN A 243 -41.56 2.43 14.20
N THR A 244 -42.65 3.14 14.48
CA THR A 244 -42.55 4.48 15.05
C THR A 244 -42.02 4.48 16.48
N GLU A 245 -41.88 3.32 17.11
CA GLU A 245 -41.34 3.22 18.46
C GLU A 245 -39.84 2.93 18.48
N ILE A 246 -39.21 2.80 17.31
CA ILE A 246 -37.82 2.34 17.27
C ILE A 246 -36.82 3.47 17.44
N TYR A 247 -37.16 4.70 17.05
CA TYR A 247 -36.20 5.80 17.07
C TYR A 247 -36.38 6.66 18.31
N ASP A 248 -35.26 7.01 18.94
CA ASP A 248 -35.26 7.85 20.12
C ASP A 248 -35.33 9.34 19.79
N SER A 249 -35.00 9.73 18.57
CA SER A 249 -34.99 11.14 18.19
C SER A 249 -35.06 11.23 16.67
N ILE A 250 -35.33 12.45 16.20
CA ILE A 250 -35.43 12.76 14.78
C ILE A 250 -34.49 13.92 14.48
N ILE A 251 -33.80 13.84 13.35
CA ILE A 251 -32.94 14.91 12.85
C ILE A 251 -33.43 15.32 11.48
N LYS A 252 -33.73 16.61 11.32
CA LYS A 252 -34.25 17.16 10.07
C LYS A 252 -33.11 17.74 9.24
N VAL A 253 -33.15 17.48 7.93
CA VAL A 253 -32.09 17.92 7.02
C VAL A 253 -32.74 18.70 5.88
N GLY A 254 -32.18 19.87 5.58
CA GLY A 254 -32.66 20.67 4.47
C GLY A 254 -32.17 20.16 3.12
N ASN A 255 -32.79 20.70 2.07
CA ASN A 255 -32.47 20.26 0.70
C ASN A 255 -31.01 20.55 0.37
N ASP A 256 -30.59 21.81 0.45
CA ASP A 256 -29.24 22.19 0.05
C ASP A 256 -28.19 21.57 0.96
N THR A 257 -28.52 21.36 2.24
CA THR A 257 -27.57 20.75 3.17
C THR A 257 -27.17 19.36 2.71
N ALA A 258 -28.15 18.54 2.31
CA ALA A 258 -27.85 17.18 1.86
C ALA A 258 -27.02 17.20 0.59
N MET A 259 -27.35 18.08 -0.36
CA MET A 259 -26.58 18.14 -1.59
C MET A 259 -25.13 18.53 -1.33
N GLU A 260 -24.90 19.56 -0.51
CA GLU A 260 -23.55 20.02 -0.24
C GLU A 260 -22.75 18.99 0.52
N MET A 261 -23.40 18.21 1.40
CA MET A 261 -22.70 17.14 2.09
C MET A 261 -22.28 16.04 1.13
N SER A 262 -23.15 15.69 0.18
CA SER A 262 -22.81 14.65 -0.79
C SER A 262 -21.63 15.09 -1.67
N ARG A 263 -21.60 16.37 -2.05
CA ARG A 263 -20.48 16.88 -2.85
C ARG A 263 -19.20 16.86 -2.05
N ARG A 264 -19.25 17.26 -0.78
CA ARG A 264 -18.07 17.18 0.08
C ARG A 264 -17.58 15.75 0.22
N VAL A 265 -18.51 14.82 0.52
CA VAL A 265 -18.12 13.44 0.72
C VAL A 265 -17.51 12.87 -0.56
N ALA A 266 -18.06 13.26 -1.71
CA ALA A 266 -17.52 12.77 -2.99
C ALA A 266 -16.12 13.30 -3.25
N LYS A 267 -15.88 14.58 -2.95
CA LYS A 267 -14.59 15.18 -3.25
C LYS A 267 -13.54 14.90 -2.18
N GLU A 268 -13.96 14.73 -0.92
CA GLU A 268 -13.03 14.61 0.19
C GLU A 268 -12.89 13.19 0.73
N GLU A 269 -13.79 12.28 0.40
CA GLU A 269 -13.68 10.88 0.81
C GLU A 269 -13.62 9.92 -0.36
N GLY A 270 -13.91 10.37 -1.57
CA GLY A 270 -14.00 9.46 -2.70
C GLY A 270 -15.25 8.61 -2.72
N ILE A 271 -16.22 8.92 -1.85
CA ILE A 271 -17.48 8.18 -1.78
C ILE A 271 -18.54 9.00 -2.51
N LEU A 272 -18.97 8.51 -3.67
CA LEU A 272 -19.96 9.19 -4.51
C LEU A 272 -21.33 8.56 -4.25
N ALA A 273 -22.19 9.28 -3.53
CA ALA A 273 -23.47 8.77 -3.10
C ALA A 273 -24.58 9.77 -3.42
N GLY A 274 -25.82 9.31 -3.24
CA GLY A 274 -26.98 10.11 -3.57
C GLY A 274 -27.27 11.19 -2.53
N ILE A 275 -28.38 11.90 -2.77
CA ILE A 275 -28.72 13.04 -1.91
C ILE A 275 -29.16 12.56 -0.53
N SER A 276 -29.86 11.43 -0.45
CA SER A 276 -30.28 10.90 0.84
C SER A 276 -29.07 10.49 1.67
N SER A 277 -28.00 10.04 1.01
CA SER A 277 -26.78 9.69 1.74
C SER A 277 -26.11 10.94 2.31
N GLY A 278 -26.18 12.06 1.58
CA GLY A 278 -25.68 13.31 2.14
C GLY A 278 -26.45 13.75 3.37
N ALA A 279 -27.79 13.61 3.33
CA ALA A 279 -28.58 13.90 4.52
C ALA A 279 -28.21 12.98 5.67
N ALA A 280 -27.91 11.72 5.36
CA ALA A 280 -27.53 10.77 6.40
C ALA A 280 -26.16 11.11 7.00
N ILE A 281 -25.20 11.46 6.14
CA ILE A 281 -23.86 11.77 6.64
C ILE A 281 -23.85 13.08 7.42
N TYR A 282 -24.61 14.08 6.95
CA TYR A 282 -24.72 15.33 7.69
C TYR A 282 -25.29 15.09 9.08
N ALA A 283 -26.38 14.32 9.16
CA ALA A 283 -26.99 14.01 10.45
C ALA A 283 -26.05 13.19 11.33
N ALA A 284 -25.28 12.28 10.71
CA ALA A 284 -24.34 11.48 11.48
C ALA A 284 -23.23 12.35 12.07
N ILE A 285 -22.75 13.33 11.30
CA ILE A 285 -21.69 14.20 11.80
C ILE A 285 -22.20 15.07 12.94
N GLN A 286 -23.40 15.63 12.80
CA GLN A 286 -24.00 16.41 13.88
C GLN A 286 -24.12 15.57 15.15
N LYS A 287 -24.55 14.32 15.01
CA LYS A 287 -24.59 13.42 16.17
C LYS A 287 -23.19 13.10 16.66
N ALA A 288 -22.23 12.97 15.76
CA ALA A 288 -20.86 12.68 16.17
C ALA A 288 -20.27 13.82 16.97
N LYS A 289 -20.59 15.06 16.60
CA LYS A 289 -20.10 16.20 17.37
C LYS A 289 -20.74 16.26 18.75
N GLU A 290 -22.00 15.82 18.88
CA GLU A 290 -22.63 15.78 20.19
C GLU A 290 -22.04 14.66 21.05
N LEU A 291 -21.71 13.53 20.45
CA LEU A 291 -21.22 12.39 21.22
C LEU A 291 -19.76 12.59 21.64
N GLY A 292 -18.93 13.10 20.74
CA GLY A 292 -17.56 13.42 21.07
C GLY A 292 -16.58 12.31 20.74
N LYS A 293 -15.29 12.65 20.89
CA LYS A 293 -14.22 11.72 20.55
C LYS A 293 -14.34 10.44 21.37
N GLY A 294 -14.04 9.31 20.71
CA GLY A 294 -14.08 8.01 21.33
C GLY A 294 -15.34 7.22 21.03
N LYS A 295 -16.46 7.88 20.78
CA LYS A 295 -17.72 7.21 20.49
C LYS A 295 -17.77 6.76 19.03
N THR A 296 -18.82 6.02 18.69
CA THR A 296 -18.97 5.41 17.38
C THR A 296 -20.35 5.71 16.82
N VAL A 297 -20.39 6.17 15.57
CA VAL A 297 -21.63 6.56 14.89
C VAL A 297 -21.69 5.83 13.55
N VAL A 298 -22.84 5.24 13.26
CA VAL A 298 -23.03 4.43 12.05
C VAL A 298 -24.27 4.92 11.32
N THR A 299 -24.15 5.04 9.99
CA THR A 299 -25.29 5.37 9.14
C THR A 299 -25.21 4.54 7.86
N VAL A 300 -26.23 4.68 7.03
CA VAL A 300 -26.39 3.87 5.81
C VAL A 300 -26.43 4.81 4.61
N LEU A 301 -25.68 4.47 3.57
CA LEU A 301 -25.74 5.21 2.31
C LEU A 301 -26.57 4.40 1.31
N PRO A 302 -27.80 4.83 1.01
CA PRO A 302 -28.71 3.94 0.26
C PRO A 302 -28.36 3.78 -1.21
N SER A 303 -27.89 4.83 -1.89
CA SER A 303 -27.69 4.76 -3.33
C SER A 303 -26.45 5.52 -3.74
N ASN A 304 -26.03 5.29 -4.99
CA ASN A 304 -24.82 5.88 -5.55
C ASN A 304 -25.13 7.18 -6.30
N GLY A 305 -24.17 8.09 -6.26
CA GLY A 305 -24.32 9.39 -6.91
C GLY A 305 -24.43 9.32 -8.42
N GLU A 306 -23.88 8.27 -9.04
CA GLU A 306 -23.97 8.15 -10.49
C GLU A 306 -25.42 8.04 -10.96
N ARG A 307 -26.31 7.58 -10.08
CA ARG A 307 -27.73 7.50 -10.40
C ARG A 307 -28.39 8.87 -10.41
N TYR A 308 -27.68 9.93 -9.99
CA TYR A 308 -28.26 11.26 -9.85
C TYR A 308 -27.51 12.30 -10.68
N LEU A 309 -26.83 11.89 -11.76
CA LEU A 309 -26.08 12.84 -12.57
C LEU A 309 -26.97 13.82 -13.31
N SER A 310 -28.26 13.54 -13.42
CA SER A 310 -29.21 14.41 -14.12
C SER A 310 -30.10 15.19 -13.16
N THR A 311 -29.71 15.29 -11.90
CA THR A 311 -30.36 16.11 -10.91
C THR A 311 -29.46 17.28 -10.54
N PRO A 312 -30.00 18.30 -9.87
CA PRO A 312 -29.15 19.41 -9.39
C PRO A 312 -28.05 18.97 -8.43
N LEU A 313 -28.05 17.71 -7.98
CA LEU A 313 -27.03 17.26 -7.02
C LEU A 313 -25.63 17.36 -7.60
N TYR A 314 -25.45 16.96 -8.86
CA TYR A 314 -24.13 16.94 -9.48
C TYR A 314 -24.10 17.66 -10.83
N SER A 315 -25.02 18.60 -11.05
CA SER A 315 -25.05 19.34 -12.30
C SER A 315 -24.81 20.82 -12.05
N MET B 9 -22.71 -12.02 6.68
CA MET B 9 -21.27 -11.99 6.49
C MET B 9 -20.85 -10.89 5.51
N ALA B 10 -20.17 -9.87 6.04
CA ALA B 10 -19.68 -8.75 5.26
C ALA B 10 -18.24 -8.44 5.66
N GLN B 11 -17.61 -7.55 4.91
CA GLN B 11 -16.23 -7.17 5.19
C GLN B 11 -16.16 -6.23 6.39
N LYS B 12 -15.11 -6.38 7.18
CA LYS B 12 -14.90 -5.52 8.33
C LYS B 12 -14.68 -4.08 7.88
N PRO B 13 -14.98 -3.10 8.74
CA PRO B 13 -14.86 -1.70 8.34
C PRO B 13 -13.44 -1.34 7.92
N VAL B 14 -13.34 -0.53 6.86
CA VAL B 14 -12.05 -0.11 6.32
C VAL B 14 -11.93 1.40 6.47
N ASP B 15 -10.69 1.88 6.44
CA ASP B 15 -10.42 3.30 6.60
C ASP B 15 -10.71 4.09 5.32
N ASN B 16 -10.54 3.46 4.16
CA ASN B 16 -10.57 4.17 2.89
C ASN B 16 -11.41 3.38 1.89
N ILE B 17 -12.11 4.09 1.02
CA ILE B 17 -13.00 3.43 0.05
C ILE B 17 -12.20 2.56 -0.91
N THR B 18 -10.95 2.93 -1.21
CA THR B 18 -10.14 2.13 -2.12
C THR B 18 -9.82 0.75 -1.56
N GLN B 19 -9.98 0.55 -0.25
CA GLN B 19 -9.62 -0.71 0.37
C GLN B 19 -10.57 -1.84 0.03
N ILE B 20 -11.73 -1.54 -0.58
CA ILE B 20 -12.66 -2.58 -0.96
C ILE B 20 -12.74 -2.73 -2.48
N ILE B 21 -11.80 -2.11 -3.20
CA ILE B 21 -11.58 -2.44 -4.60
C ILE B 21 -11.10 -3.88 -4.71
N GLY B 22 -11.70 -4.64 -5.61
CA GLY B 22 -11.30 -6.01 -5.86
C GLY B 22 -12.25 -7.00 -5.22
N GLY B 23 -11.91 -8.28 -5.39
CA GLY B 23 -12.72 -9.36 -4.88
C GLY B 23 -14.11 -9.38 -5.47
N THR B 24 -14.20 -9.31 -6.79
CA THR B 24 -15.49 -9.24 -7.46
C THR B 24 -16.10 -10.62 -7.64
N PRO B 25 -17.42 -10.73 -7.57
CA PRO B 25 -18.07 -12.04 -7.63
C PRO B 25 -18.15 -12.57 -9.06
N VAL B 26 -18.57 -13.84 -9.16
CA VAL B 26 -18.73 -14.53 -10.43
C VAL B 26 -20.11 -15.17 -10.47
N VAL B 27 -20.78 -15.04 -11.61
CA VAL B 27 -22.14 -15.55 -11.78
C VAL B 27 -22.18 -16.48 -13.00
N LYS B 28 -22.87 -17.61 -12.84
CA LYS B 28 -23.10 -18.52 -13.95
C LYS B 28 -24.32 -18.06 -14.74
N LEU B 29 -24.20 -18.04 -16.06
CA LEU B 29 -25.33 -17.72 -16.93
C LEU B 29 -26.23 -18.94 -17.07
N ARG B 30 -27.54 -18.73 -16.94
CA ARG B 30 -28.51 -19.82 -16.98
C ARG B 30 -29.36 -19.86 -18.24
N ASN B 31 -29.69 -18.71 -18.82
CA ASN B 31 -30.72 -18.64 -19.85
C ASN B 31 -30.18 -18.34 -21.24
N VAL B 32 -29.21 -17.44 -21.39
CA VAL B 32 -28.73 -17.06 -22.71
C VAL B 32 -27.80 -18.09 -23.33
N VAL B 33 -27.46 -19.14 -22.60
CA VAL B 33 -26.57 -20.20 -23.10
C VAL B 33 -27.30 -21.53 -22.97
N ASP B 34 -27.15 -22.38 -23.98
CA ASP B 34 -27.82 -23.67 -23.99
C ASP B 34 -27.20 -24.62 -22.98
N ASP B 35 -27.99 -25.60 -22.55
CA ASP B 35 -27.48 -26.67 -21.69
C ASP B 35 -26.55 -27.62 -22.45
N ASN B 36 -26.45 -27.49 -23.77
CA ASN B 36 -25.57 -28.31 -24.59
C ASN B 36 -24.23 -27.64 -24.87
N ALA B 37 -24.02 -26.42 -24.38
CA ALA B 37 -22.74 -25.74 -24.47
C ALA B 37 -22.02 -25.82 -23.14
N ALA B 38 -20.78 -25.31 -23.14
CA ALA B 38 -20.03 -25.25 -21.90
C ALA B 38 -20.66 -24.27 -20.92
N ASP B 39 -20.31 -24.42 -19.65
CA ASP B 39 -20.75 -23.46 -18.64
C ASP B 39 -20.02 -22.14 -18.82
N VAL B 40 -20.77 -21.05 -18.78
CA VAL B 40 -20.23 -19.70 -18.94
C VAL B 40 -20.35 -18.98 -17.61
N TYR B 41 -19.22 -18.53 -17.07
CA TYR B 41 -19.17 -17.76 -15.85
C TYR B 41 -18.64 -16.36 -16.14
N VAL B 42 -19.27 -15.35 -15.54
CA VAL B 42 -18.90 -13.96 -15.76
C VAL B 42 -18.46 -13.35 -14.44
N LYS B 43 -17.36 -12.60 -14.48
CA LYS B 43 -16.84 -11.88 -13.32
C LYS B 43 -17.30 -10.44 -13.39
N LEU B 44 -17.97 -9.98 -12.33
CA LEU B 44 -18.64 -8.69 -12.31
C LEU B 44 -17.68 -7.61 -11.82
N GLU B 45 -16.93 -7.01 -12.75
CA GLU B 45 -15.99 -5.97 -12.39
C GLU B 45 -16.65 -4.62 -12.15
N TYR B 46 -17.93 -4.46 -12.48
CA TYR B 46 -18.66 -3.25 -12.08
C TYR B 46 -19.03 -3.26 -10.61
N GLN B 47 -18.82 -4.39 -9.91
CA GLN B 47 -19.02 -4.45 -8.47
C GLN B 47 -17.95 -3.68 -7.71
N ASN B 48 -16.87 -3.27 -8.36
CA ASN B 48 -15.89 -2.41 -7.72
C ASN B 48 -16.55 -1.08 -7.31
N PRO B 49 -16.04 -0.42 -6.26
CA PRO B 49 -16.73 0.77 -5.75
C PRO B 49 -16.93 1.86 -6.78
N GLY B 50 -15.93 2.11 -7.62
CA GLY B 50 -16.03 3.09 -8.68
C GLY B 50 -16.89 2.68 -9.84
N GLY B 51 -17.24 1.40 -9.92
CA GLY B 51 -18.20 0.93 -10.89
C GLY B 51 -17.65 0.23 -12.11
N SER B 52 -16.35 -0.05 -12.15
CA SER B 52 -15.79 -0.70 -13.33
C SER B 52 -14.47 -1.37 -12.97
N VAL B 53 -13.88 -2.04 -13.96
CA VAL B 53 -12.61 -2.75 -13.82
C VAL B 53 -11.46 -1.77 -13.61
N1 LLP B 54 -14.47 -2.69 -21.37
C2 LLP B 54 -14.53 -1.53 -20.71
C2' LLP B 54 -15.90 -0.84 -20.45
C3 LLP B 54 -13.34 -0.92 -20.23
O3 LLP B 54 -13.44 0.29 -19.54
C4 LLP B 54 -12.11 -1.53 -20.45
C4' LLP B 54 -10.77 -0.82 -19.90
C5 LLP B 54 -12.05 -2.72 -21.12
C6 LLP B 54 -13.24 -3.31 -21.59
C5' LLP B 54 -10.71 -3.46 -21.41
OP4 LLP B 54 -9.97 -3.75 -20.25
P LLP B 54 -8.43 -3.71 -20.41
OP1 LLP B 54 -7.97 -2.25 -20.55
OP2 LLP B 54 -8.04 -4.46 -21.63
OP3 LLP B 54 -7.78 -4.34 -19.22
N LLP B 54 -11.65 -0.53 -14.06
CA LLP B 54 -10.58 0.48 -14.03
CB LLP B 54 -10.97 1.67 -14.86
CG LLP B 54 -11.14 1.23 -16.32
CD LLP B 54 -9.81 0.68 -16.86
CE LLP B 54 -9.82 0.73 -18.40
NZ LLP B 54 -11.08 0.14 -18.89
C LLP B 54 -10.25 0.90 -12.64
O LLP B 54 -9.27 1.59 -12.43
N ASP B 55 -11.07 0.50 -11.68
CA ASP B 55 -10.78 0.73 -10.27
C ASP B 55 -9.44 0.13 -9.89
N ARG B 56 -9.19 -1.09 -10.38
CA ARG B 56 -7.97 -1.81 -10.03
C ARG B 56 -6.73 -1.09 -10.56
N ILE B 57 -6.76 -0.68 -11.83
CA ILE B 57 -5.56 -0.07 -12.42
C ILE B 57 -5.42 1.39 -12.00
N ALA B 58 -6.53 2.06 -11.69
CA ALA B 58 -6.40 3.41 -11.14
C ALA B 58 -5.70 3.36 -9.78
N LEU B 59 -6.08 2.42 -8.94
CA LEU B 59 -5.42 2.27 -7.64
C LEU B 59 -3.96 1.86 -7.82
N ALA B 60 -3.69 0.95 -8.76
CA ALA B 60 -2.34 0.43 -8.92
C ALA B 60 -1.36 1.50 -9.38
N MET B 61 -1.75 2.27 -10.40
CA MET B 61 -0.85 3.28 -10.94
C MET B 61 -0.62 4.43 -9.95
N ILE B 62 -1.61 4.74 -9.12
CA ILE B 62 -1.41 5.79 -8.12
C ILE B 62 -0.60 5.26 -6.94
N GLU B 63 -0.91 4.05 -6.48
CA GLU B 63 -0.14 3.46 -5.39
C GLU B 63 1.32 3.27 -5.78
N LYS B 64 1.57 2.95 -7.06
CA LYS B 64 2.94 2.80 -7.53
C LYS B 64 3.70 4.11 -7.48
N ALA B 65 3.15 5.15 -8.11
CA ALA B 65 3.78 6.47 -8.08
C ALA B 65 3.89 7.00 -6.65
N GLU B 66 2.91 6.68 -5.80
CA GLU B 66 2.97 7.07 -4.40
C GLU B 66 4.14 6.37 -3.70
N ARG B 67 4.23 5.05 -3.87
CA ARG B 67 5.29 4.28 -3.23
C ARG B 67 6.67 4.71 -3.73
N GLU B 68 6.77 4.99 -5.04
CA GLU B 68 8.05 5.42 -5.60
C GLU B 68 8.43 6.82 -5.14
N GLY B 69 7.48 7.62 -4.68
CA GLY B 69 7.74 8.99 -4.31
C GLY B 69 7.53 10.00 -5.42
N LYS B 70 7.08 9.56 -6.59
CA LYS B 70 6.81 10.49 -7.69
C LYS B 70 5.68 11.46 -7.33
N ILE B 71 4.75 11.02 -6.50
CA ILE B 71 3.65 11.86 -6.05
C ILE B 71 3.45 11.67 -4.55
N LYS B 72 2.92 12.71 -3.91
CA LYS B 72 2.46 12.65 -2.53
C LYS B 72 1.20 13.49 -2.44
N PRO B 73 0.30 13.18 -1.47
CA PRO B 73 -0.98 13.90 -1.39
C PRO B 73 -0.89 15.40 -1.58
N GLY B 74 -1.73 15.95 -2.44
CA GLY B 74 -1.65 17.33 -2.87
C GLY B 74 -1.16 17.50 -4.29
N ASP B 75 -0.44 16.52 -4.82
CA ASP B 75 0.07 16.60 -6.18
C ASP B 75 -1.05 16.38 -7.18
N THR B 76 -0.75 16.64 -8.46
CA THR B 76 -1.73 16.58 -9.53
C THR B 76 -1.31 15.53 -10.54
N ILE B 77 -2.25 14.69 -10.95
CA ILE B 77 -2.05 13.74 -12.03
C ILE B 77 -2.84 14.21 -13.25
N VAL B 78 -2.36 13.82 -14.43
CA VAL B 78 -3.03 14.14 -15.68
C VAL B 78 -3.07 12.89 -16.55
N GLU B 79 -4.19 12.68 -17.23
CA GLU B 79 -4.36 11.51 -18.07
C GLU B 79 -5.35 11.81 -19.18
N PRO B 80 -5.02 11.48 -20.43
CA PRO B 80 -6.00 11.61 -21.51
C PRO B 80 -6.91 10.39 -21.52
N THR B 81 -8.18 10.60 -21.23
CA THR B 81 -9.10 9.47 -21.07
C THR B 81 -10.52 9.90 -21.42
N SER B 82 -11.21 9.02 -22.14
CA SER B 82 -12.58 9.25 -22.54
C SER B 82 -13.54 8.22 -21.95
N GLY B 83 -13.04 7.29 -21.14
CA GLY B 83 -13.88 6.24 -20.62
C GLY B 83 -13.74 5.97 -19.13
N ASN B 84 -13.72 4.69 -18.76
CA ASN B 84 -13.77 4.30 -17.36
C ASN B 84 -12.47 4.56 -16.61
N THR B 85 -11.37 4.80 -17.33
CA THR B 85 -10.13 5.15 -16.64
C THR B 85 -10.20 6.53 -16.01
N GLY B 86 -10.90 7.47 -16.66
CA GLY B 86 -11.10 8.77 -16.04
C GLY B 86 -11.95 8.70 -14.78
N ILE B 87 -13.01 7.89 -14.82
CA ILE B 87 -13.83 7.70 -13.63
C ILE B 87 -13.02 7.05 -12.52
N GLY B 88 -12.27 5.99 -12.86
CA GLY B 88 -11.47 5.32 -11.85
C GLY B 88 -10.40 6.21 -11.25
N LEU B 89 -9.70 6.97 -12.11
CA LEU B 89 -8.66 7.85 -11.60
C LEU B 89 -9.25 9.00 -10.79
N ALA B 90 -10.37 9.56 -11.24
CA ALA B 90 -11.05 10.59 -10.45
C ALA B 90 -11.49 10.02 -9.10
N PHE B 91 -12.05 8.82 -9.11
CA PHE B 91 -12.49 8.17 -7.88
C PHE B 91 -11.33 7.94 -6.92
N VAL B 92 -10.21 7.41 -7.43
CA VAL B 92 -9.09 7.07 -6.57
C VAL B 92 -8.37 8.32 -6.08
N CYS B 93 -8.26 9.34 -6.94
CA CYS B 93 -7.57 10.58 -6.56
C CYS B 93 -8.29 11.28 -5.41
N ALA B 94 -9.62 11.39 -5.50
CA ALA B 94 -10.37 11.99 -4.41
C ALA B 94 -10.26 11.17 -3.15
N ALA B 95 -10.15 9.84 -3.28
CA ALA B 95 -10.06 8.97 -2.12
C ALA B 95 -8.69 9.05 -1.45
N LYS B 96 -7.64 9.28 -2.23
CA LYS B 96 -6.28 9.28 -1.71
C LYS B 96 -5.70 10.69 -1.57
N GLY B 97 -6.48 11.72 -1.83
CA GLY B 97 -6.03 13.08 -1.62
C GLY B 97 -5.18 13.64 -2.74
N TYR B 98 -5.49 13.31 -3.99
CA TYR B 98 -4.74 13.79 -5.13
C TYR B 98 -5.63 14.62 -6.04
N LYS B 99 -5.03 15.63 -6.66
CA LYS B 99 -5.73 16.45 -7.64
C LYS B 99 -5.65 15.76 -9.00
N ALA B 100 -6.74 15.85 -9.77
CA ALA B 100 -6.85 15.12 -11.02
C ALA B 100 -7.22 16.08 -12.16
N VAL B 101 -6.50 15.98 -13.26
CA VAL B 101 -6.80 16.69 -14.49
C VAL B 101 -6.94 15.68 -15.61
N PHE B 102 -8.05 15.74 -16.34
CA PHE B 102 -8.30 14.83 -17.45
C PHE B 102 -8.56 15.63 -18.72
N THR B 103 -7.87 15.27 -19.79
CA THR B 103 -8.07 15.88 -21.10
C THR B 103 -8.91 14.94 -21.95
N MET B 104 -9.92 15.51 -22.62
CA MET B 104 -10.83 14.73 -23.45
C MET B 104 -11.31 15.62 -24.58
N PRO B 105 -11.81 15.03 -25.67
CA PRO B 105 -12.45 15.86 -26.69
C PRO B 105 -13.69 16.53 -26.14
N GLU B 106 -13.98 17.74 -26.64
CA GLU B 106 -15.16 18.45 -26.19
C GLU B 106 -16.46 17.78 -26.61
N THR B 107 -16.39 16.62 -27.27
CA THR B 107 -17.56 15.84 -27.66
C THR B 107 -18.10 14.98 -26.52
N MET B 108 -17.44 14.95 -25.37
CA MET B 108 -17.86 14.10 -24.27
C MET B 108 -19.14 14.63 -23.63
N SER B 109 -20.02 13.71 -23.26
CA SER B 109 -21.35 14.07 -22.76
C SER B 109 -21.25 14.91 -21.50
N GLN B 110 -22.28 15.74 -21.30
CA GLN B 110 -22.36 16.54 -20.07
C GLN B 110 -22.53 15.65 -18.85
N GLU B 111 -23.21 14.50 -19.01
CA GLU B 111 -23.34 13.56 -17.90
C GLU B 111 -21.98 13.04 -17.45
N ARG B 112 -21.10 12.74 -18.41
CA ARG B 112 -19.76 12.26 -18.06
C ARG B 112 -18.96 13.34 -17.35
N ARG B 113 -19.01 14.58 -17.88
CA ARG B 113 -18.34 15.70 -17.22
C ARG B 113 -18.81 15.84 -15.78
N ASN B 114 -20.13 15.73 -15.55
CA ASN B 114 -20.67 15.87 -14.21
C ASN B 114 -20.15 14.78 -13.29
N LEU B 115 -20.01 13.56 -13.81
CA LEU B 115 -19.50 12.44 -13.00
C LEU B 115 -18.06 12.70 -12.57
N LEU B 116 -17.20 13.12 -13.51
CA LEU B 116 -15.81 13.37 -13.18
C LEU B 116 -15.68 14.56 -12.23
N LYS B 117 -16.37 15.66 -12.53
CA LYS B 117 -16.26 16.84 -11.67
C LYS B 117 -16.84 16.59 -10.29
N ALA B 118 -17.76 15.63 -10.15
CA ALA B 118 -18.30 15.30 -8.84
C ALA B 118 -17.21 14.77 -7.92
N TYR B 119 -16.21 14.10 -8.46
CA TYR B 119 -15.05 13.63 -7.71
C TYR B 119 -14.02 14.73 -7.50
N GLY B 120 -14.30 15.97 -7.91
CA GLY B 120 -13.38 17.07 -7.79
C GLY B 120 -12.40 17.20 -8.93
N ALA B 121 -12.53 16.39 -9.98
CA ALA B 121 -11.59 16.41 -11.09
C ALA B 121 -11.71 17.70 -11.89
N GLU B 122 -10.59 18.12 -12.47
CA GLU B 122 -10.56 19.26 -13.38
C GLU B 122 -10.49 18.74 -14.82
N LEU B 123 -11.34 19.27 -15.68
CA LEU B 123 -11.45 18.82 -17.06
C LEU B 123 -10.85 19.86 -17.99
N VAL B 124 -10.08 19.38 -18.96
CA VAL B 124 -9.48 20.23 -19.99
C VAL B 124 -9.99 19.70 -21.32
N LEU B 125 -10.94 20.41 -21.90
CA LEU B 125 -11.55 19.97 -23.15
C LEU B 125 -10.66 20.32 -24.33
N THR B 126 -10.49 19.37 -25.24
CA THR B 126 -9.65 19.46 -26.42
C THR B 126 -10.53 19.43 -27.67
N PRO B 127 -10.01 19.84 -28.82
CA PRO B 127 -10.83 19.87 -30.05
C PRO B 127 -11.52 18.54 -30.32
N GLY B 128 -12.82 18.62 -30.60
CA GLY B 128 -13.58 17.42 -30.88
C GLY B 128 -13.12 16.71 -32.13
N SER B 129 -12.69 17.47 -33.14
CA SER B 129 -12.22 16.87 -34.38
C SER B 129 -10.93 16.09 -34.19
N GLU B 130 -10.14 16.40 -33.17
CA GLU B 130 -8.88 15.71 -32.92
C GLU B 130 -9.04 14.43 -32.12
N ALA B 131 -10.24 14.16 -31.60
CA ALA B 131 -10.55 12.94 -30.86
C ALA B 131 -9.56 12.70 -29.74
N MET B 132 -9.13 11.45 -29.55
CA MET B 132 -8.20 11.12 -28.49
C MET B 132 -6.78 11.58 -28.81
N LYS B 133 -6.47 11.82 -30.08
CA LYS B 133 -5.16 12.35 -30.44
C LYS B 133 -4.93 13.72 -29.81
N GLY B 134 -5.94 14.60 -29.89
CA GLY B 134 -5.81 15.91 -29.28
C GLY B 134 -5.75 15.86 -27.76
N ALA B 135 -6.44 14.89 -27.15
CA ALA B 135 -6.38 14.74 -25.70
C ALA B 135 -5.00 14.26 -25.26
N ILE B 136 -4.41 13.31 -25.98
CA ILE B 136 -3.06 12.86 -25.67
C ILE B 136 -2.08 14.02 -25.81
N LYS B 137 -2.24 14.81 -26.87
CA LYS B 137 -1.35 15.94 -27.11
C LYS B 137 -1.45 16.97 -25.99
N LYS B 138 -2.67 17.21 -25.50
CA LYS B 138 -2.85 18.22 -24.46
C LYS B 138 -2.33 17.74 -23.12
N ALA B 139 -2.52 16.45 -22.80
CA ALA B 139 -1.99 15.91 -21.55
C ALA B 139 -0.47 16.00 -21.51
N LYS B 140 0.19 15.70 -22.64
CA LYS B 140 1.64 15.84 -22.70
C LYS B 140 2.07 17.28 -22.48
N GLU B 141 1.31 18.23 -23.01
CA GLU B 141 1.68 19.63 -22.86
C GLU B 141 1.58 20.08 -21.41
N LEU B 142 0.51 19.69 -20.72
CA LEU B 142 0.37 20.04 -19.31
C LEU B 142 1.41 19.33 -18.45
N LYS B 143 1.82 18.12 -18.86
CA LYS B 143 2.80 17.37 -18.08
C LYS B 143 4.18 18.03 -18.15
N GLU B 144 4.53 18.55 -19.32
CA GLU B 144 5.83 19.22 -19.46
C GLU B 144 5.80 20.62 -18.85
N GLU B 145 4.66 21.31 -18.94
CA GLU B 145 4.60 22.69 -18.48
C GLU B 145 4.46 22.76 -16.96
N HIS B 146 3.68 21.86 -16.36
CA HIS B 146 3.40 21.90 -14.94
C HIS B 146 4.02 20.77 -14.13
N GLY B 147 4.58 19.76 -14.79
CA GLY B 147 5.17 18.65 -14.06
C GLY B 147 4.16 17.70 -13.44
N TYR B 148 2.96 17.62 -14.00
CA TYR B 148 1.98 16.65 -13.53
C TYR B 148 2.47 15.23 -13.77
N PHE B 149 2.02 14.31 -12.93
CA PHE B 149 2.28 12.89 -13.16
C PHE B 149 1.28 12.33 -14.16
N GLU B 150 1.78 11.60 -15.15
CA GLU B 150 0.91 10.98 -16.14
C GLU B 150 0.91 9.47 -15.93
N PRO B 151 -0.20 8.87 -15.48
CA PRO B 151 -0.21 7.41 -15.29
C PRO B 151 0.12 6.63 -16.55
N GLN B 152 -0.37 7.07 -17.71
CA GLN B 152 -0.17 6.37 -18.98
C GLN B 152 -0.70 4.95 -18.90
N GLN B 153 -2.02 4.79 -19.03
CA GLN B 153 -2.65 3.49 -18.86
C GLN B 153 -2.24 2.49 -19.94
N PHE B 154 -1.76 2.95 -21.08
CA PHE B 154 -1.38 2.06 -22.18
C PHE B 154 0.07 1.64 -22.14
N GLU B 155 0.88 2.21 -21.24
CA GLU B 155 2.28 1.82 -21.10
C GLU B 155 2.68 1.44 -19.68
N ASN B 156 1.86 1.74 -18.68
CA ASN B 156 2.24 1.50 -17.29
C ASN B 156 2.18 0.00 -17.00
N PRO B 157 3.29 -0.64 -16.63
CA PRO B 157 3.24 -2.08 -16.31
C PRO B 157 2.44 -2.38 -15.06
N ALA B 158 2.15 -1.39 -14.22
CA ALA B 158 1.26 -1.60 -13.09
C ALA B 158 -0.15 -1.97 -13.53
N ASN B 159 -0.53 -1.61 -14.77
CA ASN B 159 -1.85 -1.97 -15.28
C ASN B 159 -1.99 -3.48 -15.41
N PRO B 160 -1.18 -4.19 -16.21
CA PRO B 160 -1.35 -5.65 -16.27
C PRO B 160 -0.92 -6.34 -14.99
N GLU B 161 -0.03 -5.74 -14.22
CA GLU B 161 0.46 -6.40 -13.00
C GLU B 161 -0.64 -6.51 -11.95
N VAL B 162 -1.49 -5.48 -11.83
CA VAL B 162 -2.56 -5.54 -10.83
C VAL B 162 -3.54 -6.65 -11.15
N HIS B 163 -3.72 -6.97 -12.43
CA HIS B 163 -4.53 -8.13 -12.80
C HIS B 163 -3.78 -9.43 -12.54
N GLU B 164 -2.46 -9.39 -12.59
CA GLU B 164 -1.65 -10.56 -12.25
C GLU B 164 -1.68 -10.84 -10.75
N LEU B 165 -1.86 -9.80 -9.94
CA LEU B 165 -1.82 -9.94 -8.48
C LEU B 165 -3.19 -10.12 -7.85
N THR B 166 -4.26 -9.58 -8.44
CA THR B 166 -5.57 -9.59 -7.81
C THR B 166 -6.62 -10.31 -8.64
N THR B 167 -6.93 -9.80 -9.84
CA THR B 167 -8.00 -10.37 -10.64
C THR B 167 -7.73 -11.84 -10.95
N GLY B 168 -6.51 -12.15 -11.38
CA GLY B 168 -6.12 -13.51 -11.71
C GLY B 168 -6.23 -14.45 -10.53
N PRO B 169 -5.48 -14.19 -9.46
CA PRO B 169 -5.58 -15.04 -8.26
C PRO B 169 -7.00 -15.14 -7.71
N GLU B 170 -7.82 -14.09 -7.87
CA GLU B 170 -9.22 -14.18 -7.49
C GLU B 170 -9.92 -15.32 -8.22
N LEU B 171 -9.72 -15.38 -9.54
CA LEU B 171 -10.34 -16.44 -10.34
C LEU B 171 -9.77 -17.81 -10.00
N LEU B 172 -8.47 -17.87 -9.65
CA LEU B 172 -7.88 -19.13 -9.22
C LEU B 172 -8.59 -19.66 -7.98
N GLN B 173 -8.80 -18.80 -6.99
CA GLN B 173 -9.49 -19.22 -5.77
C GLN B 173 -10.97 -19.47 -6.03
N GLN B 174 -11.60 -18.68 -6.91
CA GLN B 174 -13.02 -18.87 -7.17
C GLN B 174 -13.29 -20.18 -7.89
N PHE B 175 -12.38 -20.62 -8.75
CA PHE B 175 -12.51 -21.89 -9.46
C PHE B 175 -11.56 -22.94 -8.89
N GLU B 176 -11.40 -22.94 -7.56
CA GLU B 176 -10.63 -23.95 -6.86
C GLU B 176 -11.15 -25.34 -7.19
N GLY B 177 -10.23 -26.21 -7.63
CA GLY B 177 -10.59 -27.59 -7.91
C GLY B 177 -11.33 -27.82 -9.20
N LYS B 178 -11.76 -26.77 -9.90
CA LYS B 178 -12.40 -26.89 -11.20
C LYS B 178 -11.43 -26.47 -12.29
N THR B 179 -11.72 -26.90 -13.51
CA THR B 179 -10.86 -26.65 -14.66
C THR B 179 -11.49 -25.59 -15.55
N ILE B 180 -10.82 -24.44 -15.66
CA ILE B 180 -11.21 -23.42 -16.62
C ILE B 180 -10.62 -23.79 -17.98
N ASP B 181 -11.48 -24.02 -18.96
CA ASP B 181 -11.03 -24.44 -20.28
C ASP B 181 -10.76 -23.26 -21.20
N ALA B 182 -11.42 -22.13 -20.99
CA ALA B 182 -11.25 -20.96 -21.84
C ALA B 182 -11.52 -19.70 -21.03
N PHE B 183 -10.61 -18.73 -21.12
CA PHE B 183 -10.81 -17.41 -20.59
C PHE B 183 -10.82 -16.42 -21.75
N LEU B 184 -11.81 -15.52 -21.76
CA LEU B 184 -11.93 -14.51 -22.79
C LEU B 184 -12.09 -13.14 -22.15
N ALA B 185 -11.56 -12.13 -22.83
CA ALA B 185 -11.64 -10.77 -22.33
C ALA B 185 -11.52 -9.79 -23.49
N GLY B 186 -12.33 -8.74 -23.47
CA GLY B 186 -12.15 -7.66 -24.43
C GLY B 186 -10.87 -6.90 -24.16
N VAL B 187 -10.23 -6.46 -25.24
CA VAL B 187 -8.92 -5.82 -25.15
C VAL B 187 -9.12 -4.31 -25.27
N GLY B 188 -8.90 -3.59 -24.17
CA GLY B 188 -8.84 -2.15 -24.20
C GLY B 188 -7.40 -1.70 -24.08
N THR B 189 -6.89 -1.69 -22.85
CA THR B 189 -5.44 -1.59 -22.65
C THR B 189 -4.77 -2.95 -22.76
N GLY B 190 -5.54 -4.04 -22.71
CA GLY B 190 -5.01 -5.37 -22.70
C GLY B 190 -4.54 -5.86 -21.35
N GLY B 191 -4.61 -5.02 -20.31
CA GLY B 191 -4.11 -5.42 -19.01
C GLY B 191 -4.91 -6.55 -18.38
N THR B 192 -6.22 -6.53 -18.55
CA THR B 192 -7.07 -7.59 -17.99
C THR B 192 -6.70 -8.93 -18.60
N LEU B 193 -6.63 -9.01 -19.93
CA LEU B 193 -6.29 -10.27 -20.59
C LEU B 193 -4.86 -10.69 -20.26
N SER B 194 -3.92 -9.73 -20.32
CA SER B 194 -2.52 -10.06 -20.05
C SER B 194 -2.32 -10.55 -18.62
N GLY B 195 -2.83 -9.78 -17.65
CA GLY B 195 -2.61 -10.13 -16.25
C GLY B 195 -3.30 -11.43 -15.87
N VAL B 196 -4.59 -11.53 -16.17
CA VAL B 196 -5.34 -12.73 -15.79
C VAL B 196 -4.87 -13.93 -16.61
N GLY B 197 -4.67 -13.74 -17.92
CA GLY B 197 -4.22 -14.83 -18.76
C GLY B 197 -2.90 -15.42 -18.30
N LYS B 198 -1.96 -14.57 -17.87
CA LYS B 198 -0.69 -15.05 -17.35
C LYS B 198 -0.91 -15.97 -16.15
N VAL B 199 -1.76 -15.55 -15.21
CA VAL B 199 -1.99 -16.33 -14.00
C VAL B 199 -2.71 -17.63 -14.33
N LEU B 200 -3.68 -17.58 -15.25
CA LEU B 200 -4.47 -18.77 -15.54
C LEU B 200 -3.69 -19.81 -16.33
N LYS B 201 -2.73 -19.38 -17.15
CA LYS B 201 -1.96 -20.33 -17.94
C LYS B 201 -1.02 -21.15 -17.07
N LYS B 202 -0.54 -20.60 -15.96
CA LYS B 202 0.33 -21.36 -15.06
C LYS B 202 -0.45 -22.46 -14.34
N GLU B 203 -1.70 -22.19 -13.97
CA GLU B 203 -2.47 -23.19 -13.24
C GLU B 203 -3.17 -24.15 -14.19
N TYR B 204 -3.62 -23.66 -15.34
CA TYR B 204 -4.34 -24.44 -16.34
C TYR B 204 -3.50 -24.44 -17.61
N PRO B 205 -2.54 -25.36 -17.72
CA PRO B 205 -1.59 -25.30 -18.85
C PRO B 205 -2.25 -25.43 -20.21
N ASN B 206 -3.37 -26.14 -20.31
CA ASN B 206 -4.06 -26.34 -21.58
C ASN B 206 -5.19 -25.34 -21.80
N ILE B 207 -5.21 -24.25 -21.04
CA ILE B 207 -6.28 -23.28 -21.18
C ILE B 207 -6.11 -22.51 -22.49
N GLU B 208 -7.23 -22.11 -23.08
CA GLU B 208 -7.23 -21.19 -24.21
C GLU B 208 -7.50 -19.78 -23.73
N ILE B 209 -6.64 -18.85 -24.12
CA ILE B 209 -6.81 -17.43 -23.84
C ILE B 209 -7.26 -16.77 -25.13
N VAL B 210 -8.43 -16.15 -25.11
CA VAL B 210 -9.03 -15.55 -26.30
C VAL B 210 -9.16 -14.05 -26.07
N ALA B 211 -8.69 -13.26 -27.03
CA ALA B 211 -8.86 -11.82 -27.02
C ALA B 211 -10.10 -11.45 -27.81
N ILE B 212 -10.82 -10.42 -27.34
CA ILE B 212 -12.02 -9.94 -28.00
C ILE B 212 -11.77 -8.50 -28.44
N GLU B 213 -12.10 -8.21 -29.69
CA GLU B 213 -11.90 -6.88 -30.25
C GLU B 213 -13.04 -6.60 -31.22
N PRO B 214 -13.31 -5.33 -31.52
CA PRO B 214 -14.42 -5.02 -32.46
C PRO B 214 -14.10 -5.48 -33.87
N GLU B 215 -15.08 -6.16 -34.47
CA GLU B 215 -14.96 -6.55 -35.87
C GLU B 215 -14.79 -5.35 -36.78
N ALA B 216 -15.26 -4.17 -36.35
CA ALA B 216 -15.07 -2.93 -37.12
C ALA B 216 -13.72 -2.28 -36.87
N SER B 217 -12.93 -2.80 -35.93
CA SER B 217 -11.57 -2.30 -35.66
C SER B 217 -10.67 -3.47 -35.30
N PRO B 218 -10.47 -4.43 -36.24
CA PRO B 218 -9.76 -5.67 -35.92
C PRO B 218 -8.24 -5.53 -35.98
N VAL B 219 -7.69 -4.65 -35.14
CA VAL B 219 -6.27 -4.34 -35.21
C VAL B 219 -5.43 -5.53 -34.75
N LEU B 220 -5.88 -6.21 -33.69
CA LEU B 220 -5.15 -7.40 -33.23
C LEU B 220 -5.18 -8.52 -34.27
N SER B 221 -6.22 -8.55 -35.11
CA SER B 221 -6.34 -9.56 -36.14
C SER B 221 -5.51 -9.26 -37.38
N GLY B 222 -4.93 -8.06 -37.47
CA GLY B 222 -4.18 -7.67 -38.63
C GLY B 222 -4.92 -6.75 -39.60
N GLY B 223 -6.09 -6.23 -39.21
CA GLY B 223 -6.84 -5.34 -40.06
C GLY B 223 -6.57 -3.88 -39.75
N GLU B 224 -7.29 -3.01 -40.45
CA GLU B 224 -7.13 -1.58 -40.28
C GLU B 224 -8.03 -1.07 -39.16
N PRO B 225 -7.60 -0.03 -38.45
CA PRO B 225 -8.49 0.57 -37.44
C PRO B 225 -9.66 1.27 -38.11
N GLY B 226 -10.79 1.26 -37.42
CA GLY B 226 -11.99 1.86 -37.93
C GLY B 226 -12.91 2.34 -36.82
N PRO B 227 -13.97 3.06 -37.19
CA PRO B 227 -14.93 3.53 -36.19
C PRO B 227 -15.79 2.38 -35.68
N HIS B 228 -16.04 2.38 -34.38
CA HIS B 228 -16.80 1.31 -33.76
C HIS B 228 -17.51 1.86 -32.52
N LYS B 229 -18.35 1.01 -31.93
CA LYS B 229 -19.20 1.41 -30.81
C LYS B 229 -18.97 0.58 -29.56
N LEU B 230 -17.99 -0.32 -29.57
CA LEU B 230 -17.70 -1.19 -28.42
C LEU B 230 -16.87 -0.39 -27.42
N GLN B 231 -17.57 0.40 -26.61
CA GLN B 231 -16.90 1.29 -25.66
C GLN B 231 -16.04 0.49 -24.69
N GLY B 232 -14.80 0.95 -24.50
CA GLY B 232 -13.83 0.24 -23.71
C GLY B 232 -12.89 -0.64 -24.51
N LEU B 233 -13.23 -0.94 -25.75
CA LEU B 233 -12.44 -1.80 -26.63
C LEU B 233 -11.96 -0.99 -27.84
N GLY B 234 -11.20 -1.66 -28.71
CA GLY B 234 -10.78 -1.09 -29.97
C GLY B 234 -10.02 0.21 -29.89
N ALA B 235 -8.84 0.18 -29.26
CA ALA B 235 -8.04 1.40 -29.13
C ALA B 235 -7.50 1.87 -30.48
N GLY B 236 -7.54 1.03 -31.51
CA GLY B 236 -6.98 1.38 -32.79
C GLY B 236 -5.49 1.15 -32.91
N PHE B 237 -4.84 0.66 -31.86
CA PHE B 237 -3.42 0.36 -31.89
C PHE B 237 -3.17 -0.81 -30.95
N ILE B 238 -1.92 -1.25 -30.90
CA ILE B 238 -1.50 -2.33 -30.01
C ILE B 238 -0.85 -1.69 -28.78
N PRO B 239 -1.46 -1.75 -27.61
CA PRO B 239 -0.89 -1.09 -26.44
C PRO B 239 0.30 -1.84 -25.88
N GLY B 240 1.24 -1.08 -25.34
CA GLY B 240 2.37 -1.67 -24.65
C GLY B 240 1.97 -2.49 -23.44
N THR B 241 0.78 -2.25 -22.90
CA THR B 241 0.26 -3.03 -21.78
C THR B 241 -0.36 -4.34 -22.20
N LEU B 242 -0.51 -4.60 -23.50
CA LEU B 242 -1.01 -5.87 -23.99
C LEU B 242 0.15 -6.81 -24.31
N ASN B 243 0.09 -8.02 -23.77
CA ASN B 243 1.03 -9.08 -24.11
C ASN B 243 0.46 -9.82 -25.32
N THR B 244 0.99 -9.53 -26.51
CA THR B 244 0.49 -10.16 -27.72
C THR B 244 0.79 -11.65 -27.81
N GLU B 245 1.47 -12.21 -26.82
CA GLU B 245 1.74 -13.64 -26.77
C GLU B 245 0.83 -14.38 -25.81
N ILE B 246 -0.10 -13.69 -25.15
CA ILE B 246 -0.89 -14.34 -24.11
C ILE B 246 -2.11 -15.05 -24.68
N TYR B 247 -2.68 -14.53 -25.77
CA TYR B 247 -3.91 -15.08 -26.32
C TYR B 247 -3.61 -16.04 -27.47
N ASP B 248 -4.36 -17.14 -27.50
CA ASP B 248 -4.18 -18.16 -28.54
C ASP B 248 -5.10 -17.95 -29.74
N SER B 249 -6.16 -17.17 -29.59
CA SER B 249 -7.06 -16.86 -30.69
C SER B 249 -7.76 -15.54 -30.41
N ILE B 250 -8.45 -15.02 -31.42
CA ILE B 250 -9.16 -13.76 -31.34
C ILE B 250 -10.58 -13.97 -31.85
N ILE B 251 -11.56 -13.40 -31.14
CA ILE B 251 -12.94 -13.40 -31.58
C ILE B 251 -13.36 -11.95 -31.82
N LYS B 252 -13.71 -11.63 -33.06
CA LYS B 252 -14.23 -10.32 -33.41
C LYS B 252 -15.75 -10.31 -33.23
N VAL B 253 -16.27 -9.20 -32.72
CA VAL B 253 -17.69 -9.05 -32.45
C VAL B 253 -18.20 -7.79 -33.13
N GLY B 254 -19.39 -7.90 -33.75
CA GLY B 254 -19.99 -6.75 -34.38
C GLY B 254 -20.64 -5.80 -33.38
N ASN B 255 -20.94 -4.58 -33.86
CA ASN B 255 -21.53 -3.58 -32.99
C ASN B 255 -22.90 -4.01 -32.50
N ASP B 256 -23.72 -4.58 -33.39
CA ASP B 256 -25.09 -4.91 -33.04
C ASP B 256 -25.21 -6.22 -32.28
N THR B 257 -24.32 -7.18 -32.55
CA THR B 257 -24.37 -8.44 -31.81
C THR B 257 -24.01 -8.24 -30.34
N ALA B 258 -23.00 -7.42 -30.07
CA ALA B 258 -22.67 -7.08 -28.68
C ALA B 258 -23.82 -6.35 -28.02
N MET B 259 -24.42 -5.40 -28.74
CA MET B 259 -25.59 -4.68 -28.22
C MET B 259 -26.73 -5.64 -27.91
N GLU B 260 -27.08 -6.50 -28.87
CA GLU B 260 -28.16 -7.45 -28.66
C GLU B 260 -27.86 -8.41 -27.52
N MET B 261 -26.59 -8.75 -27.31
CA MET B 261 -26.25 -9.67 -26.23
C MET B 261 -26.42 -9.00 -24.87
N SER B 262 -26.06 -7.72 -24.76
CA SER B 262 -26.25 -7.02 -23.50
C SER B 262 -27.72 -6.92 -23.14
N ARG B 263 -28.59 -6.69 -24.13
CA ARG B 263 -30.02 -6.59 -23.85
C ARG B 263 -30.60 -7.94 -23.44
N ARG B 264 -30.17 -9.02 -24.10
CA ARG B 264 -30.62 -10.35 -23.72
C ARG B 264 -30.17 -10.73 -22.31
N VAL B 265 -28.94 -10.36 -21.95
CA VAL B 265 -28.42 -10.72 -20.64
C VAL B 265 -29.12 -9.94 -19.54
N ALA B 266 -29.42 -8.66 -19.80
CA ALA B 266 -30.12 -7.86 -18.81
C ALA B 266 -31.53 -8.38 -18.58
N LYS B 267 -32.23 -8.77 -19.66
CA LYS B 267 -33.61 -9.21 -19.53
C LYS B 267 -33.72 -10.63 -19.01
N GLU B 268 -32.86 -11.53 -19.47
CA GLU B 268 -33.00 -12.95 -19.17
C GLU B 268 -32.16 -13.42 -17.98
N GLU B 269 -31.13 -12.67 -17.59
CA GLU B 269 -30.31 -13.05 -16.45
C GLU B 269 -30.31 -12.01 -15.32
N GLY B 270 -30.86 -10.82 -15.56
CA GLY B 270 -30.82 -9.79 -14.54
C GLY B 270 -29.46 -9.15 -14.34
N ILE B 271 -28.56 -9.32 -15.30
CA ILE B 271 -27.21 -8.76 -15.22
C ILE B 271 -27.15 -7.60 -16.23
N LEU B 272 -27.16 -6.37 -15.72
CA LEU B 272 -27.17 -5.18 -16.54
C LEU B 272 -25.74 -4.67 -16.67
N ALA B 273 -25.14 -4.85 -17.84
CA ALA B 273 -23.74 -4.53 -18.05
C ALA B 273 -23.57 -3.75 -19.35
N GLY B 274 -22.36 -3.22 -19.54
CA GLY B 274 -22.07 -2.39 -20.69
C GLY B 274 -22.03 -3.17 -21.99
N ILE B 275 -21.71 -2.45 -23.07
CA ILE B 275 -21.70 -3.06 -24.39
C ILE B 275 -20.51 -4.00 -24.55
N SER B 276 -19.36 -3.64 -23.98
CA SER B 276 -18.20 -4.52 -24.05
C SER B 276 -18.45 -5.82 -23.30
N SER B 277 -19.30 -5.80 -22.28
CA SER B 277 -19.69 -7.03 -21.61
C SER B 277 -20.57 -7.89 -22.51
N GLY B 278 -21.43 -7.24 -23.30
CA GLY B 278 -22.19 -7.98 -24.29
C GLY B 278 -21.30 -8.59 -25.36
N ALA B 279 -20.25 -7.86 -25.76
CA ALA B 279 -19.27 -8.43 -26.67
C ALA B 279 -18.54 -9.61 -26.01
N ALA B 280 -18.19 -9.46 -24.74
CA ALA B 280 -17.49 -10.53 -24.03
C ALA B 280 -18.39 -11.75 -23.87
N ILE B 281 -19.66 -11.53 -23.50
CA ILE B 281 -20.56 -12.65 -23.29
C ILE B 281 -20.88 -13.34 -24.60
N TYR B 282 -21.07 -12.56 -25.68
CA TYR B 282 -21.34 -13.16 -26.98
C TYR B 282 -20.17 -14.03 -27.44
N ALA B 283 -18.94 -13.56 -27.24
CA ALA B 283 -17.78 -14.36 -27.61
C ALA B 283 -17.64 -15.59 -26.71
N ALA B 284 -17.97 -15.45 -25.43
CA ALA B 284 -17.87 -16.58 -24.51
C ALA B 284 -18.88 -17.66 -24.85
N ILE B 285 -20.06 -17.29 -25.34
CA ILE B 285 -21.06 -18.27 -25.72
C ILE B 285 -20.65 -18.99 -27.00
N GLN B 286 -20.11 -18.24 -27.97
CA GLN B 286 -19.57 -18.86 -29.17
C GLN B 286 -18.50 -19.89 -28.83
N LYS B 287 -17.59 -19.53 -27.92
CA LYS B 287 -16.58 -20.48 -27.46
C LYS B 287 -17.19 -21.61 -26.65
N ALA B 288 -18.26 -21.32 -25.89
CA ALA B 288 -18.92 -22.37 -25.11
C ALA B 288 -19.58 -23.39 -26.02
N LYS B 289 -20.28 -22.91 -27.06
CA LYS B 289 -20.86 -23.83 -28.05
C LYS B 289 -19.78 -24.69 -28.69
N GLU B 290 -18.59 -24.12 -28.89
CA GLU B 290 -17.50 -24.86 -29.51
C GLU B 290 -17.00 -25.99 -28.61
N LEU B 291 -16.97 -25.76 -27.30
CA LEU B 291 -16.44 -26.75 -26.37
C LEU B 291 -17.49 -27.76 -25.93
N GLY B 292 -18.76 -27.36 -25.84
CA GLY B 292 -19.82 -28.28 -25.52
C GLY B 292 -20.01 -28.50 -24.02
N LYS B 293 -21.09 -29.20 -23.70
CA LYS B 293 -21.45 -29.51 -22.32
C LYS B 293 -20.29 -30.16 -21.58
N GLY B 294 -20.13 -29.81 -20.31
CA GLY B 294 -19.09 -30.35 -19.46
C GLY B 294 -17.87 -29.47 -19.33
N LYS B 295 -17.70 -28.46 -20.17
CA LYS B 295 -16.55 -27.58 -20.12
C LYS B 295 -16.90 -26.29 -19.37
N THR B 296 -15.88 -25.49 -19.09
CA THR B 296 -16.03 -24.28 -18.28
C THR B 296 -15.39 -23.10 -18.98
N VAL B 297 -16.17 -22.03 -19.14
CA VAL B 297 -15.74 -20.82 -19.86
C VAL B 297 -15.96 -19.62 -18.94
N VAL B 298 -14.96 -18.73 -18.88
CA VAL B 298 -14.98 -17.58 -17.99
C VAL B 298 -14.63 -16.32 -18.78
N THR B 299 -15.36 -15.24 -18.50
CA THR B 299 -15.06 -13.94 -19.08
C THR B 299 -15.32 -12.86 -18.04
N VAL B 300 -15.09 -11.60 -18.42
CA VAL B 300 -15.14 -10.46 -17.51
C VAL B 300 -16.11 -9.43 -18.06
N LEU B 301 -16.98 -8.91 -17.20
CA LEU B 301 -17.88 -7.82 -17.55
C LEU B 301 -17.34 -6.52 -16.95
N PRO B 302 -16.73 -5.63 -17.75
CA PRO B 302 -15.96 -4.53 -17.15
C PRO B 302 -16.81 -3.43 -16.53
N SER B 303 -18.01 -3.16 -17.04
CA SER B 303 -18.76 -2.01 -16.56
C SER B 303 -20.25 -2.34 -16.49
N ASN B 304 -20.98 -1.48 -15.77
CA ASN B 304 -22.41 -1.62 -15.59
C ASN B 304 -23.17 -0.90 -16.70
N GLY B 305 -24.32 -1.45 -17.07
CA GLY B 305 -25.13 -0.86 -18.12
C GLY B 305 -25.75 0.48 -17.75
N GLU B 306 -25.83 0.79 -16.46
CA GLU B 306 -26.34 2.09 -16.03
C GLU B 306 -25.44 3.23 -16.49
N ARG B 307 -24.15 2.96 -16.70
CA ARG B 307 -23.23 3.97 -17.21
C ARG B 307 -23.49 4.32 -18.67
N TYR B 308 -24.36 3.58 -19.35
CA TYR B 308 -24.57 3.75 -20.79
C TYR B 308 -26.05 3.91 -21.10
N LEU B 309 -26.77 4.63 -20.22
CA LEU B 309 -28.21 4.83 -20.46
C LEU B 309 -28.48 5.83 -21.56
N SER B 310 -27.50 6.65 -21.94
CA SER B 310 -27.66 7.61 -23.02
C SER B 310 -27.02 7.16 -24.33
N THR B 311 -26.40 5.99 -24.35
CA THR B 311 -25.91 5.38 -25.58
C THR B 311 -27.06 4.68 -26.29
N PRO B 312 -26.87 4.25 -27.55
CA PRO B 312 -27.94 3.50 -28.22
C PRO B 312 -28.13 2.10 -27.64
N LEU B 313 -27.34 1.75 -26.62
CA LEU B 313 -27.43 0.43 -26.02
C LEU B 313 -28.77 0.23 -25.32
N TYR B 314 -29.23 1.21 -24.53
CA TYR B 314 -30.46 1.07 -23.76
C TYR B 314 -31.48 2.17 -24.04
N SER B 315 -31.26 2.98 -25.08
CA SER B 315 -32.23 3.99 -25.48
C SER B 315 -33.37 3.37 -26.28
N MET C 9 3.69 -2.40 5.21
CA MET C 9 3.88 -3.73 4.66
C MET C 9 5.19 -4.34 5.14
N ALA C 10 5.25 -4.65 6.44
CA ALA C 10 6.45 -5.16 7.06
C ALA C 10 6.54 -6.68 6.93
N GLN C 11 7.77 -7.18 7.05
CA GLN C 11 8.02 -8.61 7.00
C GLN C 11 7.51 -9.30 8.26
N LYS C 12 7.08 -10.55 8.10
CA LYS C 12 6.59 -11.31 9.24
C LYS C 12 7.76 -11.72 10.15
N PRO C 13 7.50 -11.85 11.45
CA PRO C 13 8.61 -12.13 12.39
C PRO C 13 9.37 -13.41 12.04
N VAL C 14 10.64 -13.44 12.43
CA VAL C 14 11.54 -14.53 12.08
C VAL C 14 12.21 -15.07 13.34
N ASP C 15 12.61 -16.33 13.27
CA ASP C 15 13.27 -16.96 14.42
C ASP C 15 14.72 -16.53 14.55
N ASN C 16 15.38 -16.22 13.44
CA ASN C 16 16.81 -15.91 13.46
C ASN C 16 17.07 -14.70 12.56
N ILE C 17 18.05 -13.89 12.97
CA ILE C 17 18.37 -12.63 12.29
C ILE C 17 18.84 -12.89 10.86
N THR C 18 19.41 -14.07 10.58
CA THR C 18 19.87 -14.39 9.24
C THR C 18 18.74 -14.43 8.22
N GLN C 19 17.50 -14.60 8.69
CA GLN C 19 16.35 -14.74 7.80
C GLN C 19 15.90 -13.42 7.19
N ILE C 20 16.51 -12.29 7.51
CA ILE C 20 16.23 -11.05 6.80
C ILE C 20 17.39 -10.60 5.94
N ILE C 21 18.42 -11.44 5.79
CA ILE C 21 19.46 -11.15 4.80
C ILE C 21 18.86 -11.21 3.42
N GLY C 22 19.19 -10.22 2.59
CA GLY C 22 18.65 -10.15 1.25
C GLY C 22 17.40 -9.32 1.14
N GLY C 23 16.85 -9.29 -0.06
CA GLY C 23 15.66 -8.49 -0.33
C GLY C 23 15.92 -7.00 -0.22
N THR C 24 17.06 -6.54 -0.72
CA THR C 24 17.49 -5.17 -0.55
C THR C 24 16.79 -4.24 -1.53
N PRO C 25 16.56 -3.00 -1.15
CA PRO C 25 15.81 -2.07 -2.02
C PRO C 25 16.70 -1.46 -3.10
N VAL C 26 16.03 -0.78 -4.03
CA VAL C 26 16.68 -0.12 -5.16
C VAL C 26 16.16 1.31 -5.22
N VAL C 27 17.08 2.27 -5.41
CA VAL C 27 16.73 3.68 -5.43
C VAL C 27 17.24 4.29 -6.73
N LYS C 28 16.41 5.12 -7.36
CA LYS C 28 16.78 5.85 -8.56
C LYS C 28 17.54 7.12 -8.19
N LEU C 29 18.65 7.37 -8.87
CA LEU C 29 19.42 8.59 -8.64
C LEU C 29 18.73 9.77 -9.29
N ARG C 30 18.77 10.92 -8.60
CA ARG C 30 18.01 12.10 -9.01
C ARG C 30 18.87 13.28 -9.42
N ASN C 31 19.95 13.57 -8.67
CA ASN C 31 20.68 14.83 -8.82
C ASN C 31 22.08 14.69 -9.37
N VAL C 32 22.79 13.59 -9.06
CA VAL C 32 24.18 13.46 -9.49
C VAL C 32 24.33 13.01 -10.93
N VAL C 33 23.24 12.57 -11.57
CA VAL C 33 23.27 12.14 -12.96
C VAL C 33 22.41 13.09 -13.78
N ASP C 34 22.95 13.55 -14.90
CA ASP C 34 22.27 14.52 -15.74
C ASP C 34 21.02 13.91 -16.38
N ASP C 35 20.01 14.76 -16.64
CA ASP C 35 18.73 14.30 -17.15
C ASP C 35 18.82 13.74 -18.57
N ASN C 36 19.81 14.15 -19.36
CA ASN C 36 19.98 13.63 -20.71
C ASN C 36 20.79 12.35 -20.76
N ALA C 37 21.15 11.79 -19.60
CA ALA C 37 21.78 10.49 -19.50
C ALA C 37 20.76 9.45 -19.08
N ALA C 38 21.16 8.18 -19.14
CA ALA C 38 20.28 7.10 -18.76
C ALA C 38 19.96 7.15 -17.27
N ASP C 39 18.84 6.53 -16.90
CA ASP C 39 18.50 6.39 -15.50
C ASP C 39 19.52 5.50 -14.78
N VAL C 40 19.87 5.88 -13.56
CA VAL C 40 20.82 5.12 -12.76
C VAL C 40 20.09 4.65 -11.49
N TYR C 41 20.05 3.34 -11.30
CA TYR C 41 19.46 2.72 -10.12
C TYR C 41 20.55 2.06 -9.30
N VAL C 42 20.47 2.20 -7.98
CA VAL C 42 21.43 1.62 -7.06
C VAL C 42 20.72 0.69 -6.10
N LYS C 43 21.27 -0.51 -5.92
CA LYS C 43 20.73 -1.50 -4.99
C LYS C 43 21.50 -1.39 -3.68
N LEU C 44 20.78 -1.18 -2.58
CA LEU C 44 21.39 -0.85 -1.29
C LEU C 44 21.69 -2.13 -0.53
N GLU C 45 22.89 -2.65 -0.72
CA GLU C 45 23.28 -3.86 0.00
C GLU C 45 23.67 -3.60 1.45
N TYR C 46 23.85 -2.35 1.85
CA TYR C 46 24.06 -2.07 3.26
C TYR C 46 22.77 -2.18 4.08
N GLN C 47 21.62 -2.34 3.41
CA GLN C 47 20.37 -2.60 4.11
C GLN C 47 20.31 -4.00 4.70
N ASN C 48 21.25 -4.87 4.34
CA ASN C 48 21.36 -6.17 4.98
C ASN C 48 21.56 -5.98 6.48
N PRO C 49 21.05 -6.88 7.31
CA PRO C 49 21.09 -6.67 8.76
C PRO C 49 22.51 -6.51 9.31
N GLY C 50 23.50 -7.16 8.70
CA GLY C 50 24.88 -6.95 9.12
C GLY C 50 25.53 -5.72 8.54
N GLY C 51 24.86 -5.05 7.59
CA GLY C 51 25.30 -3.77 7.09
C GLY C 51 26.07 -3.77 5.80
N SER C 52 26.17 -4.91 5.09
CA SER C 52 26.92 -4.95 3.84
C SER C 52 26.49 -6.18 3.04
N VAL C 53 26.98 -6.22 1.80
CA VAL C 53 26.64 -7.29 0.86
C VAL C 53 27.22 -8.62 1.33
N1 LLP C 54 32.58 -3.12 -1.75
C2 LLP C 54 32.69 -3.53 -0.49
C2' LLP C 54 32.54 -2.50 0.68
C3 LLP C 54 32.92 -4.91 -0.20
O3 LLP C 54 33.02 -5.31 1.15
C4 LLP C 54 33.04 -5.82 -1.22
C4' LLP C 54 33.32 -7.38 -0.89
C5 LLP C 54 32.94 -5.40 -2.51
C6 LLP C 54 32.71 -4.04 -2.79
C5' LLP C 54 33.08 -6.40 -3.70
OP4 LLP C 54 32.02 -7.32 -3.73
P LLP C 54 32.32 -8.71 -4.35
OP1 LLP C 54 33.21 -9.49 -3.40
OP2 LLP C 54 33.00 -8.52 -5.65
OP3 LLP C 54 31.05 -9.45 -4.57
N LLP C 54 28.26 -8.55 2.18
CA LLP C 54 28.96 -9.74 2.66
CB LLP C 54 30.18 -9.33 3.45
CG LLP C 54 31.23 -8.73 2.52
CD LLP C 54 31.35 -9.58 1.24
CE LLP C 54 32.63 -9.19 0.46
NZ LLP C 54 32.71 -7.72 0.36
C LLP C 54 28.08 -10.62 3.50
O LLP C 54 28.42 -11.77 3.74
N ASP C 55 26.96 -10.07 3.97
CA ASP C 55 25.97 -10.85 4.70
C ASP C 55 25.53 -12.07 3.89
N ARG C 56 25.31 -11.86 2.60
CA ARG C 56 24.80 -12.93 1.75
C ARG C 56 25.80 -14.08 1.65
N ILE C 57 27.06 -13.76 1.41
CA ILE C 57 28.05 -14.82 1.21
C ILE C 57 28.49 -15.43 2.54
N ALA C 58 28.41 -14.66 3.64
CA ALA C 58 28.74 -15.23 4.94
C ALA C 58 27.75 -16.32 5.33
N LEU C 59 26.46 -16.08 5.09
CA LEU C 59 25.45 -17.09 5.40
C LEU C 59 25.52 -18.26 4.42
N ALA C 60 25.68 -17.96 3.13
CA ALA C 60 25.70 -19.02 2.13
C ALA C 60 26.89 -19.94 2.31
N MET C 61 28.06 -19.39 2.65
CA MET C 61 29.24 -20.22 2.82
C MET C 61 29.10 -21.13 4.04
N ILE C 62 28.50 -20.61 5.12
CA ILE C 62 28.26 -21.44 6.30
C ILE C 62 27.21 -22.50 6.01
N GLU C 63 26.14 -22.10 5.30
CA GLU C 63 25.07 -23.05 4.98
C GLU C 63 25.56 -24.16 4.07
N LYS C 64 26.44 -23.83 3.12
CA LYS C 64 26.97 -24.86 2.22
C LYS C 64 27.78 -25.90 3.00
N ALA C 65 28.62 -25.44 3.93
CA ALA C 65 29.39 -26.37 4.74
C ALA C 65 28.49 -27.19 5.66
N GLU C 66 27.38 -26.59 6.11
CA GLU C 66 26.43 -27.34 6.93
C GLU C 66 25.74 -28.43 6.10
N ARG C 67 25.29 -28.07 4.90
CA ARG C 67 24.61 -29.04 4.04
C ARG C 67 25.53 -30.18 3.64
N GLU C 68 26.84 -29.93 3.59
CA GLU C 68 27.82 -30.95 3.24
C GLU C 68 28.36 -31.69 4.45
N GLY C 69 28.00 -31.29 5.67
CA GLY C 69 28.48 -31.94 6.86
C GLY C 69 29.90 -31.61 7.24
N LYS C 70 30.50 -30.57 6.66
CA LYS C 70 31.86 -30.21 7.02
C LYS C 70 31.91 -29.53 8.39
N ILE C 71 30.86 -28.82 8.78
CA ILE C 71 30.80 -28.15 10.06
C ILE C 71 29.44 -28.34 10.69
N LYS C 72 29.40 -28.26 12.01
CA LYS C 72 28.18 -28.25 12.80
C LYS C 72 28.30 -27.13 13.82
N PRO C 73 27.17 -26.58 14.28
CA PRO C 73 27.22 -25.51 15.28
C PRO C 73 28.12 -25.86 16.45
N GLY C 74 28.92 -24.89 16.87
CA GLY C 74 29.95 -25.12 17.87
C GLY C 74 31.34 -25.25 17.32
N ASP C 75 31.48 -25.44 16.00
CA ASP C 75 32.79 -25.55 15.38
C ASP C 75 33.42 -24.17 15.21
N THR C 76 34.71 -24.17 14.90
CA THR C 76 35.47 -22.95 14.69
C THR C 76 35.70 -22.74 13.20
N ILE C 77 35.45 -21.52 12.74
CA ILE C 77 35.76 -21.13 11.37
C ILE C 77 36.84 -20.04 11.42
N VAL C 78 37.76 -20.09 10.47
CA VAL C 78 38.87 -19.15 10.41
C VAL C 78 38.95 -18.59 8.99
N GLU C 79 39.20 -17.29 8.89
CA GLU C 79 39.27 -16.63 7.60
C GLU C 79 40.16 -15.39 7.69
N PRO C 80 41.12 -15.23 6.79
CA PRO C 80 41.89 -13.98 6.74
C PRO C 80 41.11 -12.90 6.00
N THR C 81 40.78 -11.83 6.71
CA THR C 81 39.93 -10.79 6.14
C THR C 81 40.20 -9.46 6.82
N SER C 82 40.25 -8.40 6.01
CA SER C 82 40.47 -7.04 6.52
C SER C 82 39.28 -6.14 6.22
N GLY C 83 38.11 -6.71 5.91
CA GLY C 83 36.98 -5.93 5.43
C GLY C 83 35.67 -6.50 5.89
N ASN C 84 34.64 -6.39 5.03
CA ASN C 84 33.27 -6.66 5.44
C ASN C 84 32.97 -8.15 5.55
N THR C 85 33.80 -9.02 4.96
CA THR C 85 33.60 -10.46 5.13
C THR C 85 33.81 -10.86 6.59
N GLY C 86 34.76 -10.22 7.27
CA GLY C 86 34.93 -10.48 8.69
C GLY C 86 33.73 -10.04 9.51
N ILE C 87 33.19 -8.86 9.19
CA ILE C 87 31.98 -8.41 9.88
C ILE C 87 30.81 -9.34 9.57
N GLY C 88 30.67 -9.73 8.30
CA GLY C 88 29.59 -10.62 7.93
C GLY C 88 29.71 -12.00 8.56
N LEU C 89 30.92 -12.54 8.59
CA LEU C 89 31.11 -13.86 9.20
C LEU C 89 30.95 -13.81 10.71
N ALA C 90 31.47 -12.76 11.36
CA ALA C 90 31.25 -12.61 12.79
C ALA C 90 29.77 -12.48 13.11
N PHE C 91 29.04 -11.75 12.28
CA PHE C 91 27.60 -11.60 12.47
C PHE C 91 26.88 -12.93 12.27
N VAL C 92 27.20 -13.64 11.19
CA VAL C 92 26.51 -14.90 10.91
C VAL C 92 26.89 -15.97 11.91
N CYS C 93 28.18 -16.04 12.29
CA CYS C 93 28.63 -17.06 13.23
C CYS C 93 27.94 -16.88 14.59
N ALA C 94 27.78 -15.64 15.04
CA ALA C 94 27.05 -15.40 16.28
C ALA C 94 25.59 -15.80 16.13
N ALA C 95 25.00 -15.56 14.96
CA ALA C 95 23.59 -15.88 14.76
C ALA C 95 23.35 -17.38 14.67
N LYS C 96 24.31 -18.13 14.14
CA LYS C 96 24.15 -19.56 13.92
C LYS C 96 24.96 -20.42 14.88
N GLY C 97 25.67 -19.82 15.82
CA GLY C 97 26.34 -20.59 16.85
C GLY C 97 27.66 -21.18 16.43
N TYR C 98 28.56 -20.35 15.91
CA TYR C 98 29.89 -20.78 15.52
C TYR C 98 30.93 -19.87 16.15
N LYS C 99 32.12 -20.43 16.37
CA LYS C 99 33.26 -19.67 16.85
C LYS C 99 34.01 -19.08 15.66
N ALA C 100 34.18 -17.76 15.66
CA ALA C 100 34.79 -17.06 14.55
C ALA C 100 36.20 -16.62 14.93
N VAL C 101 37.17 -16.97 14.10
CA VAL C 101 38.55 -16.52 14.23
C VAL C 101 38.95 -15.84 12.94
N PHE C 102 39.47 -14.62 13.03
CA PHE C 102 39.90 -13.87 11.87
C PHE C 102 41.34 -13.43 12.05
N THR C 103 42.17 -13.69 11.05
CA THR C 103 43.52 -13.17 11.02
C THR C 103 43.54 -11.89 10.19
N MET C 104 44.32 -10.92 10.65
CA MET C 104 44.42 -9.63 9.98
C MET C 104 45.74 -8.98 10.37
N PRO C 105 46.25 -8.06 9.56
CA PRO C 105 47.44 -7.31 9.97
C PRO C 105 47.16 -6.50 11.23
N GLU C 106 48.19 -6.33 12.04
CA GLU C 106 48.08 -5.58 13.29
C GLU C 106 47.75 -4.12 13.03
N THR C 107 47.67 -3.74 11.75
CA THR C 107 47.41 -2.37 11.35
C THR C 107 45.93 -2.02 11.34
N MET C 108 45.04 -2.97 11.67
CA MET C 108 43.62 -2.69 11.62
C MET C 108 43.22 -1.71 12.72
N SER C 109 42.15 -0.96 12.47
CA SER C 109 41.71 0.07 13.40
C SER C 109 41.07 -0.56 14.64
N GLN C 110 41.15 0.18 15.75
CA GLN C 110 40.52 -0.28 16.98
C GLN C 110 39.01 -0.32 16.85
N GLU C 111 38.44 0.58 16.04
CA GLU C 111 36.99 0.58 15.83
C GLU C 111 36.54 -0.70 15.13
N ARG C 112 37.37 -1.22 14.22
CA ARG C 112 37.05 -2.48 13.55
C ARG C 112 37.17 -3.65 14.51
N ARG C 113 38.22 -3.66 15.33
CA ARG C 113 38.37 -4.73 16.32
C ARG C 113 37.18 -4.78 17.26
N ASN C 114 36.69 -3.61 17.68
CA ASN C 114 35.54 -3.57 18.58
C ASN C 114 34.29 -4.15 17.92
N LEU C 115 34.09 -3.85 16.64
CA LEU C 115 32.94 -4.38 15.92
C LEU C 115 32.98 -5.90 15.84
N LEU C 116 34.14 -6.45 15.46
CA LEU C 116 34.26 -7.90 15.35
C LEU C 116 34.14 -8.57 16.70
N LYS C 117 34.73 -7.97 17.74
CA LYS C 117 34.67 -8.56 19.07
C LYS C 117 33.28 -8.45 19.67
N ALA C 118 32.49 -7.44 19.26
CA ALA C 118 31.14 -7.31 19.79
C ALA C 118 30.27 -8.50 19.39
N TYR C 119 30.59 -9.16 18.28
CA TYR C 119 29.94 -10.39 17.88
C TYR C 119 30.56 -11.62 18.54
N GLY C 120 31.61 -11.45 19.33
CA GLY C 120 32.28 -12.55 19.98
C GLY C 120 33.44 -13.16 19.22
N ALA C 121 33.79 -12.60 18.06
CA ALA C 121 34.86 -13.16 17.24
C ALA C 121 36.22 -12.96 17.90
N GLU C 122 37.11 -13.92 17.66
CA GLU C 122 38.48 -13.82 18.11
C GLU C 122 39.34 -13.23 17.00
N LEU C 123 40.26 -12.34 17.40
CA LEU C 123 41.12 -11.64 16.45
C LEU C 123 42.57 -12.10 16.61
N VAL C 124 43.22 -12.36 15.49
CA VAL C 124 44.60 -12.81 15.44
C VAL C 124 45.37 -11.80 14.60
N LEU C 125 46.21 -11.00 15.25
CA LEU C 125 46.94 -9.95 14.56
C LEU C 125 48.27 -10.48 14.03
N THR C 126 48.52 -10.24 12.75
CA THR C 126 49.72 -10.67 12.08
C THR C 126 50.64 -9.48 11.82
N PRO C 127 51.93 -9.72 11.56
CA PRO C 127 52.87 -8.61 11.33
C PRO C 127 52.35 -7.62 10.30
N GLY C 128 52.34 -6.34 10.68
CA GLY C 128 51.79 -5.31 9.81
C GLY C 128 52.55 -5.15 8.51
N SER C 129 53.86 -5.43 8.51
CA SER C 129 54.63 -5.37 7.29
C SER C 129 54.26 -6.47 6.31
N GLU C 130 53.64 -7.55 6.79
CA GLU C 130 53.26 -8.67 5.95
C GLU C 130 51.93 -8.46 5.24
N ALA C 131 51.15 -7.46 5.66
CA ALA C 131 49.85 -7.15 5.05
C ALA C 131 48.96 -8.39 5.04
N MET C 132 48.30 -8.67 3.91
CA MET C 132 47.38 -9.80 3.86
C MET C 132 48.09 -11.13 3.63
N LYS C 133 49.32 -11.10 3.12
CA LYS C 133 50.10 -12.32 2.97
C LYS C 133 50.33 -12.98 4.32
N GLY C 134 50.60 -12.18 5.35
CA GLY C 134 50.80 -12.74 6.68
C GLY C 134 49.52 -13.27 7.28
N ALA C 135 48.39 -12.59 7.05
CA ALA C 135 47.12 -13.06 7.56
C ALA C 135 46.69 -14.35 6.88
N ILE C 136 46.96 -14.47 5.57
CA ILE C 136 46.67 -15.71 4.86
C ILE C 136 47.54 -16.84 5.40
N LYS C 137 48.82 -16.54 5.65
CA LYS C 137 49.73 -17.56 6.17
C LYS C 137 49.29 -18.06 7.54
N LYS C 138 48.94 -17.14 8.44
CA LYS C 138 48.49 -17.54 9.78
C LYS C 138 47.21 -18.34 9.71
N ALA C 139 46.25 -17.93 8.86
CA ALA C 139 45.00 -18.64 8.76
C ALA C 139 45.22 -20.07 8.29
N LYS C 140 46.08 -20.26 7.30
CA LYS C 140 46.40 -21.60 6.84
C LYS C 140 47.05 -22.43 7.94
N GLU C 141 47.94 -21.80 8.73
CA GLU C 141 48.60 -22.51 9.82
C GLU C 141 47.58 -23.04 10.83
N LEU C 142 46.69 -22.18 11.31
CA LEU C 142 45.69 -22.61 12.28
C LEU C 142 44.75 -23.64 11.69
N LYS C 143 44.41 -23.50 10.40
CA LYS C 143 43.57 -24.49 9.73
C LYS C 143 44.24 -25.86 9.71
N GLU C 144 45.54 -25.90 9.44
CA GLU C 144 46.23 -27.19 9.33
C GLU C 144 46.43 -27.82 10.69
N GLU C 145 46.82 -27.03 11.69
CA GLU C 145 47.22 -27.59 12.98
C GLU C 145 46.02 -27.98 13.84
N HIS C 146 44.89 -27.30 13.69
CA HIS C 146 43.74 -27.54 14.55
C HIS C 146 42.47 -27.97 13.82
N GLY C 147 42.44 -27.89 12.50
CA GLY C 147 41.30 -28.39 11.76
C GLY C 147 40.13 -27.43 11.63
N TYR C 148 40.37 -26.13 11.81
CA TYR C 148 39.32 -25.15 11.64
C TYR C 148 38.89 -25.07 10.17
N PHE C 149 37.62 -24.74 9.96
CA PHE C 149 37.08 -24.63 8.62
C PHE C 149 37.35 -23.24 8.05
N GLU C 150 37.96 -23.19 6.88
CA GLU C 150 38.26 -21.92 6.22
C GLU C 150 37.29 -21.71 5.06
N PRO C 151 36.40 -20.72 5.14
CA PRO C 151 35.45 -20.49 4.03
C PRO C 151 36.12 -20.17 2.70
N GLN C 152 37.26 -19.47 2.72
CA GLN C 152 37.96 -19.05 1.51
C GLN C 152 37.04 -18.24 0.60
N GLN C 153 36.87 -16.95 0.90
CA GLN C 153 35.90 -16.13 0.20
C GLN C 153 36.24 -15.93 -1.27
N PHE C 154 37.49 -16.13 -1.67
CA PHE C 154 37.91 -15.92 -3.05
C PHE C 154 37.86 -17.18 -3.88
N GLU C 155 37.48 -18.32 -3.30
CA GLU C 155 37.44 -19.59 -4.03
C GLU C 155 36.10 -20.30 -3.85
N ASN C 156 35.45 -20.07 -2.73
CA ASN C 156 34.22 -20.79 -2.38
C ASN C 156 33.13 -20.46 -3.38
N PRO C 157 32.62 -21.44 -4.14
CA PRO C 157 31.58 -21.15 -5.14
C PRO C 157 30.25 -20.73 -4.55
N ALA C 158 30.04 -20.93 -3.24
CA ALA C 158 28.82 -20.44 -2.60
C ALA C 158 28.75 -18.92 -2.63
N ASN C 159 29.89 -18.24 -2.75
CA ASN C 159 29.90 -16.78 -2.83
C ASN C 159 29.22 -16.31 -4.11
N PRO C 160 29.68 -16.66 -5.32
CA PRO C 160 28.95 -16.22 -6.52
C PRO C 160 27.60 -16.90 -6.69
N GLU C 161 27.39 -18.05 -6.04
CA GLU C 161 26.13 -18.76 -6.19
C GLU C 161 24.99 -18.03 -5.47
N VAL C 162 25.26 -17.47 -4.30
CA VAL C 162 24.20 -16.79 -3.56
C VAL C 162 23.73 -15.54 -4.30
N HIS C 163 24.61 -14.88 -5.04
CA HIS C 163 24.17 -13.77 -5.89
C HIS C 163 23.38 -14.29 -7.07
N GLU C 164 23.72 -15.48 -7.56
CA GLU C 164 22.95 -16.11 -8.62
C GLU C 164 21.56 -16.53 -8.11
N LEU C 165 21.44 -16.85 -6.83
CA LEU C 165 20.17 -17.35 -6.29
C LEU C 165 19.32 -16.26 -5.67
N THR C 166 19.92 -15.17 -5.17
CA THR C 166 19.18 -14.14 -4.45
C THR C 166 19.36 -12.77 -5.09
N THR C 167 20.57 -12.21 -5.08
CA THR C 167 20.76 -10.84 -5.54
C THR C 167 20.29 -10.66 -6.98
N GLY C 168 20.66 -11.58 -7.86
CA GLY C 168 20.24 -11.55 -9.24
C GLY C 168 18.73 -11.60 -9.40
N PRO C 169 18.11 -12.68 -8.93
CA PRO C 169 16.65 -12.79 -9.02
C PRO C 169 15.90 -11.63 -8.38
N GLU C 170 16.46 -11.04 -7.31
CA GLU C 170 15.86 -9.84 -6.74
C GLU C 170 15.79 -8.72 -7.77
N LEU C 171 16.86 -8.53 -8.54
CA LEU C 171 16.89 -7.46 -9.53
C LEU C 171 15.93 -7.75 -10.68
N LEU C 172 15.78 -9.03 -11.04
CA LEU C 172 14.81 -9.39 -12.08
C LEU C 172 13.40 -9.01 -11.67
N GLN C 173 13.00 -9.39 -10.46
CA GLN C 173 11.69 -9.00 -9.95
C GLN C 173 11.60 -7.49 -9.80
N GLN C 174 12.66 -6.85 -9.32
CA GLN C 174 12.65 -5.42 -9.10
C GLN C 174 12.52 -4.64 -10.41
N PHE C 175 13.01 -5.20 -11.52
CA PHE C 175 12.93 -4.54 -12.81
C PHE C 175 11.99 -5.27 -13.77
N GLU C 176 10.93 -5.86 -13.23
CA GLU C 176 9.86 -6.39 -14.07
C GLU C 176 9.19 -5.24 -14.81
N GLY C 177 8.98 -5.43 -16.12
CA GLY C 177 8.40 -4.40 -16.94
C GLY C 177 9.38 -3.37 -17.47
N LYS C 178 10.68 -3.55 -17.21
CA LYS C 178 11.70 -2.65 -17.72
C LYS C 178 12.86 -3.49 -18.25
N THR C 179 13.66 -2.89 -19.11
CA THR C 179 14.86 -3.51 -19.66
C THR C 179 16.09 -2.88 -19.02
N ILE C 180 16.97 -3.72 -18.50
CA ILE C 180 18.24 -3.25 -17.96
C ILE C 180 19.27 -3.27 -19.09
N ASP C 181 19.77 -2.08 -19.44
CA ASP C 181 20.71 -1.96 -20.55
C ASP C 181 22.16 -2.20 -20.14
N ALA C 182 22.49 -2.04 -18.87
CA ALA C 182 23.84 -2.27 -18.40
C ALA C 182 23.83 -2.47 -16.89
N PHE C 183 24.63 -3.41 -16.42
CA PHE C 183 24.85 -3.64 -15.00
C PHE C 183 26.34 -3.51 -14.70
N LEU C 184 26.65 -2.78 -13.63
CA LEU C 184 28.03 -2.56 -13.21
C LEU C 184 28.17 -2.91 -11.73
N ALA C 185 29.36 -3.38 -11.35
CA ALA C 185 29.63 -3.74 -9.97
C ALA C 185 31.12 -3.77 -9.75
N GLY C 186 31.57 -3.17 -8.65
CA GLY C 186 32.96 -3.28 -8.26
C GLY C 186 33.32 -4.72 -7.94
N VAL C 187 34.55 -5.10 -8.26
CA VAL C 187 35.00 -6.48 -8.11
C VAL C 187 35.92 -6.56 -6.90
N GLY C 188 35.46 -7.22 -5.85
CA GLY C 188 36.32 -7.58 -4.74
C GLY C 188 36.68 -9.04 -4.86
N THR C 189 35.75 -9.91 -4.45
CA THR C 189 35.85 -11.33 -4.78
C THR C 189 35.29 -11.63 -6.16
N GLY C 190 34.54 -10.70 -6.76
CA GLY C 190 33.87 -10.94 -8.02
C GLY C 190 32.58 -11.72 -7.91
N GLY C 191 32.14 -12.05 -6.69
CA GLY C 191 30.92 -12.84 -6.55
C GLY C 191 29.67 -12.07 -6.98
N THR C 192 29.60 -10.78 -6.64
CA THR C 192 28.42 -9.99 -7.01
C THR C 192 28.29 -9.87 -8.51
N LEU C 193 29.37 -9.47 -9.20
CA LEU C 193 29.32 -9.33 -10.65
C LEU C 193 29.04 -10.66 -11.33
N SER C 194 29.69 -11.74 -10.85
CA SER C 194 29.51 -13.04 -11.48
C SER C 194 28.10 -13.57 -11.29
N GLY C 195 27.61 -13.56 -10.04
CA GLY C 195 26.30 -14.13 -9.77
C GLY C 195 25.16 -13.32 -10.34
N VAL C 196 25.27 -11.99 -10.29
CA VAL C 196 24.20 -11.14 -10.81
C VAL C 196 24.27 -11.05 -12.33
N GLY C 197 25.48 -10.90 -12.87
CA GLY C 197 25.63 -10.78 -14.32
C GLY C 197 25.17 -12.03 -15.05
N LYS C 198 25.37 -13.19 -14.46
CA LYS C 198 24.88 -14.43 -15.05
C LYS C 198 23.36 -14.43 -15.14
N VAL C 199 22.68 -14.02 -14.06
CA VAL C 199 21.23 -14.01 -14.04
C VAL C 199 20.70 -12.95 -15.01
N LEU C 200 21.34 -11.79 -15.06
CA LEU C 200 20.82 -10.69 -15.86
C LEU C 200 20.97 -10.95 -17.35
N LYS C 201 22.09 -11.54 -17.76
CA LYS C 201 22.32 -11.80 -19.19
C LYS C 201 21.33 -12.81 -19.74
N LYS C 202 20.83 -13.71 -18.90
CA LYS C 202 19.88 -14.70 -19.37
C LYS C 202 18.50 -14.08 -19.65
N GLU C 203 18.11 -13.09 -18.85
CA GLU C 203 16.83 -12.42 -19.05
C GLU C 203 16.93 -11.23 -19.99
N TYR C 204 18.07 -10.53 -19.99
CA TYR C 204 18.33 -9.40 -20.87
C TYR C 204 19.56 -9.75 -21.71
N PRO C 205 19.37 -10.42 -22.85
CA PRO C 205 20.54 -10.91 -23.62
C PRO C 205 21.35 -9.80 -24.29
N ASN C 206 20.88 -8.55 -24.26
CA ASN C 206 21.64 -7.44 -24.82
C ASN C 206 22.30 -6.59 -23.76
N ILE C 207 22.22 -6.98 -22.48
CA ILE C 207 22.78 -6.18 -21.41
C ILE C 207 24.29 -6.17 -21.49
N GLU C 208 24.90 -5.08 -21.04
CA GLU C 208 26.34 -4.97 -20.90
C GLU C 208 26.71 -5.18 -19.44
N ILE C 209 27.63 -6.11 -19.19
CA ILE C 209 28.14 -6.38 -17.85
C ILE C 209 29.50 -5.71 -17.74
N VAL C 210 29.63 -4.81 -16.77
CA VAL C 210 30.83 -3.99 -16.62
C VAL C 210 31.44 -4.26 -15.26
N ALA C 211 32.70 -4.70 -15.26
CA ALA C 211 33.49 -4.83 -14.04
C ALA C 211 34.13 -3.49 -13.70
N ILE C 212 34.15 -3.17 -12.40
CA ILE C 212 34.76 -1.96 -11.89
C ILE C 212 35.94 -2.35 -11.00
N GLU C 213 37.09 -1.73 -11.25
CA GLU C 213 38.27 -2.00 -10.44
C GLU C 213 39.02 -0.69 -10.20
N PRO C 214 39.93 -0.64 -9.23
CA PRO C 214 40.66 0.61 -8.99
C PRO C 214 41.65 0.92 -10.11
N GLU C 215 41.78 2.21 -10.41
CA GLU C 215 42.81 2.65 -11.34
C GLU C 215 44.21 2.33 -10.81
N ALA C 216 44.39 2.38 -9.49
CA ALA C 216 45.68 2.12 -8.86
C ALA C 216 46.01 0.64 -8.75
N SER C 217 45.05 -0.25 -9.02
CA SER C 217 45.33 -1.68 -9.04
C SER C 217 44.53 -2.36 -10.15
N PRO C 218 44.78 -2.01 -11.42
CA PRO C 218 43.92 -2.53 -12.52
C PRO C 218 44.36 -3.90 -13.01
N VAL C 219 44.17 -4.91 -12.16
CA VAL C 219 44.60 -6.26 -12.50
C VAL C 219 43.72 -6.87 -13.57
N LEU C 220 42.40 -6.60 -13.50
CA LEU C 220 41.49 -7.13 -14.51
C LEU C 220 41.81 -6.55 -15.89
N SER C 221 42.19 -5.28 -15.95
CA SER C 221 42.53 -4.64 -17.21
C SER C 221 43.89 -5.04 -17.74
N GLY C 222 44.66 -5.83 -16.98
CA GLY C 222 45.98 -6.28 -17.40
C GLY C 222 47.14 -5.61 -16.72
N GLY C 223 46.89 -4.68 -15.80
CA GLY C 223 47.95 -3.95 -15.14
C GLY C 223 48.49 -4.68 -13.93
N GLU C 224 49.42 -4.01 -13.24
CA GLU C 224 50.10 -4.52 -12.06
C GLU C 224 49.29 -4.24 -10.80
N PRO C 225 49.36 -5.12 -9.81
CA PRO C 225 48.77 -4.82 -8.51
C PRO C 225 49.51 -3.68 -7.83
N GLY C 226 48.77 -2.85 -7.11
CA GLY C 226 49.34 -1.72 -6.43
C GLY C 226 48.45 -1.24 -5.30
N PRO C 227 48.98 -0.36 -4.45
CA PRO C 227 48.18 0.17 -3.35
C PRO C 227 47.07 1.07 -3.85
N HIS C 228 45.94 1.03 -3.15
CA HIS C 228 44.78 1.82 -3.55
C HIS C 228 43.90 2.01 -2.32
N LYS C 229 42.84 2.80 -2.49
CA LYS C 229 41.96 3.18 -1.40
C LYS C 229 40.51 2.75 -1.63
N LEU C 230 40.20 2.07 -2.73
CA LEU C 230 38.84 1.61 -2.99
C LEU C 230 38.58 0.39 -2.12
N GLN C 231 38.23 0.64 -0.86
CA GLN C 231 38.03 -0.42 0.11
C GLN C 231 36.94 -1.37 -0.37
N GLY C 232 37.26 -2.66 -0.37
CA GLY C 232 36.37 -3.69 -0.88
C GLY C 232 36.67 -4.15 -2.29
N LEU C 233 37.47 -3.39 -3.04
CA LEU C 233 37.87 -3.75 -4.39
C LEU C 233 39.38 -3.99 -4.44
N GLY C 234 39.87 -4.28 -5.64
CA GLY C 234 41.30 -4.38 -5.89
C GLY C 234 42.02 -5.39 -5.01
N ALA C 235 41.66 -6.67 -5.16
CA ALA C 235 42.34 -7.71 -4.39
C ALA C 235 43.76 -7.97 -4.87
N GLY C 236 44.09 -7.55 -6.09
CA GLY C 236 45.42 -7.75 -6.64
C GLY C 236 45.64 -9.06 -7.36
N PHE C 237 44.58 -9.80 -7.66
CA PHE C 237 44.69 -11.07 -8.37
C PHE C 237 43.34 -11.40 -8.99
N ILE C 238 43.29 -12.50 -9.73
CA ILE C 238 42.05 -13.00 -10.32
C ILE C 238 41.42 -13.97 -9.31
N PRO C 239 40.33 -13.59 -8.65
CA PRO C 239 39.72 -14.50 -7.68
C PRO C 239 39.10 -15.70 -8.37
N GLY C 240 39.18 -16.87 -7.72
CA GLY C 240 38.49 -18.05 -8.21
C GLY C 240 36.98 -17.94 -8.19
N THR C 241 36.44 -16.95 -7.48
CA THR C 241 35.01 -16.69 -7.45
C THR C 241 34.57 -15.71 -8.51
N LEU C 242 35.49 -15.24 -9.35
CA LEU C 242 35.19 -14.27 -10.39
C LEU C 242 35.15 -14.96 -11.74
N ASN C 243 33.98 -14.91 -12.39
CA ASN C 243 33.84 -15.39 -13.76
C ASN C 243 34.43 -14.33 -14.68
N THR C 244 35.64 -14.58 -15.17
CA THR C 244 36.31 -13.62 -16.04
C THR C 244 35.61 -13.44 -17.39
N GLU C 245 34.67 -14.31 -17.73
CA GLU C 245 33.95 -14.23 -19.00
C GLU C 245 32.63 -13.47 -18.89
N ILE C 246 32.25 -13.01 -17.70
CA ILE C 246 30.91 -12.46 -17.54
C ILE C 246 30.85 -10.99 -17.95
N TYR C 247 31.92 -10.23 -17.77
CA TYR C 247 31.89 -8.81 -18.06
C TYR C 247 32.29 -8.54 -19.50
N ASP C 248 31.60 -7.59 -20.13
CA ASP C 248 31.91 -7.18 -21.49
C ASP C 248 32.92 -6.05 -21.56
N SER C 249 33.17 -5.36 -20.45
CA SER C 249 34.11 -4.25 -20.43
C SER C 249 34.51 -3.97 -18.98
N ILE C 250 35.51 -3.10 -18.82
CA ILE C 250 36.06 -2.76 -17.51
C ILE C 250 36.14 -1.24 -17.41
N ILE C 251 35.76 -0.71 -16.25
CA ILE C 251 35.92 0.71 -15.94
C ILE C 251 36.83 0.84 -14.74
N LYS C 252 37.93 1.56 -14.89
CA LYS C 252 38.84 1.84 -13.80
C LYS C 252 38.46 3.15 -13.13
N VAL C 253 38.55 3.18 -11.80
CA VAL C 253 38.15 4.35 -11.01
C VAL C 253 39.31 4.74 -10.11
N GLY C 254 39.66 6.04 -10.12
CA GLY C 254 40.67 6.55 -9.22
C GLY C 254 40.17 6.67 -7.79
N ASN C 255 41.12 6.82 -6.87
CA ASN C 255 40.79 6.93 -5.46
C ASN C 255 40.01 8.21 -5.16
N ASP C 256 40.53 9.35 -5.62
CA ASP C 256 39.86 10.63 -5.38
C ASP C 256 38.50 10.68 -6.06
N THR C 257 38.39 10.10 -7.25
CA THR C 257 37.15 10.14 -8.01
C THR C 257 36.01 9.44 -7.26
N ALA C 258 36.30 8.28 -6.68
CA ALA C 258 35.28 7.54 -5.94
C ALA C 258 34.88 8.26 -4.66
N MET C 259 35.87 8.79 -3.92
CA MET C 259 35.58 9.42 -2.65
C MET C 259 34.71 10.66 -2.82
N GLU C 260 35.02 11.49 -3.82
CA GLU C 260 34.22 12.69 -4.04
C GLU C 260 32.81 12.35 -4.49
N MET C 261 32.65 11.26 -5.25
CA MET C 261 31.31 10.85 -5.68
C MET C 261 30.48 10.37 -4.49
N SER C 262 31.11 9.65 -3.55
CA SER C 262 30.39 9.26 -2.34
C SER C 262 29.92 10.48 -1.56
N ARG C 263 30.76 11.52 -1.49
CA ARG C 263 30.35 12.74 -0.81
C ARG C 263 29.21 13.43 -1.54
N ARG C 264 29.29 13.49 -2.87
CA ARG C 264 28.20 14.09 -3.65
C ARG C 264 26.90 13.32 -3.47
N VAL C 265 26.97 11.99 -3.52
CA VAL C 265 25.75 11.19 -3.40
C VAL C 265 25.13 11.34 -2.02
N ALA C 266 25.97 11.38 -0.97
CA ALA C 266 25.45 11.58 0.37
C ALA C 266 24.80 12.95 0.52
N LYS C 267 25.43 13.99 -0.03
CA LYS C 267 24.91 15.34 0.14
C LYS C 267 23.73 15.60 -0.79
N GLU C 268 23.77 15.09 -2.02
CA GLU C 268 22.78 15.44 -3.04
C GLU C 268 21.67 14.40 -3.20
N GLU C 269 21.86 13.18 -2.72
CA GLU C 269 20.82 12.16 -2.77
C GLU C 269 20.38 11.66 -1.40
N GLY C 270 21.11 12.01 -0.33
CA GLY C 270 20.79 11.46 0.97
C GLY C 270 21.15 10.00 1.13
N ILE C 271 22.09 9.51 0.33
CA ILE C 271 22.51 8.12 0.33
C ILE C 271 23.97 8.09 0.78
N LEU C 272 24.20 7.67 2.03
CA LEU C 272 25.52 7.67 2.65
C LEU C 272 26.12 6.27 2.48
N ALA C 273 27.06 6.14 1.55
CA ALA C 273 27.63 4.84 1.20
C ALA C 273 29.15 4.92 1.22
N GLY C 274 29.77 3.75 1.07
CA GLY C 274 31.21 3.63 1.20
C GLY C 274 31.97 4.10 -0.04
N ILE C 275 33.29 3.93 0.04
CA ILE C 275 34.16 4.37 -1.06
C ILE C 275 33.84 3.60 -2.33
N SER C 276 33.66 2.29 -2.22
CA SER C 276 33.41 1.48 -3.41
C SER C 276 32.08 1.81 -4.07
N SER C 277 31.12 2.31 -3.29
CA SER C 277 29.85 2.74 -3.87
C SER C 277 30.03 4.02 -4.68
N GLY C 278 30.88 4.93 -4.20
CA GLY C 278 31.22 6.09 -5.01
C GLY C 278 31.86 5.70 -6.33
N ALA C 279 32.71 4.68 -6.29
CA ALA C 279 33.29 4.15 -7.54
C ALA C 279 32.21 3.51 -8.41
N ALA C 280 31.27 2.80 -7.79
CA ALA C 280 30.19 2.17 -8.55
C ALA C 280 29.28 3.20 -9.19
N ILE C 281 28.99 4.29 -8.47
CA ILE C 281 28.08 5.30 -9.01
C ILE C 281 28.78 6.15 -10.06
N TYR C 282 30.07 6.45 -9.87
CA TYR C 282 30.81 7.20 -10.87
C TYR C 282 30.87 6.46 -12.20
N ALA C 283 31.17 5.15 -12.14
CA ALA C 283 31.23 4.35 -13.36
C ALA C 283 29.85 4.23 -13.99
N ALA C 284 28.81 4.06 -13.17
CA ALA C 284 27.46 3.95 -13.71
C ALA C 284 27.02 5.26 -14.36
N ILE C 285 27.45 6.40 -13.80
CA ILE C 285 27.11 7.68 -14.41
C ILE C 285 27.79 7.82 -15.76
N GLN C 286 29.06 7.44 -15.86
CA GLN C 286 29.76 7.48 -17.14
C GLN C 286 29.10 6.56 -18.16
N LYS C 287 28.69 5.37 -17.73
CA LYS C 287 27.95 4.47 -18.61
C LYS C 287 26.60 5.07 -18.98
N ALA C 288 25.95 5.74 -18.03
CA ALA C 288 24.64 6.34 -18.31
C ALA C 288 24.76 7.50 -19.28
N LYS C 289 25.83 8.31 -19.15
CA LYS C 289 26.08 9.35 -20.15
C LYS C 289 26.28 8.76 -21.53
N GLU C 290 26.86 7.56 -21.60
CA GLU C 290 27.12 6.92 -22.88
C GLU C 290 25.84 6.43 -23.54
N LEU C 291 24.89 5.95 -22.76
CA LEU C 291 23.69 5.32 -23.31
C LEU C 291 22.57 6.31 -23.59
N GLY C 292 22.53 7.44 -22.88
CA GLY C 292 21.56 8.48 -23.16
C GLY C 292 20.20 8.23 -22.55
N LYS C 293 19.32 9.21 -22.75
CA LYS C 293 17.99 9.18 -22.16
C LYS C 293 17.20 7.96 -22.63
N GLY C 294 16.38 7.43 -21.73
CA GLY C 294 15.52 6.30 -22.01
C GLY C 294 16.09 4.96 -21.57
N LYS C 295 17.40 4.83 -21.54
CA LYS C 295 18.03 3.58 -21.15
C LYS C 295 18.12 3.48 -19.62
N THR C 296 18.45 2.28 -19.14
CA THR C 296 18.42 1.98 -17.71
C THR C 296 19.72 1.31 -17.29
N VAL C 297 20.36 1.86 -16.26
CA VAL C 297 21.66 1.40 -15.78
C VAL C 297 21.54 1.07 -14.30
N VAL C 298 22.06 -0.10 -13.91
CA VAL C 298 21.92 -0.61 -12.55
C VAL C 298 23.30 -0.90 -11.98
N THR C 299 23.49 -0.62 -10.69
CA THR C 299 24.71 -0.95 -9.99
C THR C 299 24.38 -1.24 -8.53
N VAL C 300 25.40 -1.57 -7.75
CA VAL C 300 25.25 -2.04 -6.38
C VAL C 300 26.08 -1.17 -5.45
N LEU C 301 25.49 -0.81 -4.30
CA LEU C 301 26.21 -0.13 -3.23
C LEU C 301 26.47 -1.12 -2.10
N PRO C 302 27.71 -1.63 -1.97
CA PRO C 302 27.94 -2.76 -1.07
C PRO C 302 27.93 -2.43 0.43
N SER C 303 28.21 -1.20 0.82
CA SER C 303 28.32 -0.89 2.25
C SER C 303 27.90 0.54 2.52
N ASN C 304 27.73 0.85 3.81
CA ASN C 304 27.23 2.13 4.28
C ASN C 304 28.40 3.05 4.66
N GLY C 305 28.17 4.36 4.48
CA GLY C 305 29.22 5.32 4.76
C GLY C 305 29.54 5.47 6.23
N GLU C 306 28.61 5.11 7.11
CA GLU C 306 28.85 5.20 8.54
C GLU C 306 29.98 4.29 8.99
N ARG C 307 30.24 3.22 8.24
CA ARG C 307 31.36 2.33 8.52
C ARG C 307 32.71 2.94 8.17
N TYR C 308 32.73 4.15 7.60
CA TYR C 308 33.97 4.75 7.10
C TYR C 308 34.19 6.16 7.66
N LEU C 309 33.65 6.46 8.84
CA LEU C 309 33.77 7.80 9.40
C LEU C 309 35.18 8.11 9.91
N SER C 310 36.04 7.11 10.05
CA SER C 310 37.41 7.31 10.50
C SER C 310 38.41 7.27 9.36
N THR C 311 37.95 6.99 8.14
CA THR C 311 38.79 7.00 6.95
C THR C 311 38.72 8.37 6.28
N PRO C 312 39.61 8.66 5.33
CA PRO C 312 39.54 9.97 4.64
C PRO C 312 38.25 10.20 3.87
N LEU C 313 37.37 9.20 3.76
CA LEU C 313 36.15 9.35 2.96
C LEU C 313 35.25 10.46 3.50
N TYR C 314 35.12 10.57 4.82
CA TYR C 314 34.19 11.52 5.40
C TYR C 314 34.84 12.40 6.47
N SER C 315 36.15 12.58 6.42
CA SER C 315 36.83 13.48 7.34
C SER C 315 36.58 14.94 6.97
N MET D 9 12.76 -12.01 -3.22
CA MET D 9 11.68 -11.03 -3.25
C MET D 9 12.13 -9.72 -2.60
N ALA D 10 11.91 -8.62 -3.30
CA ALA D 10 12.34 -7.31 -2.82
C ALA D 10 11.43 -6.24 -3.39
N GLN D 11 11.40 -5.10 -2.70
CA GLN D 11 10.52 -4.00 -3.09
C GLN D 11 10.97 -3.40 -4.43
N LYS D 12 9.98 -2.91 -5.19
CA LYS D 12 10.26 -2.27 -6.46
C LYS D 12 11.07 -0.99 -6.24
N PRO D 13 11.75 -0.51 -7.27
CA PRO D 13 12.61 0.67 -7.10
C PRO D 13 11.81 1.90 -6.71
N VAL D 14 12.37 2.68 -5.80
CA VAL D 14 11.80 3.96 -5.39
C VAL D 14 12.67 5.08 -5.95
N ASP D 15 12.10 6.28 -6.02
CA ASP D 15 12.80 7.42 -6.57
C ASP D 15 13.53 8.24 -5.50
N ASN D 16 13.30 7.97 -4.22
CA ASN D 16 13.95 8.72 -3.15
C ASN D 16 14.21 7.79 -1.99
N ILE D 17 15.35 8.00 -1.32
CA ILE D 17 15.75 7.12 -0.22
C ILE D 17 14.74 7.16 0.92
N THR D 18 14.02 8.27 1.08
CA THR D 18 13.04 8.38 2.16
C THR D 18 11.89 7.38 2.01
N GLN D 19 11.67 6.84 0.81
CA GLN D 19 10.53 5.98 0.56
C GLN D 19 10.71 4.57 1.13
N ILE D 20 11.91 4.20 1.59
CA ILE D 20 12.12 2.91 2.21
C ILE D 20 12.28 3.04 3.72
N ILE D 21 11.97 4.21 4.29
CA ILE D 21 11.89 4.36 5.72
C ILE D 21 10.72 3.55 6.25
N GLY D 22 10.93 2.81 7.33
CA GLY D 22 9.88 2.02 7.94
C GLY D 22 9.84 0.61 7.42
N GLY D 23 8.74 -0.07 7.75
CA GLY D 23 8.56 -1.46 7.38
C GLY D 23 9.65 -2.35 7.95
N THR D 24 9.96 -2.18 9.23
CA THR D 24 11.11 -2.82 9.84
C THR D 24 10.76 -4.24 10.30
N PRO D 25 11.73 -5.16 10.24
CA PRO D 25 11.45 -6.55 10.57
C PRO D 25 11.40 -6.80 12.07
N VAL D 26 10.92 -7.98 12.43
CA VAL D 26 10.81 -8.42 13.82
C VAL D 26 11.51 -9.76 13.96
N VAL D 27 12.29 -9.90 15.03
CA VAL D 27 13.04 -11.13 15.31
C VAL D 27 12.66 -11.63 16.69
N LYS D 28 12.46 -12.94 16.80
CA LYS D 28 12.23 -13.60 18.08
C LYS D 28 13.57 -13.97 18.71
N LEU D 29 13.72 -13.68 19.99
CA LEU D 29 14.96 -14.04 20.68
C LEU D 29 14.94 -15.52 21.07
N ARG D 30 16.12 -16.12 21.05
CA ARG D 30 16.23 -17.57 21.22
C ARG D 30 17.00 -17.97 22.47
N ASN D 31 18.15 -17.36 22.73
CA ASN D 31 19.09 -17.89 23.71
C ASN D 31 19.17 -17.10 25.01
N VAL D 32 18.80 -15.82 25.01
CA VAL D 32 18.88 -14.99 26.21
C VAL D 32 17.56 -14.94 26.97
N VAL D 33 16.55 -15.68 26.52
CA VAL D 33 15.25 -15.73 27.17
C VAL D 33 15.07 -17.11 27.79
N ASP D 34 14.78 -17.13 29.09
CA ASP D 34 14.58 -18.40 29.80
C ASP D 34 13.39 -19.16 29.19
N ASP D 35 13.49 -20.49 29.23
CA ASP D 35 12.49 -21.34 28.57
C ASP D 35 11.12 -21.25 29.23
N ASN D 36 11.03 -20.79 30.49
CA ASN D 36 9.75 -20.64 31.16
C ASN D 36 9.15 -19.25 30.98
N ALA D 37 9.85 -18.35 30.30
CA ALA D 37 9.37 -17.00 30.08
C ALA D 37 8.59 -16.92 28.76
N ALA D 38 7.82 -15.84 28.63
CA ALA D 38 7.08 -15.61 27.39
C ALA D 38 8.04 -15.34 26.23
N ASP D 39 7.53 -15.52 25.03
CA ASP D 39 8.30 -15.17 23.85
C ASP D 39 8.59 -13.67 23.83
N VAL D 40 9.80 -13.31 23.43
CA VAL D 40 10.20 -11.91 23.31
C VAL D 40 10.54 -11.65 21.85
N TYR D 41 9.85 -10.68 21.24
CA TYR D 41 10.10 -10.26 19.87
C TYR D 41 10.67 -8.85 19.87
N VAL D 42 11.57 -8.59 18.95
CA VAL D 42 12.25 -7.29 18.85
C VAL D 42 12.06 -6.74 17.44
N LYS D 43 11.62 -5.49 17.36
CA LYS D 43 11.48 -4.78 16.08
C LYS D 43 12.74 -3.97 15.84
N LEU D 44 13.44 -4.26 14.74
CA LEU D 44 14.74 -3.67 14.45
C LEU D 44 14.53 -2.35 13.73
N GLU D 45 14.51 -1.26 14.50
CA GLU D 45 14.36 0.06 13.90
C GLU D 45 15.65 0.56 13.25
N TYR D 46 16.79 -0.04 13.58
CA TYR D 46 18.02 0.35 12.88
C TYR D 46 18.04 -0.13 11.44
N GLN D 47 17.04 -0.89 11.00
CA GLN D 47 16.91 -1.26 9.59
C GLN D 47 16.35 -0.14 8.75
N ASN D 48 15.91 0.96 9.36
CA ASN D 48 15.59 2.15 8.60
C ASN D 48 16.84 2.61 7.84
N PRO D 49 16.69 3.16 6.63
CA PRO D 49 17.87 3.50 5.82
C PRO D 49 18.86 4.41 6.51
N GLY D 50 18.40 5.31 7.38
CA GLY D 50 19.31 6.15 8.14
C GLY D 50 19.95 5.48 9.33
N GLY D 51 19.44 4.33 9.76
CA GLY D 51 20.07 3.55 10.80
C GLY D 51 19.45 3.63 12.18
N SER D 52 18.28 4.25 12.32
CA SER D 52 17.66 4.36 13.63
C SER D 52 16.17 4.64 13.45
N VAL D 53 15.46 4.64 14.58
CA VAL D 53 14.03 4.88 14.61
C VAL D 53 13.72 6.34 14.27
N1 LLP D 54 16.89 4.85 21.87
C2 LLP D 54 17.56 5.58 20.97
C2' LLP D 54 18.96 5.13 20.47
C3 LLP D 54 16.98 6.78 20.46
O3 LLP D 54 17.69 7.52 19.51
C4 LLP D 54 15.73 7.18 20.89
C4' LLP D 54 15.09 8.54 20.30
C5 LLP D 54 15.06 6.43 21.81
C6 LLP D 54 15.63 5.26 22.31
C5' LLP D 54 13.65 6.87 22.32
OP4 LLP D 54 12.68 6.84 21.29
P LLP D 54 11.48 7.80 21.42
OP1 LLP D 54 11.97 9.25 21.23
OP2 LLP D 54 10.88 7.65 22.76
OP3 LLP D 54 10.47 7.48 20.36
N LLP D 54 14.70 7.21 14.45
CA LLP D 54 14.52 8.66 14.23
CB LLP D 54 15.74 9.40 14.71
CG LLP D 54 15.85 9.28 16.23
CD LLP D 54 14.56 9.78 16.89
CE LLP D 54 14.78 9.91 18.41
NZ LLP D 54 15.44 8.71 18.92
C LLP D 54 14.25 8.97 12.79
O LLP D 54 13.78 10.06 12.49
N ASP D 55 14.55 8.02 11.91
CA ASP D 55 14.22 8.17 10.49
C ASP D 55 12.75 8.51 10.29
N ARG D 56 11.90 7.81 11.02
CA ARG D 56 10.46 7.99 10.88
C ARG D 56 10.04 9.40 11.26
N ILE D 57 10.43 9.85 12.45
CA ILE D 57 9.97 11.16 12.89
C ILE D 57 10.65 12.28 12.09
N ALA D 58 11.89 12.07 11.66
CA ALA D 58 12.57 13.08 10.85
C ALA D 58 11.79 13.34 9.56
N LEU D 59 11.31 12.28 8.92
CA LEU D 59 10.50 12.45 7.71
C LEU D 59 9.15 13.08 8.05
N ALA D 60 8.57 12.72 9.20
CA ALA D 60 7.23 13.20 9.54
C ALA D 60 7.21 14.70 9.78
N MET D 61 8.09 15.19 10.66
CA MET D 61 8.11 16.63 10.95
C MET D 61 8.41 17.46 9.71
N ILE D 62 9.32 16.99 8.86
CA ILE D 62 9.64 17.74 7.65
C ILE D 62 8.45 17.73 6.69
N GLU D 63 7.81 16.57 6.51
CA GLU D 63 6.66 16.49 5.62
C GLU D 63 5.47 17.26 6.18
N LYS D 64 5.32 17.33 7.50
CA LYS D 64 4.22 18.09 8.08
C LYS D 64 4.38 19.58 7.83
N ALA D 65 5.58 20.12 8.11
CA ALA D 65 5.82 21.53 7.85
C ALA D 65 5.76 21.85 6.36
N GLU D 66 6.12 20.89 5.51
CA GLU D 66 6.04 21.11 4.07
C GLU D 66 4.60 21.25 3.61
N ARG D 67 3.73 20.30 3.99
CA ARG D 67 2.34 20.38 3.59
C ARG D 67 1.62 21.54 4.26
N GLU D 68 2.08 21.95 5.44
CA GLU D 68 1.52 23.13 6.10
C GLU D 68 2.16 24.42 5.63
N GLY D 69 3.02 24.36 4.61
CA GLY D 69 3.62 25.54 4.04
C GLY D 69 4.63 26.26 4.92
N LYS D 70 4.99 25.68 6.07
CA LYS D 70 5.96 26.35 6.93
C LYS D 70 7.36 26.33 6.33
N ILE D 71 7.67 25.29 5.55
CA ILE D 71 8.95 25.21 4.84
C ILE D 71 8.70 24.75 3.42
N LYS D 72 9.57 25.18 2.52
CA LYS D 72 9.67 24.69 1.16
C LYS D 72 11.09 24.23 0.91
N PRO D 73 11.28 23.26 0.00
CA PRO D 73 12.65 22.80 -0.31
C PRO D 73 13.58 23.95 -0.59
N GLY D 74 14.77 23.92 0.01
CA GLY D 74 15.70 25.02 0.01
C GLY D 74 15.75 25.78 1.31
N ASP D 75 14.70 25.71 2.13
CA ASP D 75 14.72 26.36 3.43
C ASP D 75 15.68 25.64 4.37
N THR D 76 15.97 26.29 5.49
CA THR D 76 16.89 25.78 6.48
C THR D 76 16.12 25.37 7.74
N ILE D 77 16.43 24.18 8.26
CA ILE D 77 15.86 23.75 9.53
C ILE D 77 16.97 23.74 10.57
N VAL D 78 16.59 24.01 11.82
CA VAL D 78 17.52 24.03 12.94
C VAL D 78 16.96 23.17 14.07
N GLU D 79 17.84 22.49 14.79
CA GLU D 79 17.40 21.65 15.89
C GLU D 79 18.54 21.38 16.86
N PRO D 80 18.31 21.54 18.17
CA PRO D 80 19.31 21.12 19.17
C PRO D 80 19.19 19.63 19.43
N THR D 81 20.23 18.89 19.08
CA THR D 81 20.20 17.44 19.21
C THR D 81 21.62 16.91 19.29
N SER D 82 21.81 15.88 20.12
CA SER D 82 23.09 15.22 20.27
C SER D 82 22.99 13.72 20.02
N GLY D 83 21.98 13.30 19.27
CA GLY D 83 21.70 11.89 19.07
C GLY D 83 21.15 11.60 17.69
N ASN D 84 20.32 10.56 17.60
CA ASN D 84 19.88 10.04 16.30
C ASN D 84 18.92 10.96 15.58
N THR D 85 18.25 11.87 16.28
CA THR D 85 17.39 12.85 15.61
C THR D 85 18.21 13.75 14.70
N GLY D 86 19.41 14.13 15.14
CA GLY D 86 20.30 14.89 14.28
C GLY D 86 20.69 14.10 13.05
N ILE D 87 21.07 12.84 13.23
CA ILE D 87 21.42 11.98 12.10
C ILE D 87 20.22 11.81 11.17
N GLY D 88 19.03 11.59 11.75
CA GLY D 88 17.85 11.41 10.93
C GLY D 88 17.47 12.67 10.17
N LEU D 89 17.54 13.83 10.84
CA LEU D 89 17.19 15.07 10.17
C LEU D 89 18.21 15.44 9.10
N ALA D 90 19.50 15.24 9.39
CA ALA D 90 20.52 15.45 8.37
C ALA D 90 20.32 14.50 7.20
N PHE D 91 19.89 13.27 7.49
CA PHE D 91 19.61 12.30 6.44
C PHE D 91 18.43 12.74 5.58
N VAL D 92 17.30 13.05 6.23
CA VAL D 92 16.09 13.37 5.48
C VAL D 92 16.25 14.70 4.75
N CYS D 93 16.93 15.67 5.36
CA CYS D 93 17.11 16.97 4.71
C CYS D 93 17.92 16.84 3.43
N ALA D 94 18.98 16.01 3.45
CA ALA D 94 19.77 15.82 2.24
C ALA D 94 18.93 15.19 1.13
N ALA D 95 18.02 14.29 1.50
CA ALA D 95 17.20 13.61 0.50
C ALA D 95 16.09 14.49 -0.06
N LYS D 96 15.58 15.44 0.73
CA LYS D 96 14.48 16.28 0.32
C LYS D 96 14.91 17.70 -0.06
N GLY D 97 16.21 17.94 -0.16
CA GLY D 97 16.69 19.23 -0.61
C GLY D 97 16.54 20.36 0.40
N TYR D 98 16.69 20.06 1.68
CA TYR D 98 16.62 21.06 2.74
C TYR D 98 18.00 21.28 3.35
N LYS D 99 18.25 22.51 3.77
CA LYS D 99 19.47 22.83 4.50
C LYS D 99 19.24 22.57 6.00
N ALA D 100 20.26 22.01 6.65
CA ALA D 100 20.13 21.59 8.04
C ALA D 100 21.21 22.24 8.89
N VAL D 101 20.82 22.71 10.07
CA VAL D 101 21.74 23.24 11.07
C VAL D 101 21.40 22.58 12.40
N PHE D 102 22.42 22.05 13.07
CA PHE D 102 22.24 21.41 14.37
C PHE D 102 23.16 22.05 15.39
N THR D 103 22.61 22.42 16.54
CA THR D 103 23.39 22.88 17.67
C THR D 103 23.63 21.71 18.60
N MET D 104 24.84 21.66 19.17
CA MET D 104 25.27 20.53 19.98
C MET D 104 26.44 20.96 20.83
N PRO D 105 26.64 20.37 22.00
CA PRO D 105 27.84 20.69 22.78
C PRO D 105 29.10 20.31 22.02
N GLU D 106 30.15 21.13 22.21
CA GLU D 106 31.43 20.82 21.59
C GLU D 106 31.99 19.47 22.04
N THR D 107 31.39 18.85 23.06
CA THR D 107 31.82 17.56 23.57
C THR D 107 31.55 16.40 22.62
N MET D 108 30.80 16.62 21.55
CA MET D 108 30.44 15.53 20.65
C MET D 108 31.66 15.01 19.90
N SER D 109 31.68 13.71 19.66
CA SER D 109 32.83 13.06 19.05
C SER D 109 33.01 13.50 17.60
N GLN D 110 34.27 13.50 17.15
CA GLN D 110 34.58 13.84 15.77
C GLN D 110 33.86 12.90 14.80
N GLU D 111 33.67 11.64 15.18
CA GLU D 111 32.96 10.71 14.31
C GLU D 111 31.52 11.15 14.09
N ARG D 112 30.85 11.60 15.15
CA ARG D 112 29.48 12.07 15.01
C ARG D 112 29.41 13.34 14.17
N ARG D 113 30.39 14.24 14.34
CA ARG D 113 30.42 15.45 13.53
C ARG D 113 30.65 15.12 12.05
N ASN D 114 31.50 14.12 11.77
CA ASN D 114 31.72 13.72 10.40
C ASN D 114 30.47 13.10 9.79
N LEU D 115 29.77 12.25 10.55
CA LEU D 115 28.53 11.66 10.07
C LEU D 115 27.51 12.73 9.69
N LEU D 116 27.37 13.75 10.53
CA LEU D 116 26.39 14.80 10.25
C LEU D 116 26.82 15.66 9.08
N LYS D 117 28.10 16.00 8.99
CA LYS D 117 28.60 16.80 7.88
C LYS D 117 28.63 16.00 6.58
N ALA D 118 28.69 14.67 6.65
CA ALA D 118 28.65 13.87 5.43
C ALA D 118 27.35 14.06 4.67
N TYR D 119 26.26 14.34 5.38
CA TYR D 119 24.98 14.65 4.75
C TYR D 119 24.88 16.12 4.33
N GLY D 120 25.94 16.90 4.50
CA GLY D 120 25.90 18.31 4.16
C GLY D 120 25.38 19.22 5.26
N ALA D 121 25.19 18.71 6.46
CA ALA D 121 24.67 19.52 7.55
C ALA D 121 25.74 20.48 8.07
N GLU D 122 25.28 21.62 8.58
CA GLU D 122 26.13 22.60 9.24
C GLU D 122 26.03 22.41 10.75
N LEU D 123 27.16 22.52 11.43
CA LEU D 123 27.24 22.26 12.86
C LEU D 123 27.63 23.54 13.59
N VAL D 124 26.81 23.93 14.57
CA VAL D 124 27.09 25.07 15.43
C VAL D 124 27.35 24.50 16.81
N LEU D 125 28.62 24.45 17.21
CA LEU D 125 29.00 23.87 18.48
C LEU D 125 28.73 24.85 19.63
N THR D 126 28.33 24.30 20.76
CA THR D 126 28.04 25.06 21.97
C THR D 126 28.96 24.60 23.09
N PRO D 127 29.15 25.43 24.13
CA PRO D 127 30.08 25.07 25.20
C PRO D 127 29.75 23.72 25.82
N GLY D 128 30.79 22.90 26.03
CA GLY D 128 30.58 21.59 26.61
C GLY D 128 30.11 21.65 28.05
N SER D 129 30.49 22.69 28.78
CA SER D 129 30.06 22.86 30.16
C SER D 129 28.59 23.22 30.27
N GLU D 130 27.96 23.64 29.17
CA GLU D 130 26.53 23.95 29.17
C GLU D 130 25.66 22.79 28.70
N ALA D 131 26.25 21.74 28.14
CA ALA D 131 25.50 20.57 27.67
C ALA D 131 24.35 20.92 26.73
N MET D 132 23.21 20.26 26.96
CA MET D 132 22.04 20.48 26.12
C MET D 132 21.39 21.82 26.38
N LYS D 133 21.58 22.40 27.56
CA LYS D 133 21.01 23.72 27.82
C LYS D 133 21.60 24.76 26.88
N GLY D 134 22.92 24.72 26.66
CA GLY D 134 23.53 25.65 25.73
C GLY D 134 23.19 25.36 24.29
N ALA D 135 22.96 24.08 23.96
CA ALA D 135 22.57 23.72 22.60
C ALA D 135 21.17 24.24 22.28
N ILE D 136 20.24 24.13 23.23
CA ILE D 136 18.90 24.66 23.02
C ILE D 136 18.95 26.17 22.87
N LYS D 137 19.76 26.84 23.70
CA LYS D 137 19.81 28.30 23.68
C LYS D 137 20.29 28.82 22.33
N LYS D 138 21.37 28.23 21.79
CA LYS D 138 21.87 28.66 20.49
C LYS D 138 20.87 28.37 19.38
N ALA D 139 20.12 27.27 19.50
CA ALA D 139 19.15 26.93 18.47
C ALA D 139 18.04 27.97 18.40
N LYS D 140 17.54 28.42 19.56
CA LYS D 140 16.50 29.44 19.56
C LYS D 140 17.04 30.80 19.15
N GLU D 141 18.33 31.05 19.38
CA GLU D 141 18.94 32.27 18.86
C GLU D 141 18.96 32.27 17.34
N LEU D 142 19.38 31.15 16.75
CA LEU D 142 19.38 31.04 15.29
C LEU D 142 17.95 31.04 14.74
N LYS D 143 16.99 30.53 15.52
CA LYS D 143 15.60 30.57 15.09
C LYS D 143 15.11 32.01 14.93
N GLU D 144 15.24 32.81 15.98
CA GLU D 144 14.74 34.18 15.95
C GLU D 144 15.58 35.07 15.04
N GLU D 145 16.89 34.83 14.96
CA GLU D 145 17.77 35.72 14.21
C GLU D 145 17.73 35.45 12.71
N HIS D 146 17.57 34.20 12.30
CA HIS D 146 17.69 33.84 10.89
C HIS D 146 16.40 33.26 10.29
N GLY D 147 15.35 33.07 11.09
CA GLY D 147 14.12 32.53 10.54
C GLY D 147 14.17 31.05 10.23
N TYR D 148 15.07 30.30 10.84
CA TYR D 148 15.13 28.87 10.64
C TYR D 148 13.90 28.19 11.24
N PHE D 149 13.52 27.05 10.66
CA PHE D 149 12.44 26.24 11.19
C PHE D 149 12.98 25.23 12.18
N GLU D 150 12.35 25.13 13.34
CA GLU D 150 12.78 24.16 14.34
C GLU D 150 11.74 23.07 14.47
N PRO D 151 12.05 21.82 14.10
CA PRO D 151 11.05 20.74 14.24
C PRO D 151 10.60 20.51 15.66
N GLN D 152 11.50 20.66 16.64
CA GLN D 152 11.18 20.47 18.05
C GLN D 152 10.65 19.06 18.30
N GLN D 153 11.56 18.09 18.43
CA GLN D 153 11.16 16.69 18.53
C GLN D 153 10.39 16.37 19.80
N PHE D 154 10.56 17.17 20.85
CA PHE D 154 9.87 16.94 22.11
C PHE D 154 8.49 17.59 22.15
N GLU D 155 8.12 18.36 21.15
CA GLU D 155 6.84 19.04 21.10
C GLU D 155 6.02 18.76 19.85
N ASN D 156 6.64 18.27 18.78
CA ASN D 156 5.95 18.17 17.50
C ASN D 156 4.98 16.98 17.51
N PRO D 157 3.68 17.20 17.29
CA PRO D 157 2.75 16.06 17.28
C PRO D 157 3.05 15.05 16.18
N ALA D 158 3.74 15.45 15.12
CA ALA D 158 4.07 14.51 14.05
C ALA D 158 5.00 13.40 14.53
N ASN D 159 5.71 13.63 15.65
CA ASN D 159 6.61 12.61 16.17
C ASN D 159 5.83 11.41 16.70
N PRO D 160 4.91 11.55 17.67
CA PRO D 160 4.12 10.38 18.07
C PRO D 160 3.08 9.98 17.04
N GLU D 161 2.76 10.86 16.08
CA GLU D 161 1.75 10.53 15.08
C GLU D 161 2.28 9.54 14.05
N VAL D 162 3.55 9.69 13.65
CA VAL D 162 4.10 8.81 12.62
C VAL D 162 4.20 7.38 13.13
N HIS D 163 4.46 7.19 14.43
CA HIS D 163 4.40 5.85 14.99
C HIS D 163 2.98 5.32 15.04
N GLU D 164 1.99 6.23 15.16
CA GLU D 164 0.60 5.82 15.12
C GLU D 164 0.17 5.40 13.72
N LEU D 165 0.75 6.00 12.69
CA LEU D 165 0.37 5.71 11.31
C LEU D 165 1.24 4.64 10.66
N THR D 166 2.45 4.41 11.17
CA THR D 166 3.37 3.48 10.50
C THR D 166 3.84 2.38 11.44
N THR D 167 4.57 2.74 12.50
CA THR D 167 5.17 1.73 13.38
C THR D 167 4.10 0.85 14.01
N GLY D 168 3.06 1.47 14.57
CA GLY D 168 1.95 0.75 15.15
C GLY D 168 1.28 -0.21 14.20
N PRO D 169 0.77 0.28 13.07
CA PRO D 169 0.13 -0.62 12.10
C PRO D 169 1.06 -1.70 11.57
N GLU D 170 2.37 -1.45 11.51
CA GLU D 170 3.30 -2.49 11.09
C GLU D 170 3.26 -3.67 12.07
N LEU D 171 3.32 -3.37 13.37
CA LEU D 171 3.27 -4.43 14.38
C LEU D 171 1.94 -5.16 14.36
N LEU D 172 0.84 -4.47 14.04
CA LEU D 172 -0.46 -5.13 13.96
C LEU D 172 -0.48 -6.14 12.83
N GLN D 173 0.13 -5.80 11.69
CA GLN D 173 0.23 -6.76 10.59
C GLN D 173 1.21 -7.87 10.93
N GLN D 174 2.33 -7.54 11.56
CA GLN D 174 3.34 -8.55 11.86
C GLN D 174 2.85 -9.56 12.90
N PHE D 175 1.88 -9.19 13.72
CA PHE D 175 1.29 -10.13 14.69
C PHE D 175 -0.19 -10.37 14.39
N GLU D 176 -0.53 -10.39 13.10
CA GLU D 176 -1.86 -10.77 12.66
C GLU D 176 -2.23 -12.15 13.18
N GLY D 177 -3.34 -12.23 13.92
CA GLY D 177 -3.79 -13.50 14.45
C GLY D 177 -3.04 -13.98 15.66
N LYS D 178 -2.28 -13.11 16.32
CA LYS D 178 -1.56 -13.45 17.54
C LYS D 178 -1.77 -12.35 18.57
N THR D 179 -1.94 -12.74 19.82
CA THR D 179 -2.18 -11.80 20.90
C THR D 179 -0.85 -11.28 21.45
N ILE D 180 -0.69 -9.97 21.44
CA ILE D 180 0.45 -9.32 22.09
C ILE D 180 0.03 -8.98 23.51
N ASP D 181 0.69 -9.61 24.49
CA ASP D 181 0.31 -9.42 25.88
C ASP D 181 0.96 -8.19 26.51
N ALA D 182 2.09 -7.73 25.98
CA ALA D 182 2.78 -6.58 26.55
C ALA D 182 3.71 -6.00 25.49
N PHE D 183 3.69 -4.67 25.36
CA PHE D 183 4.63 -3.94 24.53
C PHE D 183 5.42 -2.98 25.41
N LEU D 184 6.74 -3.03 25.32
CA LEU D 184 7.62 -2.17 26.08
C LEU D 184 8.48 -1.34 25.15
N ALA D 185 8.82 -0.13 25.58
CA ALA D 185 9.66 0.74 24.78
C ALA D 185 10.34 1.75 25.68
N GLY D 186 11.61 2.01 25.41
CA GLY D 186 12.31 3.07 26.10
C GLY D 186 11.78 4.43 25.69
N VAL D 187 11.83 5.39 26.62
CA VAL D 187 11.25 6.71 26.41
C VAL D 187 12.37 7.72 26.22
N GLY D 188 12.44 8.30 25.02
CA GLY D 188 13.28 9.45 24.78
C GLY D 188 12.40 10.68 24.66
N THR D 189 11.77 10.85 23.49
CA THR D 189 10.68 11.81 23.33
C THR D 189 9.34 11.22 23.68
N GLY D 190 9.28 9.90 23.95
CA GLY D 190 8.02 9.22 24.15
C GLY D 190 7.21 8.99 22.91
N GLY D 191 7.73 9.34 21.73
CA GLY D 191 6.95 9.19 20.51
C GLY D 191 6.67 7.74 20.16
N THR D 192 7.67 6.87 20.32
CA THR D 192 7.49 5.47 19.99
C THR D 192 6.47 4.82 20.92
N LEU D 193 6.61 5.03 22.23
CA LEU D 193 5.69 4.44 23.20
C LEU D 193 4.27 4.95 22.99
N SER D 194 4.12 6.27 22.83
CA SER D 194 2.78 6.85 22.72
C SER D 194 2.09 6.43 21.43
N GLY D 195 2.82 6.42 20.31
CA GLY D 195 2.21 6.09 19.04
C GLY D 195 1.83 4.62 18.95
N VAL D 196 2.78 3.74 19.29
CA VAL D 196 2.52 2.31 19.19
C VAL D 196 1.50 1.87 20.24
N GLY D 197 1.61 2.40 21.45
CA GLY D 197 0.70 1.99 22.52
C GLY D 197 -0.75 2.30 22.19
N LYS D 198 -1.00 3.50 21.68
CA LYS D 198 -2.37 3.87 21.28
C LYS D 198 -2.90 2.91 20.22
N VAL D 199 -2.08 2.57 19.24
CA VAL D 199 -2.51 1.64 18.19
C VAL D 199 -2.66 0.24 18.75
N LEU D 200 -1.75 -0.17 19.63
CA LEU D 200 -1.77 -1.54 20.16
C LEU D 200 -2.88 -1.73 21.18
N LYS D 201 -3.11 -0.75 22.06
CA LYS D 201 -4.20 -0.83 23.01
C LYS D 201 -5.55 -0.94 22.30
N LYS D 202 -5.66 -0.33 21.12
CA LYS D 202 -6.88 -0.43 20.32
C LYS D 202 -7.21 -1.88 20.00
N GLU D 203 -6.28 -2.58 19.35
CA GLU D 203 -6.52 -3.94 18.89
C GLU D 203 -6.46 -4.95 20.01
N TYR D 204 -5.61 -4.73 21.02
CA TYR D 204 -5.46 -5.64 22.16
C TYR D 204 -5.89 -4.92 23.42
N PRO D 205 -7.17 -5.00 23.79
CA PRO D 205 -7.66 -4.22 24.95
C PRO D 205 -7.05 -4.64 26.29
N ASN D 206 -6.38 -5.80 26.35
CA ASN D 206 -5.81 -6.28 27.60
C ASN D 206 -4.29 -6.22 27.62
N ILE D 207 -3.68 -5.49 26.68
CA ILE D 207 -2.22 -5.43 26.59
C ILE D 207 -1.68 -4.53 27.70
N GLU D 208 -0.47 -4.83 28.14
CA GLU D 208 0.26 -3.97 29.07
C GLU D 208 1.25 -3.12 28.29
N ILE D 209 1.14 -1.80 28.46
CA ILE D 209 2.05 -0.85 27.84
C ILE D 209 3.03 -0.39 28.91
N VAL D 210 4.32 -0.64 28.70
CA VAL D 210 5.34 -0.42 29.71
C VAL D 210 6.35 0.58 29.18
N ALA D 211 6.58 1.64 29.96
CA ALA D 211 7.65 2.59 29.66
C ALA D 211 8.95 2.13 30.30
N ILE D 212 10.06 2.40 29.62
CA ILE D 212 11.39 2.05 30.11
C ILE D 212 12.20 3.32 30.20
N GLU D 213 12.78 3.58 31.37
CA GLU D 213 13.57 4.77 31.61
C GLU D 213 14.75 4.39 32.50
N PRO D 214 15.82 5.19 32.50
CA PRO D 214 17.00 4.82 33.30
C PRO D 214 16.71 4.91 34.79
N GLU D 215 17.20 3.91 35.53
CA GLU D 215 17.09 3.95 36.98
C GLU D 215 17.86 5.12 37.57
N ALA D 216 18.91 5.57 36.88
CA ALA D 216 19.71 6.69 37.35
C ALA D 216 19.08 8.03 37.04
N SER D 217 17.99 8.05 36.27
CA SER D 217 17.23 9.27 35.98
C SER D 217 15.76 8.88 35.88
N PRO D 218 15.16 8.44 37.00
CA PRO D 218 13.81 7.86 36.96
C PRO D 218 12.72 8.93 37.02
N VAL D 219 12.70 9.80 36.01
CA VAL D 219 11.83 10.97 36.05
C VAL D 219 10.37 10.55 35.90
N LEU D 220 10.09 9.57 35.03
CA LEU D 220 8.73 9.06 34.92
C LEU D 220 8.28 8.37 36.20
N SER D 221 9.21 7.72 36.90
CA SER D 221 8.88 7.06 38.17
C SER D 221 8.54 8.05 39.28
N GLY D 222 8.77 9.34 39.07
CA GLY D 222 8.57 10.33 40.10
C GLY D 222 9.84 10.81 40.77
N GLY D 223 11.00 10.28 40.39
CA GLY D 223 12.26 10.66 40.99
C GLY D 223 12.90 11.86 40.32
N GLU D 224 14.11 12.17 40.76
CA GLU D 224 14.95 13.29 40.35
C GLU D 224 15.77 12.92 39.12
N PRO D 225 15.97 13.86 38.20
CA PRO D 225 16.83 13.58 37.04
C PRO D 225 18.28 13.52 37.44
N GLY D 226 19.04 12.68 36.74
CA GLY D 226 20.44 12.50 37.00
C GLY D 226 21.18 11.92 35.82
N PRO D 227 22.51 11.88 35.92
CA PRO D 227 23.32 11.32 34.83
C PRO D 227 23.12 9.83 34.67
N HIS D 228 23.14 9.38 33.42
CA HIS D 228 22.96 7.98 33.10
C HIS D 228 23.67 7.68 31.79
N LYS D 229 23.72 6.40 31.43
CA LYS D 229 24.45 5.94 30.26
C LYS D 229 23.54 5.36 29.18
N LEU D 230 22.23 5.47 29.34
CA LEU D 230 21.28 4.90 28.38
C LEU D 230 21.04 5.92 27.28
N GLN D 231 21.94 5.90 26.28
CA GLN D 231 21.85 6.82 25.17
C GLN D 231 20.54 6.63 24.42
N GLY D 232 19.78 7.72 24.28
CA GLY D 232 18.47 7.69 23.67
C GLY D 232 17.33 7.82 24.66
N LEU D 233 17.55 7.48 25.93
CA LEU D 233 16.54 7.57 26.97
C LEU D 233 16.89 8.70 27.94
N GLY D 234 16.11 8.82 29.00
CA GLY D 234 16.38 9.76 30.08
C GLY D 234 16.62 11.19 29.65
N ALA D 235 15.58 11.87 29.18
CA ALA D 235 15.72 13.26 28.77
C ALA D 235 15.86 14.21 29.95
N GLY D 236 15.44 13.79 31.14
CA GLY D 236 15.46 14.65 32.31
C GLY D 236 14.19 15.43 32.53
N PHE D 237 13.13 15.15 31.77
CA PHE D 237 11.87 15.86 31.90
C PHE D 237 10.78 15.02 31.24
N ILE D 238 9.55 15.50 31.33
CA ILE D 238 8.40 14.87 30.68
C ILE D 238 8.24 15.52 29.30
N PRO D 239 8.57 14.83 28.22
CA PRO D 239 8.40 15.43 26.90
C PRO D 239 6.94 15.69 26.58
N GLY D 240 6.69 16.75 25.82
CA GLY D 240 5.34 17.03 25.37
C GLY D 240 4.82 15.94 24.44
N THR D 241 5.70 15.30 23.69
CA THR D 241 5.34 14.23 22.78
C THR D 241 5.04 12.91 23.50
N LEU D 242 5.19 12.85 24.82
CA LEU D 242 4.93 11.65 25.59
C LEU D 242 3.53 11.70 26.17
N ASN D 243 2.71 10.72 25.81
CA ASN D 243 1.39 10.55 26.40
C ASN D 243 1.58 9.86 27.75
N THR D 244 1.50 10.62 28.83
CA THR D 244 1.70 10.07 30.17
C THR D 244 0.60 9.09 30.58
N GLU D 245 -0.48 8.99 29.81
CA GLU D 245 -1.57 8.09 30.11
C GLU D 245 -1.48 6.77 29.36
N ILE D 246 -0.49 6.61 28.47
CA ILE D 246 -0.50 5.44 27.59
C ILE D 246 0.10 4.21 28.27
N TYR D 247 1.03 4.39 29.21
CA TYR D 247 1.71 3.25 29.82
C TYR D 247 1.06 2.88 31.14
N ASP D 248 0.93 1.58 31.37
CA ASP D 248 0.35 1.05 32.60
C ASP D 248 1.36 0.89 33.71
N SER D 249 2.65 0.80 33.39
CA SER D 249 3.68 0.62 34.40
C SER D 249 5.01 1.10 33.84
N ILE D 250 6.00 1.18 34.72
CA ILE D 250 7.34 1.62 34.36
C ILE D 250 8.34 0.58 34.85
N ILE D 251 9.34 0.29 34.03
CA ILE D 251 10.47 -0.54 34.43
C ILE D 251 11.74 0.31 34.32
N LYS D 252 12.46 0.43 35.43
CA LYS D 252 13.72 1.15 35.46
C LYS D 252 14.86 0.18 35.19
N VAL D 253 15.80 0.60 34.34
CA VAL D 253 16.92 -0.23 33.93
C VAL D 253 18.21 0.47 34.34
N GLY D 254 19.13 -0.30 34.94
CA GLY D 254 20.42 0.25 35.31
C GLY D 254 21.36 0.39 34.14
N ASN D 255 22.42 1.18 34.35
CA ASN D 255 23.40 1.40 33.30
C ASN D 255 24.14 0.11 32.96
N ASP D 256 24.59 -0.63 33.98
CA ASP D 256 25.44 -1.79 33.74
C ASP D 256 24.64 -2.94 33.15
N THR D 257 23.42 -3.17 33.64
CA THR D 257 22.62 -4.29 33.15
C THR D 257 22.19 -4.09 31.70
N ALA D 258 21.93 -2.85 31.29
CA ALA D 258 21.58 -2.59 29.90
C ALA D 258 22.76 -2.84 28.98
N MET D 259 23.97 -2.44 29.40
CA MET D 259 25.14 -2.64 28.56
C MET D 259 25.52 -4.12 28.50
N GLU D 260 25.38 -4.83 29.61
CA GLU D 260 25.67 -6.27 29.62
C GLU D 260 24.70 -7.03 28.72
N MET D 261 23.43 -6.62 28.72
CA MET D 261 22.43 -7.28 27.88
C MET D 261 22.70 -7.02 26.40
N SER D 262 23.09 -5.80 26.06
CA SER D 262 23.43 -5.49 24.67
C SER D 262 24.56 -6.39 24.17
N ARG D 263 25.58 -6.61 25.01
CA ARG D 263 26.68 -7.48 24.64
C ARG D 263 26.22 -8.93 24.53
N ARG D 264 25.33 -9.36 25.42
CA ARG D 264 24.82 -10.73 25.38
C ARG D 264 24.01 -10.97 24.11
N VAL D 265 23.11 -10.05 23.77
CA VAL D 265 22.26 -10.22 22.60
C VAL D 265 23.10 -10.24 21.33
N ALA D 266 24.14 -9.40 21.27
CA ALA D 266 25.00 -9.36 20.09
C ALA D 266 25.74 -10.69 19.92
N LYS D 267 26.24 -11.27 21.03
CA LYS D 267 27.04 -12.47 20.92
C LYS D 267 26.19 -13.72 20.76
N GLU D 268 25.02 -13.76 21.40
CA GLU D 268 24.23 -14.98 21.46
C GLU D 268 23.05 -15.00 20.49
N GLU D 269 22.61 -13.85 19.98
CA GLU D 269 21.56 -13.79 18.99
C GLU D 269 22.03 -13.27 17.64
N GLY D 270 23.22 -12.67 17.57
CA GLY D 270 23.66 -12.02 16.35
C GLY D 270 22.99 -10.69 16.09
N ILE D 271 22.37 -10.10 17.10
CA ILE D 271 21.68 -8.83 16.98
C ILE D 271 22.51 -7.79 17.71
N LEU D 272 23.24 -6.98 16.95
CA LEU D 272 24.14 -5.97 17.50
C LEU D 272 23.39 -4.65 17.55
N ALA D 273 23.06 -4.19 18.76
CA ALA D 273 22.20 -3.03 18.93
C ALA D 273 22.78 -2.11 20.00
N GLY D 274 22.24 -0.89 20.08
CA GLY D 274 22.71 0.11 21.01
C GLY D 274 22.39 -0.24 22.45
N ILE D 275 22.80 0.65 23.36
CA ILE D 275 22.63 0.39 24.78
C ILE D 275 21.16 0.48 25.18
N SER D 276 20.42 1.43 24.60
CA SER D 276 19.00 1.55 24.91
C SER D 276 18.23 0.32 24.45
N SER D 277 18.73 -0.36 23.41
CA SER D 277 18.11 -1.63 23.01
C SER D 277 18.38 -2.71 24.04
N GLY D 278 19.58 -2.69 24.64
CA GLY D 278 19.85 -3.62 25.72
C GLY D 278 18.96 -3.38 26.92
N ALA D 279 18.65 -2.11 27.21
CA ALA D 279 17.71 -1.80 28.27
C ALA D 279 16.31 -2.28 27.91
N ALA D 280 15.89 -2.10 26.65
CA ALA D 280 14.58 -2.55 26.22
C ALA D 280 14.46 -4.07 26.27
N ILE D 281 15.53 -4.78 25.88
CA ILE D 281 15.48 -6.24 25.88
C ILE D 281 15.54 -6.77 27.32
N TYR D 282 16.29 -6.10 28.19
CA TYR D 282 16.34 -6.54 29.59
C TYR D 282 14.99 -6.37 30.27
N ALA D 283 14.31 -5.26 30.01
CA ALA D 283 12.99 -5.06 30.62
C ALA D 283 11.96 -6.00 30.02
N ALA D 284 12.07 -6.28 28.72
CA ALA D 284 11.12 -7.20 28.09
C ALA D 284 11.30 -8.62 28.60
N ILE D 285 12.54 -9.04 28.83
CA ILE D 285 12.78 -10.35 29.44
C ILE D 285 12.28 -10.37 30.86
N GLN D 286 12.47 -9.29 31.60
CA GLN D 286 11.89 -9.16 32.93
C GLN D 286 10.37 -9.34 32.87
N LYS D 287 9.72 -8.68 31.91
CA LYS D 287 8.28 -8.83 31.76
C LYS D 287 7.91 -10.24 31.32
N ALA D 288 8.72 -10.84 30.44
CA ALA D 288 8.44 -12.18 29.96
C ALA D 288 8.55 -13.21 31.08
N LYS D 289 9.53 -13.05 31.97
CA LYS D 289 9.61 -13.92 33.13
C LYS D 289 8.35 -13.80 33.98
N GLU D 290 7.84 -12.58 34.12
CA GLU D 290 6.63 -12.35 34.91
C GLU D 290 5.41 -12.97 34.25
N LEU D 291 5.34 -12.96 32.92
CA LEU D 291 4.15 -13.40 32.20
C LEU D 291 4.10 -14.91 31.97
N GLY D 292 5.25 -15.58 31.95
CA GLY D 292 5.28 -17.02 31.82
C GLY D 292 5.19 -17.50 30.38
N LYS D 293 5.46 -18.80 30.21
CA LYS D 293 5.50 -19.40 28.89
C LYS D 293 4.14 -19.31 28.21
N GLY D 294 4.16 -19.08 26.90
CA GLY D 294 2.95 -19.05 26.09
C GLY D 294 2.43 -17.67 25.75
N LYS D 295 2.95 -16.62 26.39
CA LYS D 295 2.54 -15.25 26.11
C LYS D 295 3.52 -14.59 25.14
N THR D 296 3.17 -13.38 24.71
CA THR D 296 3.93 -12.69 23.68
C THR D 296 4.31 -11.29 24.18
N VAL D 297 5.60 -10.98 24.09
CA VAL D 297 6.15 -9.70 24.54
C VAL D 297 6.92 -9.07 23.38
N VAL D 298 6.65 -7.80 23.10
CA VAL D 298 7.22 -7.10 21.96
C VAL D 298 7.93 -5.84 22.45
N THR D 299 9.11 -5.56 21.90
CA THR D 299 9.85 -4.34 22.21
C THR D 299 10.52 -3.85 20.93
N VAL D 300 11.21 -2.70 21.03
CA VAL D 300 11.78 -2.00 19.89
C VAL D 300 13.26 -1.77 20.13
N LEU D 301 14.09 -2.05 19.12
CA LEU D 301 15.52 -1.78 19.18
C LEU D 301 15.80 -0.51 18.38
N PRO D 302 16.01 0.63 19.02
CA PRO D 302 16.01 1.90 18.26
C PRO D 302 17.23 2.09 17.37
N SER D 303 18.38 1.50 17.69
CA SER D 303 19.59 1.80 16.92
C SER D 303 20.54 0.61 16.94
N ASN D 304 21.53 0.68 16.05
CA ASN D 304 22.51 -0.38 15.87
C ASN D 304 23.75 -0.14 16.73
N GLY D 305 24.35 -1.24 17.19
CA GLY D 305 25.52 -1.13 18.05
C GLY D 305 26.74 -0.55 17.37
N GLU D 306 26.78 -0.57 16.04
CA GLU D 306 27.92 -0.02 15.32
C GLU D 306 28.03 1.49 15.51
N ARG D 307 26.92 2.16 15.80
CA ARG D 307 26.94 3.60 16.04
C ARG D 307 27.58 3.96 17.38
N TYR D 308 27.86 2.99 18.23
CA TYR D 308 28.34 3.23 19.58
C TYR D 308 29.65 2.50 19.82
N LEU D 309 30.52 2.44 18.81
CA LEU D 309 31.74 1.68 18.94
C LEU D 309 32.82 2.38 19.75
N SER D 310 32.73 3.71 19.90
CA SER D 310 33.65 4.48 20.73
C SER D 310 33.00 4.91 22.04
N THR D 311 32.14 4.05 22.59
CA THR D 311 31.56 4.18 23.91
C THR D 311 31.95 2.93 24.69
N PRO D 312 31.85 2.91 26.02
CA PRO D 312 32.22 1.68 26.77
C PRO D 312 31.27 0.51 26.53
N LEU D 313 30.26 0.67 25.68
CA LEU D 313 29.35 -0.44 25.39
C LEU D 313 30.10 -1.57 24.68
N TYR D 314 31.04 -1.24 23.81
CA TYR D 314 31.74 -2.22 22.98
C TYR D 314 33.23 -1.93 22.96
N SER D 315 33.82 -1.69 24.12
CA SER D 315 35.26 -1.44 24.20
C SER D 315 36.02 -2.72 24.56
N TYR E 1 -48.00 15.43 -2.13
CA TYR E 1 -46.71 15.90 -2.62
C TYR E 1 -45.85 14.74 -3.11
N MET E 2 -45.05 15.00 -4.15
CA MET E 2 -44.16 13.99 -4.71
C MET E 2 -43.13 13.50 -3.70
C1 NAL E 3 -42.86 8.35 -2.85
C2 NAL E 3 -43.03 9.59 -2.25
C3 NAL E 3 -44.29 9.98 -1.81
C4 NAL E 3 -45.37 9.12 -1.97
C4A NAL E 3 -45.20 7.87 -2.58
C5 NAL E 3 -46.29 6.99 -2.75
C6 NAL E 3 -46.11 5.76 -3.34
C7 NAL E 3 -44.84 5.38 -3.79
C8 NAL E 3 -43.77 6.23 -3.62
C8A NAL E 3 -43.95 7.49 -3.02
C9 NAL E 3 -41.83 10.52 -2.10
CA NAL E 3 -41.64 11.43 -3.31
C NAL E 3 -41.17 10.64 -4.53
N NAL E 3 -42.89 12.10 -3.63
O NAL E 3 -42.03 10.22 -5.34
N TYR E 4 -39.91 9.97 -4.40
CA TYR E 4 -39.04 9.16 -5.25
C TYR E 4 -38.48 7.98 -4.47
N ILE E 5 -39.32 6.96 -4.29
CA ILE E 5 -38.99 5.81 -3.48
C ILE E 5 -39.31 4.53 -4.24
N TYR F 1 -9.36 7.56 -34.96
CA TYR F 1 -10.74 7.28 -34.61
C TYR F 1 -10.99 7.48 -33.11
N MET F 2 -12.26 7.63 -32.74
CA MET F 2 -12.62 7.86 -31.35
C MET F 2 -12.50 6.58 -30.53
C1 NAL F 3 -9.41 5.43 -26.51
C2 NAL F 3 -9.46 5.09 -27.85
C3 NAL F 3 -8.43 5.45 -28.71
C4 NAL F 3 -7.33 6.15 -28.23
C4A NAL F 3 -7.28 6.49 -26.87
C5 NAL F 3 -6.17 7.20 -26.37
C6 NAL F 3 -6.11 7.56 -25.03
C7 NAL F 3 -7.14 7.20 -24.17
C8 NAL F 3 -8.24 6.49 -24.66
C8A NAL F 3 -8.30 6.14 -26.02
C9 NAL F 3 -10.68 4.31 -28.38
CA NAL F 3 -11.91 5.18 -28.63
C NAL F 3 -12.57 5.64 -27.32
N NAL F 3 -11.58 6.32 -29.45
O NAL F 3 -12.26 6.75 -26.82
N TYR F 4 -13.13 4.87 -26.27
CA TYR F 4 -13.60 5.32 -24.96
C TYR F 4 -13.01 4.44 -23.87
N ILE F 5 -11.79 4.74 -23.47
CA ILE F 5 -11.09 3.95 -22.47
C ILE F 5 -10.58 4.85 -21.35
N TYR G 1 50.40 -5.94 -1.25
CA TYR G 1 49.85 -4.71 -0.69
C TYR G 1 48.39 -4.93 -0.26
N MET G 2 47.95 -4.13 0.72
CA MET G 2 46.59 -4.24 1.25
C MET G 2 45.54 -3.98 0.17
C1 NAL G 3 42.12 -7.99 0.57
C2 NAL G 3 42.98 -7.30 -0.28
C3 NAL G 3 44.12 -7.94 -0.78
C4 NAL G 3 44.36 -9.27 -0.45
C4A NAL G 3 43.49 -9.96 0.41
C5 NAL G 3 43.75 -11.31 0.75
C6 NAL G 3 42.88 -11.99 1.59
C7 NAL G 3 41.75 -11.35 2.09
C8 NAL G 3 41.50 -10.02 1.76
C8A NAL G 3 42.38 -9.33 0.90
C9 NAL G 3 42.70 -5.85 -0.64
CA NAL G 3 43.32 -4.86 0.33
C NAL G 3 42.63 -4.88 1.70
N NAL G 3 44.75 -5.13 0.51
O NAL G 3 43.11 -5.57 2.64
N TYR G 4 41.21 -4.79 1.82
CA TYR G 4 40.15 -4.68 2.82
C TYR G 4 38.87 -5.34 2.32
N ILE G 5 38.89 -6.67 2.27
CA ILE G 5 37.75 -7.45 1.83
C ILE G 5 37.42 -8.49 2.90
N TYR H 1 22.21 18.73 32.08
CA TYR H 1 22.26 17.27 32.13
C TYR H 1 22.16 16.68 30.73
N MET H 2 23.21 15.95 30.33
CA MET H 2 23.26 15.31 29.01
C MET H 2 22.13 14.29 28.86
C1 NAL H 3 18.82 14.88 25.16
C2 NAL H 3 18.90 14.67 26.53
C3 NAL H 3 18.50 15.65 27.43
C4 NAL H 3 18.01 16.86 26.96
C4A NAL H 3 17.92 17.08 25.57
C5 NAL H 3 17.41 18.31 25.09
C6 NAL H 3 17.33 18.52 23.72
C7 NAL H 3 17.72 17.54 22.83
C8 NAL H 3 18.22 16.33 23.30
C8A NAL H 3 18.31 16.10 24.69
C9 NAL H 3 19.46 13.34 27.04
CA NAL H 3 20.99 13.34 27.08
C NAL H 3 21.59 13.14 25.69
N NAL H 3 21.46 14.60 27.63
O NAL H 3 21.75 14.13 24.93
N TYR H 4 21.28 11.93 24.98
CA TYR H 4 21.70 11.88 23.58
C TYR H 4 20.51 11.46 22.71
N ILE H 5 19.67 12.44 22.36
CA ILE H 5 18.47 12.18 21.58
C ILE H 5 18.45 13.06 20.33
#